data_5Z0B
#
_entry.id   5Z0B
#
_cell.length_a   203.576
_cell.length_b   113.466
_cell.length_c   86.809
_cell.angle_alpha   90.000
_cell.angle_beta   104.878
_cell.angle_gamma   90.000
#
_symmetry.space_group_name_H-M   'C 1 2 1'
#
loop_
_entity.id
_entity.type
_entity.pdbx_description
1 polymer 'Serum albumin'
2 non-polymer 'LINOLEIC ACID'
3 non-polymer 'OCTANOIC ACID (CAPRYLIC ACID)'
4 non-polymer 'PALMITIC ACID'
5 non-polymer TRYPTOPHAN
6 non-polymer 'SULFATE ION'
7 non-polymer DI(HYDROXYETHYL)ETHER
8 non-polymer 'TRIETHYLENE GLYCOL'
9 non-polymer 'TETRAETHYLENE GLYCOL'
10 non-polymer 'PENTAETHYLENE GLYCOL'
11 water water
#
_entity_poly.entity_id   1
_entity_poly.type   'polypeptide(L)'
_entity_poly.pdbx_seq_one_letter_code
;DAHKSEVAHRFKDLGEENFKALVLIAFAQYLQQ(CSO)PFEDHVKLVNEVTEFAKTCVADESAENCDKSLHTLFGDKLCT
VATLRETYGEMADCCAKQEPERNECFLQHKDDNPNLPRLVRPEVDVMCTAFHDNEETFLKKYLYEIARRHPYFYAPELLF
FAKRYKAAFTECCQAADKAACLLPKLDELRDEGKASSAKQRLKCASLQKFGERAFKAWAVARLSQRFPKAEFAEVSKLVT
DLTKVHTECCHGDLLECADDRADLAKYICENQDSISSKLKECCEKPLLEKSHCIAEVENDEMPADLPSLAADFVESKDVC
KNYAEAKDVFLGMFLYEYARRHPDYSVVLLLRLAKTYETTLEKCCAAADPHECYAKVFDEFKPLVEEPQNLIKQNCELFE
QLGEYKFQNALLVRYTKKVPQVSTPTLVEVSRNLGKVGSKCCKHPEAKRMPCAEDYLSVVLNQLCVLHEKTPVSDRVTKC
CTESLVNRRPCFSALEVDETYVPKEFNAETFTFHADICTLSEKERQIKKQTALVELVKHKPKATKEQLKAVMDDFAAFVE
KCCKADDKETCFAEEGKKLVAASQAALGL
;
_entity_poly.pdbx_strand_id   A,B,C
#
# COMPACT_ATOMS: atom_id res chain seq x y z
N LYS A 4 -25.96 -20.86 -41.91
CA LYS A 4 -25.87 -20.24 -40.58
C LYS A 4 -25.42 -21.27 -39.54
N SER A 5 -24.25 -21.03 -38.95
CA SER A 5 -23.66 -21.95 -37.99
C SER A 5 -23.45 -21.21 -36.68
N GLU A 6 -24.19 -21.63 -35.66
CA GLU A 6 -24.08 -20.97 -34.36
C GLU A 6 -22.69 -21.18 -33.76
N VAL A 7 -22.18 -22.42 -33.84
CA VAL A 7 -20.88 -22.69 -33.25
C VAL A 7 -19.80 -21.80 -33.88
N ALA A 8 -19.82 -21.67 -35.21
CA ALA A 8 -18.85 -20.81 -35.88
C ALA A 8 -19.07 -19.35 -35.51
N HIS A 9 -20.33 -18.94 -35.39
CA HIS A 9 -20.65 -17.57 -35.00
C HIS A 9 -20.09 -17.23 -33.61
N ARG A 10 -20.30 -18.12 -32.63
CA ARG A 10 -19.77 -17.88 -31.29
C ARG A 10 -18.25 -17.99 -31.26
N PHE A 11 -17.69 -18.95 -32.00
CA PHE A 11 -16.23 -19.03 -32.11
C PHE A 11 -15.64 -17.70 -32.58
N LYS A 12 -16.29 -17.08 -33.58
CA LYS A 12 -15.77 -15.84 -34.15
C LYS A 12 -15.93 -14.67 -33.18
N ASP A 13 -17.08 -14.59 -32.51
CA ASP A 13 -17.30 -13.52 -31.54
C ASP A 13 -16.37 -13.65 -30.34
N LEU A 14 -16.10 -14.88 -29.90
CA LEU A 14 -15.39 -15.10 -28.65
C LEU A 14 -13.89 -15.25 -28.80
N GLY A 15 -13.41 -15.73 -29.94
CA GLY A 15 -12.01 -16.07 -30.07
C GLY A 15 -11.72 -17.47 -29.58
N GLU A 16 -10.63 -18.04 -30.10
CA GLU A 16 -10.35 -19.46 -29.91
C GLU A 16 -10.20 -19.83 -28.44
N GLU A 17 -9.48 -19.03 -27.68
CA GLU A 17 -9.13 -19.40 -26.31
C GLU A 17 -10.25 -19.09 -25.31
N ASN A 18 -11.09 -18.09 -25.60
CA ASN A 18 -12.28 -17.91 -24.79
C ASN A 18 -13.28 -19.03 -25.06
N PHE A 19 -13.43 -19.44 -26.32
CA PHE A 19 -14.23 -20.60 -26.67
C PHE A 19 -13.78 -21.83 -25.89
N LYS A 20 -12.49 -22.17 -26.00
CA LYS A 20 -11.97 -23.38 -25.36
C LYS A 20 -12.19 -23.38 -23.86
N ALA A 21 -11.94 -22.23 -23.23
CA ALA A 21 -12.13 -22.13 -21.78
C ALA A 21 -13.60 -22.27 -21.41
N LEU A 22 -14.51 -21.72 -22.23
CA LEU A 22 -15.92 -21.82 -21.89
C LEU A 22 -16.45 -23.23 -22.10
N VAL A 23 -15.98 -23.90 -23.16
CA VAL A 23 -16.36 -25.30 -23.37
C VAL A 23 -15.87 -26.17 -22.22
N LEU A 24 -14.64 -25.92 -21.76
CA LEU A 24 -14.14 -26.66 -20.60
C LEU A 24 -15.04 -26.47 -19.40
N ILE A 25 -15.43 -25.22 -19.14
CA ILE A 25 -16.31 -24.94 -18.01
C ILE A 25 -17.64 -25.66 -18.17
N ALA A 26 -18.22 -25.59 -19.37
CA ALA A 26 -19.56 -26.15 -19.59
C ALA A 26 -19.58 -27.65 -19.34
N PHE A 27 -18.56 -28.37 -19.84
CA PHE A 27 -18.53 -29.81 -19.61
C PHE A 27 -18.07 -30.16 -18.19
N ALA A 28 -17.24 -29.33 -17.57
CA ALA A 28 -16.84 -29.62 -16.20
C ALA A 28 -18.01 -29.49 -15.25
N GLN A 29 -18.91 -28.55 -15.51
CA GLN A 29 -20.04 -28.34 -14.63
C GLN A 29 -21.13 -29.39 -14.80
N TYR A 30 -21.26 -29.99 -15.98
CA TYR A 30 -22.29 -31.01 -16.18
C TYR A 30 -21.78 -32.42 -15.92
N LEU A 31 -20.51 -32.70 -16.21
CA LEU A 31 -19.89 -34.01 -15.99
C LEU A 31 -18.80 -33.86 -14.93
N GLN A 32 -19.23 -33.70 -13.68
CA GLN A 32 -18.35 -33.26 -12.61
C GLN A 32 -17.40 -34.36 -12.13
N GLN A 33 -17.70 -35.62 -12.47
CA GLN A 33 -16.89 -36.77 -11.97
C GLN A 33 -15.83 -37.20 -12.98
N PRO A 35 -12.49 -37.28 -15.10
CA PRO A 35 -11.21 -36.68 -14.75
C PRO A 35 -10.73 -35.62 -15.75
N PHE A 36 -9.75 -34.84 -15.33
CA PHE A 36 -9.26 -33.69 -16.11
C PHE A 36 -8.91 -34.07 -17.54
N GLU A 37 -8.23 -35.20 -17.73
CA GLU A 37 -7.68 -35.54 -19.03
C GLU A 37 -8.78 -35.92 -20.01
N ASP A 38 -9.91 -36.44 -19.53
CA ASP A 38 -11.04 -36.70 -20.42
C ASP A 38 -11.63 -35.41 -20.96
N HIS A 39 -11.81 -34.42 -20.09
CA HIS A 39 -12.38 -33.14 -20.51
C HIS A 39 -11.49 -32.43 -21.51
N VAL A 40 -10.17 -32.52 -21.31
CA VAL A 40 -9.24 -31.88 -22.25
C VAL A 40 -9.44 -32.45 -23.65
N LYS A 41 -9.52 -33.78 -23.73
CA LYS A 41 -9.70 -34.49 -25.03
C LYS A 41 -11.08 -34.15 -25.62
N LEU A 42 -12.05 -33.81 -24.75
CA LEU A 42 -13.42 -33.48 -25.22
C LEU A 42 -13.44 -32.04 -25.74
N VAL A 43 -12.68 -31.14 -25.10
CA VAL A 43 -12.63 -29.73 -25.51
C VAL A 43 -11.94 -29.60 -26.86
N ASN A 44 -10.81 -30.29 -27.04
CA ASN A 44 -10.11 -30.24 -28.32
C ASN A 44 -11.00 -30.73 -29.45
N GLU A 45 -11.77 -31.79 -29.20
CA GLU A 45 -12.68 -32.30 -30.23
C GLU A 45 -13.72 -31.24 -30.61
N VAL A 46 -14.34 -30.61 -29.62
CA VAL A 46 -15.32 -29.55 -29.92
C VAL A 46 -14.65 -28.42 -30.69
N THR A 47 -13.47 -27.99 -30.23
CA THR A 47 -12.80 -26.87 -30.85
C THR A 47 -12.50 -27.15 -32.32
N GLU A 48 -12.00 -28.34 -32.63
CA GLU A 48 -11.75 -28.67 -34.03
C GLU A 48 -13.05 -28.70 -34.83
N PHE A 49 -14.13 -29.22 -34.21
CA PHE A 49 -15.44 -29.16 -34.87
C PHE A 49 -15.82 -27.72 -35.17
N ALA A 50 -15.58 -26.83 -34.22
CA ALA A 50 -15.93 -25.42 -34.41
C ALA A 50 -15.19 -24.83 -35.60
N LYS A 51 -13.87 -25.05 -35.68
CA LYS A 51 -13.10 -24.52 -36.80
C LYS A 51 -13.57 -25.09 -38.12
N THR A 52 -13.94 -26.37 -38.14
CA THR A 52 -14.57 -26.95 -39.32
C THR A 52 -15.76 -26.11 -39.77
N CYS A 53 -16.61 -25.72 -38.81
CA CYS A 53 -17.78 -24.93 -39.15
C CYS A 53 -17.41 -23.50 -39.51
N VAL A 54 -16.29 -23.01 -39.00
CA VAL A 54 -15.81 -21.69 -39.41
C VAL A 54 -15.46 -21.70 -40.88
N ALA A 55 -14.87 -22.80 -41.35
CA ALA A 55 -14.50 -22.95 -42.75
C ALA A 55 -15.73 -23.08 -43.64
N ASP A 56 -16.48 -24.18 -43.48
CA ASP A 56 -17.69 -24.40 -44.27
C ASP A 56 -18.87 -24.61 -43.32
N GLU A 57 -19.68 -23.57 -43.15
CA GLU A 57 -20.87 -23.67 -42.33
C GLU A 57 -21.88 -24.67 -42.87
N SER A 58 -21.64 -25.22 -44.06
CA SER A 58 -22.45 -26.30 -44.60
C SER A 58 -21.90 -27.68 -44.23
N ALA A 59 -20.82 -27.76 -43.47
CA ALA A 59 -20.29 -29.04 -43.04
C ALA A 59 -21.29 -29.74 -42.12
N GLU A 60 -21.06 -31.03 -41.90
CA GLU A 60 -22.01 -31.85 -41.16
C GLU A 60 -22.17 -31.36 -39.74
N ASN A 61 -23.43 -31.29 -39.29
CA ASN A 61 -23.82 -30.89 -37.94
C ASN A 61 -23.54 -29.41 -37.65
N CYS A 62 -22.86 -28.72 -38.57
CA CYS A 62 -22.49 -27.33 -38.34
C CYS A 62 -23.69 -26.41 -38.25
N ASP A 63 -24.86 -26.86 -38.71
CA ASP A 63 -26.08 -26.07 -38.69
C ASP A 63 -27.02 -26.43 -37.55
N LYS A 64 -26.64 -27.39 -36.71
CA LYS A 64 -27.41 -27.67 -35.51
C LYS A 64 -27.15 -26.59 -34.46
N SER A 65 -28.14 -26.38 -33.59
CA SER A 65 -28.02 -25.38 -32.54
C SER A 65 -27.03 -25.85 -31.47
N LEU A 66 -26.38 -24.88 -30.83
CA LEU A 66 -25.45 -25.21 -29.74
C LEU A 66 -26.15 -26.04 -28.68
N HIS A 67 -27.43 -25.73 -28.47
CA HIS A 67 -28.26 -26.47 -27.50
C HIS A 67 -28.24 -27.95 -27.86
N THR A 68 -28.47 -28.27 -29.12
CA THR A 68 -28.55 -29.66 -29.55
C THR A 68 -27.18 -30.31 -29.54
N LEU A 69 -26.16 -29.59 -30.02
CA LEU A 69 -24.81 -30.13 -30.12
C LEU A 69 -24.28 -30.51 -28.73
N PHE A 70 -24.47 -29.61 -27.75
CA PHE A 70 -24.00 -29.89 -26.41
C PHE A 70 -24.68 -31.12 -25.83
N GLY A 71 -26.00 -31.23 -25.99
CA GLY A 71 -26.70 -32.40 -25.49
C GLY A 71 -26.23 -33.68 -26.16
N ASP A 72 -26.01 -33.64 -27.47
CA ASP A 72 -25.51 -34.82 -28.18
C ASP A 72 -24.13 -35.22 -27.67
N LYS A 73 -23.22 -34.24 -27.57
CA LYS A 73 -21.89 -34.55 -27.06
C LYS A 73 -21.96 -35.06 -25.63
N LEU A 74 -22.77 -34.42 -24.78
CA LEU A 74 -22.99 -34.90 -23.42
C LEU A 74 -23.46 -36.34 -23.42
N CYS A 75 -24.48 -36.63 -24.22
CA CYS A 75 -25.14 -37.92 -24.15
C CYS A 75 -24.25 -39.04 -24.68
N THR A 76 -23.44 -38.77 -25.70
CA THR A 76 -22.45 -39.75 -26.12
C THR A 76 -21.57 -40.14 -24.94
N VAL A 77 -20.96 -39.14 -24.31
CA VAL A 77 -20.10 -39.39 -23.16
C VAL A 77 -20.86 -40.13 -22.06
N ALA A 78 -22.13 -39.74 -21.82
CA ALA A 78 -22.84 -40.32 -20.70
C ALA A 78 -23.36 -41.72 -21.01
N THR A 79 -23.66 -42.00 -22.28
CA THR A 79 -24.18 -43.34 -22.66
C THR A 79 -23.03 -44.35 -22.76
N LEU A 80 -21.81 -43.86 -23.02
CA LEU A 80 -20.66 -44.76 -23.14
C LEU A 80 -19.93 -44.87 -21.80
N ARG A 81 -19.17 -43.84 -21.42
CA ARG A 81 -18.55 -43.80 -20.10
C ARG A 81 -19.60 -44.00 -19.01
N GLU A 82 -19.25 -44.79 -18.00
CA GLU A 82 -20.15 -44.97 -16.86
C GLU A 82 -19.90 -43.84 -15.86
N THR A 83 -20.37 -44.01 -14.62
CA THR A 83 -20.43 -42.97 -13.59
C THR A 83 -21.52 -41.97 -13.92
N TYR A 84 -22.28 -42.19 -14.99
CA TYR A 84 -23.27 -41.24 -15.47
C TYR A 84 -24.43 -41.99 -16.11
N GLY A 85 -25.02 -42.90 -15.33
CA GLY A 85 -26.15 -43.69 -15.79
C GLY A 85 -27.49 -43.06 -15.44
N GLU A 86 -27.47 -42.15 -14.47
CA GLU A 86 -28.66 -41.34 -14.21
C GLU A 86 -28.80 -40.24 -15.27
N MET A 87 -27.71 -39.52 -15.54
CA MET A 87 -27.75 -38.47 -16.56
C MET A 87 -28.13 -39.02 -17.93
N ALA A 88 -27.75 -40.27 -18.22
CA ALA A 88 -28.09 -40.87 -19.51
C ALA A 88 -29.59 -41.14 -19.64
N ASP A 89 -30.34 -41.12 -18.54
CA ASP A 89 -31.79 -41.17 -18.64
C ASP A 89 -32.32 -39.99 -19.42
N CYS A 90 -31.70 -38.81 -19.24
CA CYS A 90 -32.09 -37.63 -20.01
C CYS A 90 -31.94 -37.87 -21.50
N CYS A 91 -31.01 -38.76 -21.88
CA CYS A 91 -30.65 -38.91 -23.28
C CYS A 91 -31.71 -39.63 -24.09
N ALA A 92 -32.69 -40.27 -23.46
CA ALA A 92 -33.80 -40.83 -24.21
C ALA A 92 -34.73 -39.75 -24.75
N LYS A 93 -34.71 -38.55 -24.16
CA LYS A 93 -35.64 -37.48 -24.50
C LYS A 93 -35.14 -36.65 -25.66
N GLN A 94 -36.09 -36.04 -26.40
CA GLN A 94 -35.75 -35.04 -27.39
C GLN A 94 -35.64 -33.67 -26.71
N GLU A 95 -35.05 -32.72 -27.43
CA GLU A 95 -35.11 -31.31 -27.05
C GLU A 95 -36.55 -30.81 -27.20
N PRO A 96 -36.98 -29.87 -26.33
CA PRO A 96 -36.22 -29.21 -25.27
C PRO A 96 -36.13 -29.99 -23.96
N GLU A 97 -36.86 -31.11 -23.83
CA GLU A 97 -36.87 -31.82 -22.56
C GLU A 97 -35.50 -32.38 -22.20
N ARG A 98 -34.69 -32.73 -23.19
CA ARG A 98 -33.40 -33.34 -22.90
C ARG A 98 -32.47 -32.35 -22.19
N ASN A 99 -32.30 -31.15 -22.75
CA ASN A 99 -31.42 -30.18 -22.13
C ASN A 99 -31.87 -29.85 -20.71
N GLU A 100 -33.17 -29.62 -20.51
CA GLU A 100 -33.65 -29.21 -19.19
C GLU A 100 -33.49 -30.34 -18.18
N CYS A 101 -33.65 -31.58 -18.65
CA CYS A 101 -33.47 -32.74 -17.79
C CYS A 101 -32.05 -32.80 -17.21
N PHE A 102 -31.04 -32.26 -17.90
CA PHE A 102 -29.68 -32.29 -17.39
C PHE A 102 -29.54 -31.52 -16.07
N LEU A 103 -30.45 -30.56 -15.81
CA LEU A 103 -30.25 -29.64 -14.68
C LEU A 103 -30.24 -30.36 -13.35
N GLN A 104 -31.10 -31.37 -13.17
CA GLN A 104 -31.15 -32.07 -11.90
C GLN A 104 -29.86 -32.84 -11.62
N HIS A 105 -29.05 -33.10 -12.64
CA HIS A 105 -27.80 -33.82 -12.46
C HIS A 105 -26.63 -32.89 -12.21
N LYS A 106 -26.86 -31.58 -12.12
CA LYS A 106 -25.84 -30.67 -11.63
C LYS A 106 -25.78 -30.80 -10.12
N ASP A 107 -24.63 -31.24 -9.61
CA ASP A 107 -24.48 -31.59 -8.20
C ASP A 107 -23.91 -30.39 -7.45
N ASP A 108 -24.74 -29.75 -6.62
CA ASP A 108 -24.26 -28.58 -5.88
C ASP A 108 -23.28 -28.94 -4.77
N ASN A 109 -23.22 -30.21 -4.37
CA ASN A 109 -22.29 -30.65 -3.34
C ASN A 109 -21.68 -31.97 -3.79
N PRO A 110 -20.80 -31.94 -4.80
CA PRO A 110 -20.22 -33.19 -5.29
C PRO A 110 -19.25 -33.76 -4.27
N ASN A 111 -19.17 -35.10 -4.23
CA ASN A 111 -18.31 -35.80 -3.29
C ASN A 111 -16.92 -35.96 -3.93
N LEU A 112 -16.12 -34.88 -3.83
CA LEU A 112 -14.85 -34.83 -4.53
C LEU A 112 -13.69 -34.71 -3.56
N PRO A 113 -12.55 -35.32 -3.89
CA PRO A 113 -11.40 -35.23 -2.98
C PRO A 113 -10.96 -33.79 -2.80
N ARG A 114 -10.53 -33.47 -1.58
CA ARG A 114 -10.07 -32.12 -1.30
C ARG A 114 -8.80 -31.81 -2.08
N LEU A 115 -8.72 -30.58 -2.60
CA LEU A 115 -7.54 -30.16 -3.36
C LEU A 115 -6.29 -30.23 -2.50
N VAL A 116 -5.28 -31.01 -2.94
CA VAL A 116 -4.01 -31.06 -2.23
C VAL A 116 -3.13 -29.90 -2.70
N ARG A 117 -2.33 -29.36 -1.78
CA ARG A 117 -1.48 -28.23 -2.10
C ARG A 117 0.00 -28.62 -2.02
N PRO A 118 0.72 -28.57 -3.12
CA PRO A 118 2.18 -28.72 -3.04
C PRO A 118 2.80 -27.52 -2.35
N GLU A 119 4.13 -27.52 -2.18
CA GLU A 119 4.79 -26.33 -1.67
C GLU A 119 4.68 -25.19 -2.67
N VAL A 120 4.66 -23.97 -2.14
CA VAL A 120 4.52 -22.77 -2.97
C VAL A 120 5.52 -22.78 -4.12
N ASP A 121 6.81 -22.94 -3.80
CA ASP A 121 7.82 -22.96 -4.84
C ASP A 121 7.60 -24.10 -5.82
N VAL A 122 7.09 -25.24 -5.32
CA VAL A 122 6.74 -26.34 -6.22
C VAL A 122 5.59 -25.94 -7.15
N MET A 123 4.53 -25.34 -6.59
CA MET A 123 3.44 -24.84 -7.44
C MET A 123 3.96 -23.82 -8.46
N CYS A 124 4.83 -22.91 -8.02
CA CYS A 124 5.39 -21.92 -8.93
C CYS A 124 6.15 -22.60 -10.07
N THR A 125 6.89 -23.66 -9.77
CA THR A 125 7.59 -24.38 -10.82
C THR A 125 6.62 -25.04 -11.79
N ALA A 126 5.57 -25.69 -11.27
CA ALA A 126 4.55 -26.25 -12.15
C ALA A 126 3.92 -25.18 -13.02
N PHE A 127 3.62 -24.02 -12.44
CA PHE A 127 3.06 -22.91 -13.17
C PHE A 127 3.97 -22.47 -14.33
N HIS A 128 5.28 -22.38 -14.08
CA HIS A 128 6.21 -21.98 -15.14
C HIS A 128 6.39 -23.08 -16.18
N ASP A 129 6.33 -24.36 -15.78
CA ASP A 129 6.61 -25.44 -16.71
C ASP A 129 5.54 -25.57 -17.79
N ASN A 130 4.25 -25.45 -17.42
CA ASN A 130 3.17 -25.43 -18.41
C ASN A 130 2.06 -24.54 -17.86
N GLU A 131 2.19 -23.24 -18.13
CA GLU A 131 1.24 -22.27 -17.63
C GLU A 131 -0.16 -22.49 -18.21
N GLU A 132 -0.24 -22.97 -19.46
CA GLU A 132 -1.54 -23.25 -20.07
C GLU A 132 -2.29 -24.36 -19.33
N THR A 133 -1.65 -25.50 -19.15
CA THR A 133 -2.29 -26.62 -18.46
C THR A 133 -2.60 -26.29 -17.01
N PHE A 134 -1.72 -25.52 -16.37
CA PHE A 134 -1.93 -25.10 -14.99
C PHE A 134 -3.28 -24.40 -14.83
N LEU A 135 -3.59 -23.49 -15.75
CA LEU A 135 -4.82 -22.72 -15.69
C LEU A 135 -6.02 -23.52 -16.16
N LYS A 136 -5.82 -24.46 -17.07
CA LYS A 136 -6.91 -25.35 -17.46
C LYS A 136 -7.36 -26.19 -16.27
N LYS A 137 -6.39 -26.74 -15.53
CA LYS A 137 -6.74 -27.51 -14.34
C LYS A 137 -7.45 -26.63 -13.31
N TYR A 138 -7.08 -25.35 -13.24
CA TYR A 138 -7.77 -24.44 -12.33
C TYR A 138 -9.23 -24.27 -12.74
N LEU A 139 -9.47 -23.88 -13.99
CA LEU A 139 -10.84 -23.80 -14.49
C LEU A 139 -11.60 -25.08 -14.19
N TYR A 140 -10.98 -26.23 -14.51
CA TYR A 140 -11.60 -27.53 -14.32
C TYR A 140 -11.97 -27.78 -12.86
N GLU A 141 -11.03 -27.57 -11.95
CA GLU A 141 -11.30 -27.90 -10.55
C GLU A 141 -12.35 -26.97 -9.95
N ILE A 142 -12.38 -25.71 -10.37
CA ILE A 142 -13.37 -24.79 -9.83
C ILE A 142 -14.75 -25.11 -10.39
N ALA A 143 -14.83 -25.29 -11.71
CA ALA A 143 -16.13 -25.44 -12.35
C ALA A 143 -16.85 -26.69 -11.85
N ARG A 144 -16.11 -27.78 -11.65
CA ARG A 144 -16.74 -29.02 -11.19
C ARG A 144 -17.15 -28.94 -9.73
N ARG A 145 -16.53 -28.05 -8.95
CA ARG A 145 -16.96 -27.87 -7.57
C ARG A 145 -18.05 -26.81 -7.42
N HIS A 146 -18.20 -25.93 -8.41
CA HIS A 146 -19.19 -24.86 -8.40
C HIS A 146 -19.90 -24.91 -9.74
N PRO A 147 -20.87 -25.81 -9.87
CA PRO A 147 -21.43 -26.09 -11.19
C PRO A 147 -22.29 -24.96 -11.72
N TYR A 148 -22.62 -23.96 -10.89
CA TYR A 148 -23.34 -22.78 -11.36
C TYR A 148 -22.48 -21.52 -11.37
N PHE A 149 -21.16 -21.63 -11.17
CA PHE A 149 -20.30 -20.45 -11.23
C PHE A 149 -20.56 -19.66 -12.51
N TYR A 150 -20.71 -18.35 -12.38
CA TYR A 150 -20.99 -17.47 -13.51
C TYR A 150 -19.80 -17.61 -14.44
N ALA A 151 -20.02 -18.13 -15.65
CA ALA A 151 -18.91 -18.58 -16.50
C ALA A 151 -18.00 -17.43 -16.90
N PRO A 152 -18.49 -16.27 -17.38
CA PRO A 152 -17.56 -15.17 -17.69
C PRO A 152 -16.80 -14.65 -16.48
N GLU A 153 -17.40 -14.69 -15.29
CA GLU A 153 -16.65 -14.32 -14.09
C GLU A 153 -15.60 -15.35 -13.75
N LEU A 154 -15.85 -16.64 -14.07
CA LEU A 154 -14.81 -17.63 -13.81
C LEU A 154 -13.58 -17.34 -14.66
N LEU A 155 -13.78 -16.92 -15.91
CA LEU A 155 -12.64 -16.51 -16.73
C LEU A 155 -11.88 -15.36 -16.06
N PHE A 156 -12.61 -14.41 -15.49
CA PHE A 156 -11.96 -13.30 -14.78
C PHE A 156 -11.13 -13.81 -13.61
N PHE A 157 -11.71 -14.70 -12.80
CA PHE A 157 -10.96 -15.24 -11.66
C PHE A 157 -9.69 -15.94 -12.11
N ALA A 158 -9.76 -16.68 -13.22
CA ALA A 158 -8.58 -17.35 -13.77
C ALA A 158 -7.47 -16.35 -14.11
N LYS A 159 -7.83 -15.17 -14.63
CA LYS A 159 -6.83 -14.14 -14.90
C LYS A 159 -6.22 -13.62 -13.60
N ARG A 160 -7.06 -13.37 -12.59
CA ARG A 160 -6.54 -12.93 -11.30
C ARG A 160 -5.69 -14.01 -10.65
N TYR A 161 -6.04 -15.27 -10.87
CA TYR A 161 -5.27 -16.38 -10.33
C TYR A 161 -3.92 -16.48 -11.02
N LYS A 162 -3.91 -16.32 -12.34
CA LYS A 162 -2.64 -16.26 -13.08
C LYS A 162 -1.80 -15.06 -12.65
N ALA A 163 -2.45 -13.92 -12.39
CA ALA A 163 -1.70 -12.73 -11.99
C ALA A 163 -1.01 -12.94 -10.65
N ALA A 164 -1.69 -13.58 -9.70
CA ALA A 164 -1.09 -13.82 -8.39
C ALA A 164 0.18 -14.67 -8.52
N PHE A 165 0.16 -15.68 -9.39
CA PHE A 165 1.36 -16.49 -9.56
C PHE A 165 2.47 -15.74 -10.27
N THR A 166 2.14 -14.99 -11.33
CA THR A 166 3.18 -14.24 -12.01
C THR A 166 3.75 -13.15 -11.11
N GLU A 167 2.90 -12.51 -10.32
CA GLU A 167 3.39 -11.47 -9.42
C GLU A 167 4.26 -12.05 -8.30
N CYS A 168 4.03 -13.29 -7.87
CA CYS A 168 4.64 -13.79 -6.65
C CYS A 168 5.72 -14.84 -6.84
N CYS A 169 5.72 -15.57 -7.95
CA CYS A 169 6.64 -16.69 -8.09
C CYS A 169 8.08 -16.26 -8.35
N GLN A 170 8.34 -14.96 -8.42
CA GLN A 170 9.70 -14.43 -8.44
C GLN A 170 9.99 -13.57 -7.21
N ALA A 171 9.07 -13.55 -6.24
CA ALA A 171 9.33 -12.85 -5.00
C ALA A 171 10.43 -13.55 -4.21
N ALA A 172 11.02 -12.81 -3.27
CA ALA A 172 11.96 -13.41 -2.34
C ALA A 172 11.27 -14.49 -1.52
N ASP A 173 10.25 -14.10 -0.75
CA ASP A 173 9.42 -15.03 0.01
C ASP A 173 8.15 -15.25 -0.81
N LYS A 174 8.20 -16.25 -1.70
CA LYS A 174 7.06 -16.55 -2.57
C LYS A 174 5.79 -16.77 -1.76
N ALA A 175 5.87 -17.58 -0.71
CA ALA A 175 4.70 -17.95 0.06
C ALA A 175 4.07 -16.73 0.74
N ALA A 176 4.90 -15.88 1.35
CA ALA A 176 4.35 -14.69 1.99
C ALA A 176 3.59 -13.84 0.99
N CYS A 177 4.02 -13.85 -0.27
CA CYS A 177 3.32 -13.14 -1.33
C CYS A 177 2.06 -13.89 -1.76
N LEU A 178 2.19 -15.18 -2.08
CA LEU A 178 1.15 -15.88 -2.82
C LEU A 178 -0.03 -16.31 -1.93
N LEU A 179 0.25 -16.81 -0.72
CA LEU A 179 -0.80 -17.40 0.10
C LEU A 179 -1.89 -16.40 0.52
N PRO A 180 -1.53 -15.19 0.97
CA PRO A 180 -2.60 -14.21 1.27
C PRO A 180 -3.47 -13.88 0.07
N LYS A 181 -2.87 -13.74 -1.11
CA LYS A 181 -3.65 -13.44 -2.31
C LYS A 181 -4.60 -14.59 -2.64
N LEU A 182 -4.09 -15.82 -2.60
CA LEU A 182 -4.91 -16.97 -2.94
C LEU A 182 -6.09 -17.13 -1.98
N ASP A 183 -5.91 -16.71 -0.72
CA ASP A 183 -6.97 -16.85 0.26
C ASP A 183 -8.04 -15.78 0.08
N GLU A 184 -7.63 -14.55 -0.27
CA GLU A 184 -8.58 -13.53 -0.64
C GLU A 184 -9.34 -13.92 -1.90
N LEU A 185 -8.63 -14.46 -2.89
CA LEU A 185 -9.29 -14.94 -4.10
C LEU A 185 -10.28 -16.04 -3.79
N ARG A 186 -9.93 -16.94 -2.87
CA ARG A 186 -10.87 -17.98 -2.46
C ARG A 186 -12.11 -17.39 -1.80
N ASP A 187 -11.93 -16.42 -0.91
CA ASP A 187 -13.07 -15.73 -0.32
C ASP A 187 -13.95 -15.12 -1.41
N GLU A 188 -13.35 -14.35 -2.31
CA GLU A 188 -14.08 -13.74 -3.41
C GLU A 188 -14.80 -14.80 -4.24
N GLY A 189 -14.12 -15.90 -4.55
CA GLY A 189 -14.71 -16.91 -5.40
C GLY A 189 -15.92 -17.58 -4.79
N LYS A 190 -15.84 -17.91 -3.49
CA LYS A 190 -16.97 -18.56 -2.83
C LYS A 190 -18.19 -17.65 -2.82
N ALA A 191 -17.97 -16.38 -2.52
CA ALA A 191 -19.07 -15.42 -2.51
C ALA A 191 -19.66 -15.27 -3.90
N SER A 192 -18.82 -15.17 -4.93
CA SER A 192 -19.30 -15.06 -6.30
C SER A 192 -20.11 -16.30 -6.70
N SER A 193 -19.62 -17.48 -6.33
CA SER A 193 -20.35 -18.71 -6.62
C SER A 193 -21.72 -18.67 -5.98
N ALA A 194 -21.77 -18.35 -4.69
CA ALA A 194 -23.03 -18.39 -3.96
C ALA A 194 -24.01 -17.33 -4.48
N LYS A 195 -23.51 -16.18 -4.94
CA LYS A 195 -24.37 -15.14 -5.48
C LYS A 195 -24.98 -15.58 -6.79
N GLN A 196 -24.16 -16.08 -7.71
CA GLN A 196 -24.68 -16.62 -8.95
C GLN A 196 -25.68 -17.74 -8.68
N ARG A 197 -25.41 -18.58 -7.69
CA ARG A 197 -26.35 -19.65 -7.38
C ARG A 197 -27.72 -19.09 -7.03
N LEU A 198 -27.77 -17.94 -6.35
CA LEU A 198 -29.05 -17.32 -6.02
C LEU A 198 -29.68 -16.69 -7.25
N LYS A 199 -28.86 -16.12 -8.13
CA LYS A 199 -29.40 -15.56 -9.37
C LYS A 199 -30.11 -16.65 -10.18
N CYS A 200 -29.47 -17.82 -10.30
CA CYS A 200 -30.10 -18.92 -11.01
C CYS A 200 -31.35 -19.40 -10.27
N ALA A 201 -31.26 -19.55 -8.93
CA ALA A 201 -32.40 -20.10 -8.20
C ALA A 201 -33.60 -19.16 -8.26
N SER A 202 -33.36 -17.84 -8.13
CA SER A 202 -34.46 -16.91 -8.19
C SER A 202 -35.12 -16.94 -9.57
N LEU A 203 -34.30 -16.91 -10.63
CA LEU A 203 -34.86 -16.96 -11.98
C LEU A 203 -35.52 -18.32 -12.26
N GLN A 204 -34.82 -19.42 -11.96
CA GLN A 204 -35.33 -20.71 -12.39
C GLN A 204 -36.48 -21.22 -11.52
N LYS A 205 -36.39 -21.02 -10.20
CA LYS A 205 -37.39 -21.54 -9.28
C LYS A 205 -38.54 -20.56 -9.03
N PHE A 206 -38.27 -19.27 -8.92
CA PHE A 206 -39.30 -18.30 -8.58
C PHE A 206 -39.81 -17.50 -9.78
N GLY A 207 -39.07 -17.46 -10.88
CA GLY A 207 -39.62 -16.91 -12.11
C GLY A 207 -38.92 -15.66 -12.57
N GLU A 208 -39.15 -15.37 -13.86
CA GLU A 208 -38.57 -14.20 -14.53
C GLU A 208 -38.93 -12.91 -13.78
N ARG A 209 -40.19 -12.81 -13.36
CA ARG A 209 -40.67 -11.61 -12.69
C ARG A 209 -39.92 -11.37 -11.37
N ALA A 210 -39.65 -12.43 -10.62
CA ALA A 210 -38.90 -12.27 -9.37
C ALA A 210 -37.48 -11.81 -9.65
N PHE A 211 -36.84 -12.45 -10.64
CA PHE A 211 -35.48 -12.09 -11.03
C PHE A 211 -35.41 -10.65 -11.50
N LYS A 212 -36.40 -10.23 -12.31
CA LYS A 212 -36.35 -8.89 -12.88
C LYS A 212 -36.58 -7.83 -11.82
N ALA A 213 -37.51 -8.10 -10.89
CA ALA A 213 -37.76 -7.16 -9.81
C ALA A 213 -36.49 -6.94 -8.99
N TRP A 214 -35.83 -8.03 -8.56
CA TRP A 214 -34.54 -7.91 -7.87
C TRP A 214 -33.56 -7.10 -8.70
N ALA A 215 -33.47 -7.40 -9.99
CA ALA A 215 -32.60 -6.65 -10.87
C ALA A 215 -32.97 -5.16 -10.90
N VAL A 216 -34.27 -4.84 -10.93
CA VAL A 216 -34.67 -3.43 -10.97
C VAL A 216 -34.19 -2.73 -9.70
N ALA A 217 -34.39 -3.36 -8.54
CA ALA A 217 -34.04 -2.74 -7.28
C ALA A 217 -32.54 -2.48 -7.21
N ARG A 218 -31.73 -3.50 -7.53
CA ARG A 218 -30.28 -3.35 -7.41
C ARG A 218 -29.74 -2.32 -8.39
N LEU A 219 -30.23 -2.32 -9.65
CA LEU A 219 -29.68 -1.37 -10.63
C LEU A 219 -30.15 0.06 -10.38
N SER A 220 -31.35 0.24 -9.80
CA SER A 220 -31.81 1.58 -9.47
C SER A 220 -30.97 2.18 -8.33
N GLN A 221 -30.60 1.35 -7.35
CA GLN A 221 -29.65 1.76 -6.32
C GLN A 221 -28.31 2.17 -6.92
N ARG A 222 -27.85 1.42 -7.92
CA ARG A 222 -26.50 1.59 -8.45
C ARG A 222 -26.47 2.71 -9.48
N PHE A 223 -27.54 2.87 -10.24
CA PHE A 223 -27.63 3.86 -11.32
C PHE A 223 -28.83 4.77 -11.10
N PRO A 224 -28.89 5.49 -9.97
CA PRO A 224 -30.13 6.22 -9.65
C PRO A 224 -30.41 7.41 -10.55
N LYS A 225 -29.45 7.87 -11.33
CA LYS A 225 -29.75 8.92 -12.31
C LYS A 225 -30.32 8.36 -13.60
N ALA A 226 -30.18 7.06 -13.83
CA ALA A 226 -30.68 6.46 -15.05
C ALA A 226 -32.21 6.55 -15.13
N GLU A 227 -32.70 6.87 -16.32
CA GLU A 227 -34.12 6.79 -16.62
C GLU A 227 -34.64 5.38 -16.36
N PHE A 228 -35.91 5.31 -15.95
CA PHE A 228 -36.54 4.03 -15.71
C PHE A 228 -36.48 3.14 -16.95
N ALA A 229 -36.64 3.73 -18.14
CA ALA A 229 -36.59 2.94 -19.36
C ALA A 229 -35.20 2.36 -19.60
N GLU A 230 -34.16 3.10 -19.21
CA GLU A 230 -32.80 2.59 -19.36
C GLU A 230 -32.55 1.42 -18.41
N VAL A 231 -32.98 1.57 -17.14
CA VAL A 231 -32.91 0.46 -16.19
C VAL A 231 -33.62 -0.79 -16.72
N SER A 232 -34.82 -0.60 -17.29
CA SER A 232 -35.61 -1.72 -17.79
C SER A 232 -34.91 -2.43 -18.94
N LYS A 233 -34.21 -1.68 -19.80
CA LYS A 233 -33.48 -2.29 -20.89
C LYS A 233 -32.33 -3.14 -20.37
N LEU A 234 -31.55 -2.60 -19.44
CA LEU A 234 -30.49 -3.39 -18.81
C LEU A 234 -31.05 -4.63 -18.12
N VAL A 235 -32.19 -4.47 -17.44
CA VAL A 235 -32.79 -5.59 -16.72
C VAL A 235 -33.21 -6.68 -17.70
N THR A 236 -33.67 -6.29 -18.89
CA THR A 236 -34.09 -7.26 -19.89
C THR A 236 -32.88 -7.99 -20.49
N ASP A 237 -31.79 -7.26 -20.77
CA ASP A 237 -30.57 -7.90 -21.29
C ASP A 237 -29.94 -8.82 -20.25
N LEU A 238 -29.90 -8.40 -19.00
CA LEU A 238 -29.39 -9.28 -17.95
C LEU A 238 -30.25 -10.54 -17.80
N THR A 239 -31.56 -10.44 -18.02
CA THR A 239 -32.41 -11.62 -17.93
C THR A 239 -32.04 -12.64 -19.01
N LYS A 240 -31.74 -12.15 -20.22
CA LYS A 240 -31.31 -13.04 -21.30
C LYS A 240 -29.95 -13.65 -20.98
N VAL A 241 -29.03 -12.84 -20.50
CA VAL A 241 -27.69 -13.31 -20.15
C VAL A 241 -27.76 -14.46 -19.15
N HIS A 242 -28.49 -14.24 -18.04
CA HIS A 242 -28.48 -15.24 -16.96
C HIS A 242 -29.36 -16.45 -17.27
N THR A 243 -30.40 -16.28 -18.08
CA THR A 243 -31.13 -17.47 -18.53
C THR A 243 -30.19 -18.40 -19.29
N GLU A 244 -29.38 -17.85 -20.18
CA GLU A 244 -28.43 -18.65 -20.93
C GLU A 244 -27.39 -19.32 -20.02
N CYS A 245 -26.71 -18.54 -19.17
CA CYS A 245 -25.71 -19.11 -18.28
C CYS A 245 -26.32 -20.18 -17.37
N CYS A 246 -27.46 -19.88 -16.77
CA CYS A 246 -28.05 -20.80 -15.79
C CYS A 246 -28.57 -22.08 -16.43
N HIS A 247 -28.87 -22.06 -17.73
CA HIS A 247 -29.29 -23.26 -18.43
C HIS A 247 -28.15 -23.89 -19.22
N GLY A 248 -26.92 -23.45 -19.00
CA GLY A 248 -25.76 -24.11 -19.57
C GLY A 248 -25.28 -23.57 -20.90
N ASP A 249 -25.94 -22.57 -21.49
CA ASP A 249 -25.52 -21.99 -22.76
C ASP A 249 -24.44 -20.94 -22.49
N LEU A 250 -23.24 -21.43 -22.19
CA LEU A 250 -22.19 -20.55 -21.70
C LEU A 250 -21.57 -19.71 -22.81
N LEU A 251 -21.57 -20.20 -24.05
CA LEU A 251 -21.02 -19.41 -25.16
C LEU A 251 -21.92 -18.21 -25.47
N GLU A 252 -23.23 -18.45 -25.60
CA GLU A 252 -24.17 -17.34 -25.80
C GLU A 252 -24.14 -16.39 -24.60
N CYS A 253 -24.14 -16.97 -23.39
CA CYS A 253 -24.10 -16.17 -22.17
C CYS A 253 -22.92 -15.21 -22.18
N ALA A 254 -21.72 -15.73 -22.44
CA ALA A 254 -20.53 -14.89 -22.46
C ALA A 254 -20.60 -13.84 -23.57
N ASP A 255 -21.00 -14.24 -24.77
CA ASP A 255 -21.11 -13.30 -25.88
C ASP A 255 -22.10 -12.16 -25.56
N ASP A 256 -23.23 -12.50 -24.95
CA ASP A 256 -24.22 -11.47 -24.67
C ASP A 256 -23.78 -10.57 -23.51
N ARG A 257 -23.08 -11.13 -22.53
CA ARG A 257 -22.56 -10.28 -21.45
C ARG A 257 -21.57 -9.27 -22.01
N ALA A 258 -20.76 -9.68 -22.99
CA ALA A 258 -19.81 -8.74 -23.59
C ALA A 258 -20.54 -7.65 -24.35
N ASP A 259 -21.60 -8.02 -25.10
CA ASP A 259 -22.39 -7.01 -25.78
C ASP A 259 -23.04 -6.05 -24.78
N LEU A 260 -23.44 -6.56 -23.61
CA LEU A 260 -24.10 -5.70 -22.63
C LEU A 260 -23.11 -4.73 -22.00
N ALA A 261 -21.90 -5.18 -21.68
CA ALA A 261 -20.88 -4.25 -21.21
C ALA A 261 -20.56 -3.22 -22.28
N LYS A 262 -20.58 -3.63 -23.55
CA LYS A 262 -20.35 -2.70 -24.64
C LYS A 262 -21.42 -1.61 -24.64
N TYR A 263 -22.69 -2.03 -24.62
CA TYR A 263 -23.78 -1.08 -24.59
C TYR A 263 -23.65 -0.11 -23.42
N ILE A 264 -23.35 -0.63 -22.23
CA ILE A 264 -23.31 0.23 -21.06
C ILE A 264 -22.19 1.24 -21.17
N CYS A 265 -21.03 0.80 -21.66
CA CYS A 265 -19.91 1.71 -21.77
C CYS A 265 -20.16 2.76 -22.85
N GLU A 266 -20.81 2.36 -23.94
CA GLU A 266 -21.15 3.33 -24.98
C GLU A 266 -22.26 4.27 -24.54
N ASN A 267 -23.04 3.91 -23.52
CA ASN A 267 -24.15 4.74 -23.07
C ASN A 267 -23.93 5.26 -21.67
N GLN A 268 -22.68 5.28 -21.18
CA GLN A 268 -22.49 5.54 -19.76
C GLN A 268 -22.99 6.93 -19.37
N ASP A 269 -22.99 7.89 -20.29
CA ASP A 269 -23.47 9.22 -19.91
C ASP A 269 -24.97 9.27 -19.71
N SER A 270 -25.70 8.22 -20.07
CA SER A 270 -27.11 8.09 -19.74
C SER A 270 -27.36 7.15 -18.56
N ILE A 271 -26.31 6.67 -17.90
CA ILE A 271 -26.48 5.60 -16.92
C ILE A 271 -25.84 5.98 -15.58
N SER A 272 -24.55 6.31 -15.60
CA SER A 272 -23.86 6.65 -14.36
C SER A 272 -22.51 7.28 -14.65
N SER A 273 -22.10 8.19 -13.77
CA SER A 273 -20.79 8.83 -13.87
C SER A 273 -19.66 7.99 -13.29
N LYS A 274 -19.99 6.89 -12.61
CA LYS A 274 -18.97 6.07 -11.97
C LYS A 274 -18.36 5.05 -12.92
N LEU A 275 -18.69 5.07 -14.20
CA LEU A 275 -18.34 3.99 -15.10
C LEU A 275 -17.08 4.24 -15.90
N LYS A 276 -16.46 5.42 -15.78
CA LYS A 276 -15.37 5.79 -16.70
C LYS A 276 -14.21 4.81 -16.60
N GLU A 277 -13.76 4.51 -15.39
CA GLU A 277 -12.63 3.60 -15.22
C GLU A 277 -12.95 2.22 -15.78
N CYS A 278 -14.11 1.67 -15.41
CA CYS A 278 -14.51 0.36 -15.90
C CYS A 278 -14.41 0.28 -17.43
N CYS A 279 -14.88 1.31 -18.11
CA CYS A 279 -15.05 1.25 -19.55
C CYS A 279 -13.75 1.44 -20.34
N GLU A 280 -12.63 1.68 -19.66
CA GLU A 280 -11.33 1.73 -20.29
C GLU A 280 -10.55 0.44 -20.07
N LYS A 281 -11.22 -0.60 -19.61
CA LYS A 281 -10.54 -1.82 -19.21
C LYS A 281 -10.74 -2.91 -20.24
N PRO A 282 -9.87 -3.92 -20.24
CA PRO A 282 -10.09 -5.10 -21.08
C PRO A 282 -11.36 -5.84 -20.67
N LEU A 283 -11.89 -6.63 -21.62
CA LEU A 283 -13.27 -7.10 -21.56
C LEU A 283 -13.60 -7.80 -20.26
N LEU A 284 -12.80 -8.78 -19.86
CA LEU A 284 -13.11 -9.48 -18.61
C LEU A 284 -13.07 -8.52 -17.43
N GLU A 285 -12.05 -7.67 -17.36
CA GLU A 285 -11.99 -6.67 -16.31
C GLU A 285 -13.18 -5.71 -16.40
N LYS A 286 -13.50 -5.28 -17.62
CA LYS A 286 -14.60 -4.32 -17.88
C LYS A 286 -15.91 -4.84 -17.25
N SER A 287 -16.36 -6.02 -17.67
CA SER A 287 -17.60 -6.60 -17.18
C SER A 287 -17.57 -6.76 -15.67
N HIS A 288 -16.45 -7.23 -15.13
CA HIS A 288 -16.35 -7.43 -13.69
C HIS A 288 -16.46 -6.10 -12.95
N CYS A 289 -15.70 -5.10 -13.42
CA CYS A 289 -15.76 -3.76 -12.83
C CYS A 289 -17.19 -3.21 -12.83
N ILE A 290 -17.87 -3.26 -13.98
CA ILE A 290 -19.25 -2.77 -14.06
C ILE A 290 -20.14 -3.43 -13.03
N ALA A 291 -19.99 -4.74 -12.85
CA ALA A 291 -20.86 -5.48 -11.93
C ALA A 291 -20.68 -5.05 -10.48
N GLU A 292 -19.54 -4.49 -10.12
CA GLU A 292 -19.32 -4.11 -8.73
C GLU A 292 -19.10 -2.62 -8.55
N VAL A 293 -19.36 -1.81 -9.59
CA VAL A 293 -19.12 -0.37 -9.50
C VAL A 293 -19.89 0.22 -8.30
N GLU A 294 -19.35 1.29 -7.72
CA GLU A 294 -20.04 1.93 -6.61
C GLU A 294 -21.29 2.66 -7.12
N ASN A 295 -22.23 2.85 -6.19
CA ASN A 295 -23.48 3.53 -6.53
C ASN A 295 -23.19 4.96 -6.94
N ASP A 296 -23.87 5.42 -7.99
CA ASP A 296 -23.85 6.81 -8.36
C ASP A 296 -24.59 7.63 -7.30
N GLU A 297 -24.43 8.95 -7.38
CA GLU A 297 -25.23 9.85 -6.55
C GLU A 297 -26.61 10.04 -7.18
N MET A 298 -27.63 10.09 -6.33
CA MET A 298 -29.01 10.46 -6.59
C MET A 298 -29.14 11.77 -7.33
N PRO A 299 -30.13 11.96 -8.21
CA PRO A 299 -30.40 13.31 -8.74
C PRO A 299 -30.71 14.27 -7.60
N ALA A 300 -30.41 15.54 -7.85
CA ALA A 300 -30.69 16.62 -6.91
C ALA A 300 -32.03 17.28 -7.14
N ASP A 301 -32.80 16.83 -8.13
CA ASP A 301 -34.07 17.44 -8.50
C ASP A 301 -35.22 16.46 -8.46
N LEU A 302 -35.23 15.60 -7.45
CA LEU A 302 -36.24 14.56 -7.42
C LEU A 302 -37.58 15.10 -6.93
N PRO A 303 -38.68 14.59 -7.47
CA PRO A 303 -39.98 14.87 -6.85
C PRO A 303 -40.18 14.08 -5.58
N SER A 304 -41.30 14.31 -4.91
CA SER A 304 -41.72 13.51 -3.78
C SER A 304 -42.30 12.18 -4.27
N LEU A 305 -41.68 11.07 -3.83
CA LEU A 305 -42.22 9.73 -4.07
C LEU A 305 -43.63 9.59 -3.52
N ALA A 306 -43.90 10.19 -2.35
CA ALA A 306 -45.21 10.05 -1.74
C ALA A 306 -46.29 10.70 -2.57
N ALA A 307 -45.96 11.77 -3.30
CA ALA A 307 -46.97 12.51 -4.03
C ALA A 307 -47.63 11.62 -5.08
N ASP A 308 -46.81 10.90 -5.84
CA ASP A 308 -47.34 10.13 -6.96
C ASP A 308 -47.90 8.79 -6.51
N PHE A 309 -47.37 8.21 -5.43
CA PHE A 309 -47.70 6.83 -5.11
C PHE A 309 -48.55 6.67 -3.87
N VAL A 310 -48.72 7.72 -3.06
CA VAL A 310 -49.40 7.57 -1.78
C VAL A 310 -50.43 8.68 -1.57
N GLU A 311 -50.03 9.92 -1.82
CA GLU A 311 -50.87 11.07 -1.50
C GLU A 311 -51.92 11.33 -2.59
N SER A 312 -51.57 11.12 -3.85
CA SER A 312 -52.51 11.31 -4.94
C SER A 312 -53.73 10.41 -4.76
N LYS A 313 -54.88 10.90 -5.20
CA LYS A 313 -56.12 10.17 -5.02
C LYS A 313 -56.44 9.21 -6.17
N ASP A 314 -55.69 9.25 -7.26
CA ASP A 314 -55.96 8.40 -8.42
C ASP A 314 -54.86 7.34 -8.63
N VAL A 315 -54.16 6.94 -7.56
CA VAL A 315 -53.16 5.87 -7.67
C VAL A 315 -53.76 4.67 -8.37
N CYS A 316 -54.96 4.27 -7.97
CA CYS A 316 -55.62 3.10 -8.52
C CYS A 316 -55.83 3.20 -10.03
N LYS A 317 -56.16 4.39 -10.54
CA LYS A 317 -56.37 4.53 -11.98
C LYS A 317 -55.07 4.29 -12.75
N ASN A 318 -53.95 4.78 -12.23
CA ASN A 318 -52.69 4.54 -12.92
C ASN A 318 -52.21 3.11 -12.73
N TYR A 319 -52.49 2.51 -11.59
CA TYR A 319 -52.10 1.13 -11.34
C TYR A 319 -52.86 0.16 -12.24
N ALA A 320 -54.18 0.37 -12.40
CA ALA A 320 -54.99 -0.54 -13.20
C ALA A 320 -54.64 -0.49 -14.68
N GLU A 321 -54.06 0.61 -15.17
CA GLU A 321 -53.70 0.69 -16.57
C GLU A 321 -52.51 -0.20 -16.90
N ALA A 322 -51.65 -0.47 -15.91
CA ALA A 322 -50.41 -1.21 -16.15
C ALA A 322 -49.86 -1.53 -14.79
N LYS A 323 -50.10 -2.75 -14.31
CA LYS A 323 -49.92 -3.04 -12.89
C LYS A 323 -48.41 -3.27 -12.63
N ASP A 324 -47.78 -4.18 -13.38
CA ASP A 324 -46.38 -4.47 -13.10
C ASP A 324 -45.47 -3.31 -13.48
N VAL A 325 -45.85 -2.52 -14.49
CA VAL A 325 -45.11 -1.32 -14.81
C VAL A 325 -45.20 -0.32 -13.67
N PHE A 326 -46.42 -0.12 -13.13
CA PHE A 326 -46.60 0.84 -12.05
C PHE A 326 -45.86 0.38 -10.79
N LEU A 327 -45.95 -0.91 -10.47
CA LEU A 327 -45.17 -1.46 -9.36
C LEU A 327 -43.67 -1.34 -9.66
N GLY A 328 -43.27 -1.51 -10.91
CA GLY A 328 -41.85 -1.37 -11.25
C GLY A 328 -41.37 0.07 -11.05
N MET A 329 -42.20 1.04 -11.37
CA MET A 329 -41.85 2.43 -11.15
C MET A 329 -41.72 2.74 -9.66
N PHE A 330 -42.69 2.27 -8.85
CA PHE A 330 -42.58 2.44 -7.40
C PHE A 330 -41.26 1.87 -6.88
N LEU A 331 -40.97 0.61 -7.24
CA LEU A 331 -39.74 -0.05 -6.82
C LEU A 331 -38.50 0.72 -7.29
N TYR A 332 -38.53 1.19 -8.53
CA TYR A 332 -37.42 2.00 -9.05
C TYR A 332 -37.26 3.28 -8.23
N GLU A 333 -38.36 3.96 -7.91
CA GLU A 333 -38.27 5.21 -7.17
C GLU A 333 -37.79 4.97 -5.75
N TYR A 334 -38.32 3.93 -5.10
CA TYR A 334 -37.93 3.66 -3.72
C TYR A 334 -36.47 3.26 -3.62
N ALA A 335 -35.99 2.47 -4.59
CA ALA A 335 -34.63 1.93 -4.52
C ALA A 335 -33.59 2.98 -4.88
N ARG A 336 -33.85 3.80 -5.91
CA ARG A 336 -32.88 4.84 -6.28
C ARG A 336 -32.68 5.83 -5.13
N ARG A 337 -33.68 5.97 -4.24
CA ARG A 337 -33.57 6.84 -3.07
C ARG A 337 -33.00 6.12 -1.85
N HIS A 338 -32.89 4.79 -1.87
CA HIS A 338 -32.52 4.04 -0.67
C HIS A 338 -31.41 3.06 -0.97
N PRO A 339 -30.21 3.56 -1.27
CA PRO A 339 -29.05 2.67 -1.33
C PRO A 339 -28.69 2.09 0.00
N ASP A 340 -29.28 2.59 1.09
CA ASP A 340 -29.02 2.12 2.43
C ASP A 340 -29.94 0.99 2.83
N TYR A 341 -30.82 0.57 1.93
CA TYR A 341 -31.74 -0.54 2.19
C TYR A 341 -31.23 -1.77 1.45
N SER A 342 -31.37 -2.93 2.09
CA SER A 342 -31.17 -4.17 1.35
C SER A 342 -32.20 -4.32 0.23
N VAL A 343 -31.79 -5.00 -0.84
CA VAL A 343 -32.70 -5.33 -1.92
C VAL A 343 -33.89 -6.14 -1.41
N VAL A 344 -33.65 -7.13 -0.54
CA VAL A 344 -34.78 -7.93 -0.10
C VAL A 344 -35.78 -7.09 0.71
N LEU A 345 -35.29 -6.10 1.46
CA LEU A 345 -36.22 -5.19 2.13
C LEU A 345 -37.03 -4.36 1.13
N LEU A 346 -36.35 -3.79 0.13
CA LEU A 346 -37.05 -3.00 -0.88
C LEU A 346 -38.09 -3.84 -1.61
N LEU A 347 -37.75 -5.10 -1.92
CA LEU A 347 -38.72 -5.99 -2.55
C LEU A 347 -39.89 -6.26 -1.61
N ARG A 348 -39.59 -6.53 -0.34
CA ARG A 348 -40.60 -6.67 0.69
C ARG A 348 -41.54 -5.46 0.73
N LEU A 349 -41.00 -4.25 0.61
CA LEU A 349 -41.83 -3.04 0.63
C LEU A 349 -42.66 -2.93 -0.65
N ALA A 350 -42.07 -3.19 -1.80
CA ALA A 350 -42.85 -3.18 -3.04
C ALA A 350 -43.98 -4.21 -2.98
N LYS A 351 -43.75 -5.35 -2.36
CA LYS A 351 -44.79 -6.39 -2.23
C LYS A 351 -45.87 -5.92 -1.26
N THR A 352 -45.48 -5.27 -0.19
CA THR A 352 -46.45 -4.70 0.74
C THR A 352 -47.29 -3.64 0.05
N TYR A 353 -46.65 -2.78 -0.72
CA TYR A 353 -47.38 -1.78 -1.50
C TYR A 353 -48.35 -2.45 -2.47
N GLU A 354 -47.87 -3.45 -3.22
CA GLU A 354 -48.74 -4.19 -4.14
C GLU A 354 -49.98 -4.75 -3.43
N THR A 355 -49.78 -5.49 -2.33
CA THR A 355 -50.90 -6.03 -1.58
C THR A 355 -51.87 -4.93 -1.15
N THR A 356 -51.33 -3.79 -0.72
CA THR A 356 -52.18 -2.67 -0.32
C THR A 356 -53.03 -2.16 -1.48
N LEU A 357 -52.42 -2.02 -2.67
CA LEU A 357 -53.22 -1.52 -3.81
C LEU A 357 -54.28 -2.55 -4.22
N GLU A 358 -53.92 -3.83 -4.24
CA GLU A 358 -54.89 -4.87 -4.59
C GLU A 358 -56.08 -4.86 -3.63
N LYS A 359 -55.83 -4.58 -2.36
CA LYS A 359 -56.89 -4.53 -1.36
C LYS A 359 -57.63 -3.19 -1.42
N CYS A 360 -56.89 -2.07 -1.37
CA CYS A 360 -57.51 -0.75 -1.26
C CYS A 360 -58.16 -0.29 -2.56
N CYS A 361 -57.68 -0.75 -3.71
CA CYS A 361 -58.29 -0.28 -4.94
C CYS A 361 -59.70 -0.84 -5.11
N ALA A 362 -60.05 -1.91 -4.39
CA ALA A 362 -61.40 -2.44 -4.44
C ALA A 362 -62.37 -1.65 -3.55
N ALA A 363 -61.87 -0.72 -2.75
CA ALA A 363 -62.67 -0.09 -1.71
C ALA A 363 -63.41 1.13 -2.23
N ALA A 364 -64.37 1.58 -1.43
CA ALA A 364 -65.17 2.75 -1.80
C ALA A 364 -64.29 3.99 -1.91
N ASP A 365 -63.49 4.25 -0.87
CA ASP A 365 -62.58 5.38 -0.85
C ASP A 365 -61.16 4.85 -0.85
N PRO A 366 -60.60 4.53 -2.03
CA PRO A 366 -59.27 3.88 -2.05
C PRO A 366 -58.17 4.72 -1.44
N HIS A 367 -58.14 6.02 -1.71
CA HIS A 367 -57.07 6.85 -1.16
C HIS A 367 -57.06 6.84 0.35
N GLU A 368 -58.23 6.78 1.00
CA GLU A 368 -58.25 6.73 2.45
C GLU A 368 -57.78 5.38 2.97
N CYS A 369 -57.72 4.36 2.12
CA CYS A 369 -57.20 3.05 2.48
C CYS A 369 -55.71 2.93 2.21
N TYR A 370 -55.19 3.51 1.14
CA TYR A 370 -53.77 3.32 0.85
C TYR A 370 -52.87 4.47 1.31
N ALA A 371 -53.45 5.59 1.74
CA ALA A 371 -52.62 6.75 2.11
C ALA A 371 -51.75 6.48 3.34
N LYS A 372 -52.08 5.47 4.15
CA LYS A 372 -51.33 5.15 5.36
C LYS A 372 -50.38 3.96 5.17
N VAL A 373 -49.95 3.70 3.93
CA VAL A 373 -49.14 2.53 3.64
C VAL A 373 -47.75 2.68 4.25
N PHE A 374 -47.26 3.90 4.37
CA PHE A 374 -45.98 4.15 5.03
C PHE A 374 -45.96 3.61 6.45
N ASP A 375 -47.11 3.59 7.13
CA ASP A 375 -47.14 3.04 8.47
C ASP A 375 -46.87 1.55 8.45
N GLU A 376 -47.33 0.85 7.41
CA GLU A 376 -46.93 -0.53 7.23
C GLU A 376 -45.42 -0.67 7.00
N PHE A 377 -44.81 0.29 6.31
CA PHE A 377 -43.39 0.11 5.99
C PHE A 377 -42.52 0.15 7.24
N LYS A 378 -42.92 0.93 8.25
CA LYS A 378 -42.04 1.25 9.38
C LYS A 378 -41.58 0.03 10.16
N PRO A 379 -42.45 -0.89 10.61
CA PRO A 379 -41.92 -2.10 11.24
C PRO A 379 -41.08 -2.95 10.31
N LEU A 380 -41.32 -2.88 8.98
CA LEU A 380 -40.54 -3.71 8.05
C LEU A 380 -39.11 -3.21 7.91
N VAL A 381 -38.89 -1.90 8.01
CA VAL A 381 -37.54 -1.38 7.98
C VAL A 381 -36.82 -1.65 9.31
N GLU A 382 -37.55 -1.55 10.42
CA GLU A 382 -36.90 -1.59 11.73
C GLU A 382 -36.46 -2.99 12.14
N GLU A 383 -37.17 -4.03 11.70
CA GLU A 383 -36.76 -5.39 12.10
C GLU A 383 -35.39 -5.76 11.55
N PRO A 384 -35.05 -5.58 10.27
CA PRO A 384 -33.68 -5.87 9.85
C PRO A 384 -32.66 -4.92 10.43
N GLN A 385 -33.03 -3.65 10.63
CA GLN A 385 -32.14 -2.71 11.30
C GLN A 385 -31.75 -3.23 12.66
N ASN A 386 -32.74 -3.61 13.47
CA ASN A 386 -32.47 -4.13 14.80
C ASN A 386 -31.68 -5.43 14.73
N LEU A 387 -32.04 -6.33 13.81
CA LEU A 387 -31.36 -7.63 13.73
C LEU A 387 -29.88 -7.48 13.42
N ILE A 388 -29.56 -6.58 12.49
CA ILE A 388 -28.16 -6.39 12.11
C ILE A 388 -27.37 -5.71 13.23
N LYS A 389 -27.95 -4.67 13.82
CA LYS A 389 -27.32 -3.98 14.94
C LYS A 389 -26.94 -4.95 16.06
N GLN A 390 -27.92 -5.74 16.51
CA GLN A 390 -27.68 -6.63 17.65
C GLN A 390 -26.63 -7.70 17.31
N ASN A 391 -26.71 -8.28 16.11
CA ASN A 391 -25.76 -9.33 15.76
C ASN A 391 -24.38 -8.77 15.50
N CYS A 392 -24.27 -7.56 14.94
CA CYS A 392 -22.97 -6.96 14.74
C CYS A 392 -22.32 -6.62 16.08
N GLU A 393 -23.12 -6.21 17.07
CA GLU A 393 -22.58 -6.03 18.41
C GLU A 393 -22.07 -7.35 18.99
N LEU A 394 -22.80 -8.44 18.74
CA LEU A 394 -22.30 -9.73 19.18
C LEU A 394 -21.01 -10.08 18.45
N PHE A 395 -20.98 -9.86 17.14
CA PHE A 395 -19.79 -10.19 16.35
C PHE A 395 -18.58 -9.41 16.84
N GLU A 396 -18.77 -8.14 17.19
CA GLU A 396 -17.63 -7.33 17.61
C GLU A 396 -17.09 -7.77 18.96
N GLN A 397 -17.94 -8.38 19.80
CA GLN A 397 -17.47 -8.97 21.05
C GLN A 397 -16.73 -10.30 20.84
N LEU A 398 -17.09 -11.07 19.81
CA LEU A 398 -16.63 -12.45 19.73
C LEU A 398 -15.50 -12.68 18.73
N GLY A 399 -15.42 -11.88 17.67
CA GLY A 399 -14.64 -12.26 16.51
C GLY A 399 -15.33 -13.37 15.74
N GLU A 400 -14.85 -13.59 14.51
CA GLU A 400 -15.59 -14.40 13.55
C GLU A 400 -15.76 -15.84 14.04
N TYR A 401 -14.68 -16.45 14.54
CA TYR A 401 -14.73 -17.88 14.85
C TYR A 401 -15.76 -18.16 15.93
N LYS A 402 -15.79 -17.33 16.96
CA LYS A 402 -16.74 -17.53 18.05
C LYS A 402 -18.14 -17.09 17.64
N PHE A 403 -18.25 -16.03 16.85
CA PHE A 403 -19.56 -15.68 16.29
C PHE A 403 -20.12 -16.85 15.50
N GLN A 404 -19.27 -17.51 14.70
CA GLN A 404 -19.69 -18.73 14.00
C GLN A 404 -20.22 -19.79 14.96
N ASN A 405 -19.53 -19.97 16.09
CA ASN A 405 -19.94 -21.02 17.03
C ASN A 405 -21.28 -20.69 17.68
N ALA A 406 -21.49 -19.42 18.04
CA ALA A 406 -22.80 -19.00 18.54
C ALA A 406 -23.91 -19.28 17.52
N LEU A 407 -23.64 -19.06 16.24
CA LEU A 407 -24.66 -19.31 15.21
C LEU A 407 -24.88 -20.81 14.99
N LEU A 408 -23.80 -21.60 15.03
CA LEU A 408 -23.89 -23.05 14.94
C LEU A 408 -24.88 -23.63 15.95
N VAL A 409 -24.70 -23.25 17.23
CA VAL A 409 -25.59 -23.71 18.28
C VAL A 409 -27.02 -23.24 18.00
N ARG A 410 -27.15 -21.98 17.62
CA ARG A 410 -28.47 -21.41 17.38
C ARG A 410 -29.17 -22.15 16.25
N TYR A 411 -28.45 -22.40 15.15
CA TYR A 411 -29.11 -23.02 14.02
C TYR A 411 -29.24 -24.53 14.21
N THR A 412 -28.29 -25.17 14.90
CA THR A 412 -28.48 -26.58 15.20
C THR A 412 -29.71 -26.78 16.06
N LYS A 413 -30.00 -25.85 16.97
CA LYS A 413 -31.22 -25.97 17.78
C LYS A 413 -32.46 -25.73 16.92
N LYS A 414 -32.41 -24.75 16.02
CA LYS A 414 -33.58 -24.44 15.21
C LYS A 414 -33.97 -25.61 14.31
N VAL A 415 -32.99 -26.19 13.62
CA VAL A 415 -33.30 -27.21 12.62
C VAL A 415 -32.30 -28.36 12.78
N PRO A 416 -32.38 -29.12 13.88
CA PRO A 416 -31.39 -30.20 14.11
C PRO A 416 -31.49 -31.35 13.13
N GLN A 417 -32.56 -31.45 12.34
CA GLN A 417 -32.67 -32.50 11.34
C GLN A 417 -31.67 -32.34 10.21
N VAL A 418 -31.20 -31.11 9.95
CA VAL A 418 -30.22 -30.86 8.89
C VAL A 418 -28.92 -31.59 9.19
N SER A 419 -28.25 -32.05 8.13
CA SER A 419 -26.99 -32.75 8.28
C SER A 419 -25.93 -31.81 8.87
N THR A 420 -24.99 -32.41 9.59
CA THR A 420 -23.95 -31.69 10.32
C THR A 420 -23.00 -30.91 9.40
N PRO A 421 -22.45 -31.52 8.34
CA PRO A 421 -21.59 -30.73 7.45
C PRO A 421 -22.33 -29.58 6.76
N THR A 422 -23.62 -29.73 6.49
CA THR A 422 -24.41 -28.61 5.97
C THR A 422 -24.63 -27.56 7.05
N LEU A 423 -24.94 -28.00 8.28
CA LEU A 423 -25.03 -27.07 9.40
C LEU A 423 -23.72 -26.33 9.61
N VAL A 424 -22.59 -27.05 9.55
CA VAL A 424 -21.30 -26.39 9.71
C VAL A 424 -21.03 -25.44 8.55
N GLU A 425 -21.22 -25.93 7.32
CA GLU A 425 -21.05 -25.08 6.15
C GLU A 425 -21.87 -23.78 6.27
N VAL A 426 -23.18 -23.92 6.50
CA VAL A 426 -24.06 -22.75 6.45
C VAL A 426 -23.75 -21.80 7.62
N SER A 427 -23.51 -22.35 8.81
CA SER A 427 -23.26 -21.51 9.98
C SER A 427 -21.94 -20.77 9.86
N ARG A 428 -20.92 -21.43 9.32
CA ARG A 428 -19.67 -20.71 9.07
C ARG A 428 -19.89 -19.54 8.13
N ASN A 429 -20.66 -19.75 7.05
CA ASN A 429 -20.90 -18.67 6.11
C ASN A 429 -21.74 -17.56 6.73
N LEU A 430 -22.69 -17.90 7.59
CA LEU A 430 -23.46 -16.87 8.27
C LEU A 430 -22.55 -16.00 9.15
N GLY A 431 -21.53 -16.60 9.74
CA GLY A 431 -20.58 -15.80 10.51
C GLY A 431 -19.70 -14.95 9.61
N LYS A 432 -19.31 -15.48 8.44
CA LYS A 432 -18.56 -14.68 7.49
C LYS A 432 -19.32 -13.42 7.08
N VAL A 433 -20.66 -13.45 7.11
CA VAL A 433 -21.42 -12.24 6.85
C VAL A 433 -21.06 -11.17 7.87
N GLY A 434 -20.87 -11.60 9.12
CA GLY A 434 -20.45 -10.66 10.16
C GLY A 434 -19.12 -10.00 9.83
N SER A 435 -18.13 -10.82 9.47
CA SER A 435 -16.81 -10.27 9.12
C SER A 435 -16.91 -9.35 7.91
N LYS A 436 -17.74 -9.71 6.93
CA LYS A 436 -17.83 -8.95 5.71
C LYS A 436 -18.57 -7.63 5.89
N CYS A 437 -19.64 -7.61 6.68
CA CYS A 437 -20.57 -6.47 6.64
C CYS A 437 -20.56 -5.61 7.89
N CYS A 438 -20.28 -6.20 9.06
CA CYS A 438 -20.34 -5.42 10.29
C CYS A 438 -19.31 -4.31 10.33
N LYS A 439 -18.22 -4.44 9.56
CA LYS A 439 -17.21 -3.41 9.56
C LYS A 439 -17.69 -2.13 8.90
N HIS A 440 -18.74 -2.21 8.07
CA HIS A 440 -19.21 -1.01 7.40
C HIS A 440 -20.03 -0.14 8.34
N PRO A 441 -20.00 1.16 8.15
CA PRO A 441 -20.99 2.02 8.81
C PRO A 441 -22.42 1.62 8.45
N GLU A 442 -23.35 2.08 9.29
CA GLU A 442 -24.74 1.65 9.20
C GLU A 442 -25.39 1.97 7.86
N ALA A 443 -24.91 2.97 7.12
CA ALA A 443 -25.48 3.25 5.82
C ALA A 443 -25.32 2.08 4.85
N LYS A 444 -24.15 1.44 4.85
CA LYS A 444 -23.89 0.31 3.98
C LYS A 444 -24.14 -1.03 4.65
N ARG A 445 -24.40 -1.02 5.94
CA ARG A 445 -24.52 -2.30 6.68
C ARG A 445 -25.68 -3.16 6.21
N MET A 446 -26.88 -2.59 6.09
CA MET A 446 -28.05 -3.41 5.77
C MET A 446 -27.97 -4.03 4.40
N PRO A 447 -27.65 -3.31 3.32
CA PRO A 447 -27.56 -3.98 2.01
C PRO A 447 -26.56 -5.11 2.03
N CYS A 448 -25.40 -4.89 2.65
CA CYS A 448 -24.42 -5.97 2.75
C CYS A 448 -24.98 -7.13 3.56
N ALA A 449 -25.47 -6.86 4.78
CA ALA A 449 -25.77 -7.97 5.68
C ALA A 449 -27.01 -8.76 5.23
N GLU A 450 -28.12 -8.07 4.90
CA GLU A 450 -29.33 -8.85 4.64
C GLU A 450 -29.30 -9.55 3.29
N ASP A 451 -28.74 -8.93 2.25
CA ASP A 451 -28.66 -9.63 0.98
C ASP A 451 -27.61 -10.74 1.03
N TYR A 452 -26.52 -10.53 1.77
CA TYR A 452 -25.58 -11.64 1.94
C TYR A 452 -26.20 -12.76 2.78
N LEU A 453 -26.95 -12.41 3.82
CA LEU A 453 -27.70 -13.45 4.53
C LEU A 453 -28.57 -14.24 3.56
N SER A 454 -29.23 -13.55 2.63
CA SER A 454 -30.10 -14.21 1.68
C SER A 454 -29.30 -15.15 0.79
N VAL A 455 -28.15 -14.68 0.30
CA VAL A 455 -27.26 -15.55 -0.46
C VAL A 455 -26.91 -16.80 0.34
N VAL A 456 -26.63 -16.65 1.63
CA VAL A 456 -26.21 -17.82 2.40
C VAL A 456 -27.39 -18.76 2.65
N LEU A 457 -28.58 -18.20 2.94
CA LEU A 457 -29.73 -19.07 3.16
C LEU A 457 -30.13 -19.80 1.87
N ASN A 458 -29.85 -19.22 0.70
CA ASN A 458 -30.12 -19.95 -0.54
C ASN A 458 -29.24 -21.19 -0.65
N GLN A 459 -27.98 -21.09 -0.19
CA GLN A 459 -27.12 -22.26 -0.15
C GLN A 459 -27.75 -23.34 0.72
N LEU A 460 -28.26 -22.96 1.89
CA LEU A 460 -29.01 -23.93 2.70
C LEU A 460 -30.17 -24.52 1.92
N CYS A 461 -30.93 -23.68 1.22
CA CYS A 461 -32.12 -24.16 0.52
C CYS A 461 -31.76 -25.10 -0.63
N VAL A 462 -30.64 -24.86 -1.30
CA VAL A 462 -30.28 -25.71 -2.43
C VAL A 462 -29.81 -27.08 -1.95
N LEU A 463 -28.95 -27.11 -0.93
CA LEU A 463 -28.52 -28.39 -0.37
C LEU A 463 -29.69 -29.18 0.23
N HIS A 464 -30.66 -28.48 0.80
CA HIS A 464 -31.76 -29.17 1.47
C HIS A 464 -32.78 -29.72 0.48
N GLU A 465 -33.06 -28.97 -0.59
CA GLU A 465 -34.07 -29.41 -1.55
C GLU A 465 -33.69 -30.77 -2.12
N LYS A 466 -32.39 -31.03 -2.28
CA LYS A 466 -31.95 -32.35 -2.75
C LYS A 466 -32.26 -33.42 -1.72
N THR A 467 -31.85 -33.22 -0.46
CA THR A 467 -32.02 -34.20 0.60
C THR A 467 -32.87 -33.58 1.71
N PRO A 468 -34.18 -33.50 1.51
CA PRO A 468 -35.01 -32.80 2.49
C PRO A 468 -35.21 -33.62 3.75
N VAL A 469 -35.13 -32.95 4.90
CA VAL A 469 -35.17 -33.63 6.19
C VAL A 469 -35.99 -32.80 7.17
N SER A 470 -36.21 -31.52 6.87
CA SER A 470 -36.95 -30.64 7.74
C SER A 470 -38.07 -29.96 6.98
N ASP A 471 -39.31 -30.12 7.47
CA ASP A 471 -40.45 -29.41 6.92
C ASP A 471 -40.33 -27.91 7.12
N ARG A 472 -39.82 -27.50 8.29
CA ARG A 472 -39.68 -26.06 8.56
C ARG A 472 -38.71 -25.44 7.56
N VAL A 473 -37.64 -26.14 7.22
CA VAL A 473 -36.68 -25.59 6.25
C VAL A 473 -37.33 -25.47 4.87
N THR A 474 -37.95 -26.55 4.40
CA THR A 474 -38.71 -26.52 3.16
C THR A 474 -39.70 -25.35 3.13
N LYS A 475 -40.40 -25.13 4.24
CA LYS A 475 -41.35 -24.02 4.29
C LYS A 475 -40.66 -22.67 4.10
N CYS A 476 -39.66 -22.38 4.94
CA CYS A 476 -39.02 -21.06 4.85
C CYS A 476 -38.36 -20.87 3.49
N CYS A 477 -37.88 -21.95 2.88
CA CYS A 477 -37.19 -21.86 1.60
C CYS A 477 -38.14 -21.55 0.44
N THR A 478 -39.39 -22.07 0.51
CA THR A 478 -40.25 -22.08 -0.66
C THR A 478 -41.45 -21.15 -0.56
N GLU A 479 -41.85 -20.77 0.66
CA GLU A 479 -43.02 -19.92 0.84
C GLU A 479 -42.84 -18.55 0.22
N SER A 480 -41.62 -17.99 0.28
CA SER A 480 -41.40 -16.62 -0.18
C SER A 480 -39.91 -16.44 -0.41
N LEU A 481 -39.53 -16.04 -1.62
CA LEU A 481 -38.12 -15.76 -1.89
C LEU A 481 -37.59 -14.67 -0.96
N VAL A 482 -38.23 -13.49 -0.99
CA VAL A 482 -37.66 -12.34 -0.30
C VAL A 482 -37.80 -12.43 1.22
N ASN A 483 -38.72 -13.26 1.73
CA ASN A 483 -38.93 -13.41 3.16
C ASN A 483 -38.19 -14.61 3.73
N ARG A 484 -37.31 -15.24 2.96
CA ARG A 484 -36.47 -16.30 3.48
C ARG A 484 -35.75 -15.87 4.77
N ARG A 485 -35.07 -14.71 4.75
CA ARG A 485 -34.29 -14.31 5.91
C ARG A 485 -35.16 -14.13 7.16
N PRO A 486 -36.23 -13.31 7.16
CA PRO A 486 -37.07 -13.24 8.37
C PRO A 486 -37.65 -14.58 8.78
N CYS A 487 -38.03 -15.42 7.81
CA CYS A 487 -38.61 -16.72 8.15
C CYS A 487 -37.60 -17.59 8.88
N PHE A 488 -36.35 -17.61 8.42
CA PHE A 488 -35.33 -18.34 9.17
C PHE A 488 -34.99 -17.62 10.47
N SER A 489 -35.00 -16.28 10.48
CA SER A 489 -34.68 -15.55 11.70
C SER A 489 -35.66 -15.86 12.82
N ALA A 490 -36.91 -16.16 12.48
CA ALA A 490 -37.95 -16.38 13.47
C ALA A 490 -38.14 -17.85 13.84
N LEU A 491 -37.44 -18.78 13.21
CA LEU A 491 -37.55 -20.18 13.63
C LEU A 491 -37.05 -20.35 15.06
N GLU A 492 -37.83 -21.04 15.88
CA GLU A 492 -37.47 -21.29 17.26
C GLU A 492 -36.94 -22.71 17.42
N VAL A 493 -36.51 -23.03 18.64
CA VAL A 493 -35.92 -24.34 18.92
C VAL A 493 -36.89 -25.44 18.51
N ASP A 494 -36.38 -26.44 17.80
CA ASP A 494 -37.18 -27.63 17.57
C ASP A 494 -37.26 -28.41 18.87
N GLU A 495 -38.49 -28.71 19.30
CA GLU A 495 -38.74 -29.50 20.50
C GLU A 495 -39.24 -30.90 20.18
N THR A 496 -39.34 -31.25 18.89
CA THR A 496 -39.77 -32.56 18.46
C THR A 496 -38.61 -33.43 17.99
N TYR A 497 -37.39 -33.05 18.36
CA TYR A 497 -36.19 -33.71 17.86
C TYR A 497 -35.72 -34.76 18.87
N VAL A 498 -35.49 -35.97 18.38
CA VAL A 498 -34.92 -37.04 19.21
C VAL A 498 -33.41 -36.88 19.21
N PRO A 499 -32.79 -36.64 20.36
CA PRO A 499 -31.34 -36.52 20.40
C PRO A 499 -30.65 -37.74 19.82
N LYS A 500 -29.58 -37.51 19.07
CA LYS A 500 -28.77 -38.60 18.57
C LYS A 500 -28.16 -39.39 19.72
N GLU A 501 -28.00 -40.70 19.51
CA GLU A 501 -27.32 -41.52 20.50
C GLU A 501 -25.83 -41.25 20.46
N PHE A 502 -25.17 -41.49 21.60
CA PHE A 502 -23.75 -41.24 21.71
C PHE A 502 -22.97 -42.11 20.74
N ASN A 503 -22.04 -41.50 20.02
CA ASN A 503 -21.06 -42.22 19.21
C ASN A 503 -19.68 -41.83 19.68
N ALA A 504 -18.90 -42.83 20.11
CA ALA A 504 -17.63 -42.55 20.77
C ALA A 504 -16.62 -41.92 19.83
N GLU A 505 -16.47 -42.49 18.62
CA GLU A 505 -15.47 -41.97 17.69
C GLU A 505 -15.81 -40.55 17.26
N THR A 506 -17.08 -40.17 17.32
CA THR A 506 -17.47 -38.78 17.00
C THR A 506 -16.77 -37.80 17.93
N PHE A 507 -16.56 -38.18 19.19
CA PHE A 507 -15.95 -37.31 20.19
C PHE A 507 -14.55 -37.77 20.57
N THR A 508 -13.88 -38.49 19.67
CA THR A 508 -12.48 -38.90 19.84
C THR A 508 -11.61 -38.06 18.94
N PHE A 509 -10.61 -37.42 19.53
CA PHE A 509 -9.73 -36.51 18.80
C PHE A 509 -8.31 -37.06 18.80
N HIS A 510 -7.58 -36.71 17.74
CA HIS A 510 -6.24 -37.22 17.52
C HIS A 510 -5.33 -36.08 17.13
N ALA A 511 -4.01 -36.34 17.19
CA ALA A 511 -3.03 -35.28 17.00
C ALA A 511 -3.04 -34.70 15.59
N ASP A 512 -3.81 -35.27 14.67
CA ASP A 512 -4.03 -34.62 13.37
C ASP A 512 -4.58 -33.21 13.53
N ILE A 513 -5.24 -32.93 14.66
CA ILE A 513 -5.66 -31.57 14.98
C ILE A 513 -4.48 -30.61 14.87
N CYS A 514 -3.42 -30.87 15.64
CA CYS A 514 -2.23 -29.97 15.69
C CYS A 514 -1.51 -29.88 14.32
N THR A 515 -1.66 -30.91 13.47
CA THR A 515 -0.98 -30.93 12.18
C THR A 515 -1.83 -30.31 11.07
N LEU A 516 -2.90 -29.61 11.42
CA LEU A 516 -3.79 -28.99 10.45
C LEU A 516 -3.67 -27.47 10.53
N SER A 517 -4.05 -26.82 9.44
CA SER A 517 -4.12 -25.37 9.46
C SER A 517 -5.32 -24.92 10.29
N GLU A 518 -5.36 -23.61 10.56
CA GLU A 518 -6.41 -23.06 11.43
C GLU A 518 -7.79 -23.44 10.94
N LYS A 519 -8.08 -23.15 9.67
CA LYS A 519 -9.36 -23.51 9.07
C LYS A 519 -9.71 -24.97 9.34
N GLU A 520 -8.74 -25.87 9.17
CA GLU A 520 -9.03 -27.30 9.26
C GLU A 520 -9.38 -27.73 10.68
N ARG A 521 -8.64 -27.21 11.66
CA ARG A 521 -8.95 -27.54 13.05
C ARG A 521 -10.30 -26.94 13.44
N GLN A 522 -10.60 -25.73 12.97
CA GLN A 522 -11.86 -25.08 13.31
C GLN A 522 -13.05 -25.94 12.88
N ILE A 523 -13.06 -26.37 11.61
CA ILE A 523 -14.16 -27.19 11.13
C ILE A 523 -14.32 -28.45 11.96
N LYS A 524 -13.20 -29.06 12.36
CA LYS A 524 -13.30 -30.28 13.15
C LYS A 524 -13.91 -30.00 14.53
N LYS A 525 -13.47 -28.93 15.19
CA LYS A 525 -14.11 -28.55 16.44
C LYS A 525 -15.58 -28.17 16.22
N GLN A 526 -15.87 -27.41 15.16
CA GLN A 526 -17.25 -27.04 14.87
C GLN A 526 -18.11 -28.25 14.54
N THR A 527 -17.58 -29.20 13.76
CA THR A 527 -18.31 -30.45 13.53
C THR A 527 -18.65 -31.13 14.86
N ALA A 528 -17.67 -31.21 15.76
CA ALA A 528 -17.93 -31.83 17.06
C ALA A 528 -18.98 -31.03 17.84
N LEU A 529 -18.90 -29.70 17.79
CA LEU A 529 -19.86 -28.87 18.51
C LEU A 529 -21.29 -29.07 18.02
N VAL A 530 -21.49 -29.30 16.72
CA VAL A 530 -22.83 -29.59 16.23
C VAL A 530 -23.28 -30.97 16.68
N GLU A 531 -22.41 -31.97 16.53
CA GLU A 531 -22.74 -33.31 17.01
C GLU A 531 -23.06 -33.29 18.50
N LEU A 532 -22.29 -32.53 19.29
CA LEU A 532 -22.60 -32.40 20.71
C LEU A 532 -24.03 -31.90 20.92
N VAL A 533 -24.37 -30.76 20.29
CA VAL A 533 -25.72 -30.22 20.44
C VAL A 533 -26.77 -31.19 19.95
N LYS A 534 -26.46 -31.97 18.91
CA LYS A 534 -27.43 -32.95 18.44
C LYS A 534 -27.59 -34.10 19.44
N HIS A 535 -26.50 -34.48 20.10
CA HIS A 535 -26.56 -35.51 21.13
C HIS A 535 -27.32 -35.02 22.36
N LYS A 536 -27.13 -33.75 22.74
CA LYS A 536 -27.77 -33.17 23.91
C LYS A 536 -28.34 -31.80 23.55
N PRO A 537 -29.49 -31.77 22.87
CA PRO A 537 -30.03 -30.47 22.39
C PRO A 537 -30.50 -29.54 23.49
N LYS A 538 -30.96 -30.06 24.61
CA LYS A 538 -31.44 -29.16 25.65
C LYS A 538 -30.31 -28.57 26.48
N ALA A 539 -29.06 -28.83 26.10
CA ALA A 539 -27.92 -28.26 26.84
C ALA A 539 -27.94 -26.75 26.74
N THR A 540 -27.68 -26.09 27.87
CA THR A 540 -27.74 -24.64 27.93
C THR A 540 -26.48 -24.02 27.31
N LYS A 541 -26.59 -22.73 27.02
CA LYS A 541 -25.45 -21.98 26.47
C LYS A 541 -24.24 -22.11 27.38
N GLU A 542 -24.44 -22.03 28.68
CA GLU A 542 -23.31 -22.05 29.60
C GLU A 542 -22.79 -23.46 29.81
N GLN A 543 -23.68 -24.46 29.77
CA GLN A 543 -23.19 -25.85 29.74
C GLN A 543 -22.26 -26.08 28.55
N LEU A 544 -22.63 -25.54 27.37
CA LEU A 544 -21.82 -25.75 26.17
C LEU A 544 -20.52 -24.97 26.24
N LYS A 545 -20.56 -23.72 26.74
CA LYS A 545 -19.32 -23.00 26.99
C LYS A 545 -18.40 -23.76 27.93
N ALA A 546 -18.97 -24.48 28.90
CA ALA A 546 -18.16 -25.26 29.83
C ALA A 546 -17.41 -26.35 29.10
N VAL A 547 -18.10 -27.13 28.26
CA VAL A 547 -17.46 -28.17 27.48
C VAL A 547 -16.48 -27.56 26.49
N MET A 548 -16.77 -26.36 25.99
CA MET A 548 -15.87 -25.70 25.05
C MET A 548 -14.58 -25.22 25.73
N ASP A 549 -14.65 -24.82 27.00
CA ASP A 549 -13.43 -24.48 27.72
C ASP A 549 -12.58 -25.73 27.93
N ASP A 550 -13.18 -26.77 28.52
CA ASP A 550 -12.48 -28.03 28.73
C ASP A 550 -11.74 -28.49 27.48
N PHE A 551 -12.45 -28.50 26.35
CA PHE A 551 -11.84 -28.95 25.11
C PHE A 551 -10.71 -28.02 24.67
N ALA A 552 -10.93 -26.71 24.76
CA ALA A 552 -9.91 -25.76 24.32
C ALA A 552 -8.60 -25.98 25.07
N ALA A 553 -8.68 -26.11 26.40
CA ALA A 553 -7.52 -26.50 27.18
C ALA A 553 -7.02 -27.88 26.77
N PHE A 554 -7.94 -28.83 26.60
CA PHE A 554 -7.58 -30.20 26.22
C PHE A 554 -6.68 -30.22 24.98
N VAL A 555 -7.01 -29.44 23.96
CA VAL A 555 -6.20 -29.50 22.75
C VAL A 555 -4.96 -28.63 22.86
N GLU A 556 -5.00 -27.55 23.66
CA GLU A 556 -3.78 -26.80 23.87
C GLU A 556 -2.75 -27.63 24.63
N LYS A 557 -3.21 -28.53 25.51
CA LYS A 557 -2.29 -29.35 26.27
C LYS A 557 -1.76 -30.51 25.44
N CYS A 558 -2.64 -31.21 24.73
CA CYS A 558 -2.22 -32.40 24.01
C CYS A 558 -1.54 -32.11 22.68
N CYS A 559 -1.47 -30.84 22.27
CA CYS A 559 -0.63 -30.51 21.12
C CYS A 559 0.76 -30.11 21.54
N LYS A 560 0.91 -29.56 22.74
CA LYS A 560 2.21 -29.36 23.38
C LYS A 560 2.61 -30.56 24.23
N ALA A 561 2.06 -31.74 23.95
CA ALA A 561 2.32 -32.94 24.74
C ALA A 561 3.53 -33.67 24.17
N ASP A 562 4.43 -34.07 25.08
CA ASP A 562 5.57 -34.94 24.82
C ASP A 562 5.31 -36.06 23.83
N ASP A 563 4.24 -36.82 24.07
CA ASP A 563 3.72 -37.82 23.15
C ASP A 563 2.33 -37.29 22.80
N LYS A 564 2.13 -36.92 21.54
CA LYS A 564 0.90 -36.22 21.17
C LYS A 564 -0.29 -37.17 21.13
N GLU A 565 -0.19 -38.27 20.37
CA GLU A 565 -1.34 -39.13 20.16
C GLU A 565 -1.83 -39.75 21.45
N THR A 566 -0.90 -40.23 22.30
CA THR A 566 -1.31 -40.83 23.57
C THR A 566 -2.02 -39.81 24.47
N CYS A 567 -1.63 -38.54 24.41
CA CYS A 567 -2.30 -37.51 25.20
C CYS A 567 -3.77 -37.38 24.79
N PHE A 568 -4.01 -37.12 23.50
CA PHE A 568 -5.37 -37.03 22.99
C PHE A 568 -6.20 -38.25 23.39
N ALA A 569 -5.59 -39.42 23.39
CA ALA A 569 -6.32 -40.62 23.79
C ALA A 569 -6.56 -40.65 25.29
N GLU A 570 -5.52 -40.37 26.09
CA GLU A 570 -5.66 -40.42 27.54
C GLU A 570 -6.58 -39.32 28.05
N GLU A 571 -6.20 -38.07 27.86
CA GLU A 571 -6.98 -36.96 28.39
C GLU A 571 -8.33 -36.83 27.68
N GLY A 572 -8.43 -37.31 26.44
CA GLY A 572 -9.68 -37.21 25.72
C GLY A 572 -10.81 -38.00 26.36
N LYS A 573 -10.51 -39.23 26.79
CA LYS A 573 -11.53 -40.03 27.44
C LYS A 573 -11.96 -39.44 28.77
N LYS A 574 -11.04 -38.77 29.46
CA LYS A 574 -11.42 -38.01 30.65
C LYS A 574 -12.32 -36.84 30.29
N LEU A 575 -12.09 -36.23 29.12
CA LEU A 575 -12.95 -35.14 28.70
C LEU A 575 -14.34 -35.65 28.33
N VAL A 576 -14.40 -36.73 27.54
CA VAL A 576 -15.68 -37.33 27.16
C VAL A 576 -16.49 -37.68 28.40
N ALA A 577 -15.88 -38.44 29.31
CA ALA A 577 -16.57 -38.82 30.55
C ALA A 577 -16.98 -37.59 31.34
N ALA A 578 -16.07 -36.63 31.51
CA ALA A 578 -16.38 -35.42 32.26
C ALA A 578 -17.52 -34.65 31.60
N SER A 579 -17.53 -34.59 30.26
CA SER A 579 -18.60 -33.89 29.56
C SER A 579 -19.89 -34.70 29.58
N GLN A 580 -19.78 -36.02 29.39
CA GLN A 580 -20.98 -36.85 29.42
C GLN A 580 -21.70 -36.71 30.75
N ALA A 581 -20.95 -36.69 31.85
CA ALA A 581 -21.57 -36.53 33.16
C ALA A 581 -22.06 -35.10 33.38
N ALA A 582 -21.34 -34.11 32.85
CA ALA A 582 -21.76 -32.73 33.00
C ALA A 582 -23.02 -32.40 32.21
N LEU A 583 -23.38 -33.24 31.24
CA LEU A 583 -24.57 -33.01 30.42
C LEU A 583 -25.58 -34.14 30.46
N GLY A 584 -25.22 -35.32 30.96
CA GLY A 584 -26.12 -36.45 30.97
C GLY A 584 -27.25 -36.31 31.98
N LYS B 4 -29.88 7.06 38.82
CA LYS B 4 -29.11 6.97 37.58
C LYS B 4 -27.63 6.92 37.91
N SER B 5 -26.92 5.97 37.29
CA SER B 5 -25.57 5.62 37.71
C SER B 5 -24.60 5.86 36.56
N GLU B 6 -23.76 6.88 36.69
CA GLU B 6 -22.75 7.14 35.67
C GLU B 6 -21.80 5.97 35.48
N VAL B 7 -21.36 5.32 36.57
CA VAL B 7 -20.41 4.23 36.40
C VAL B 7 -21.04 3.10 35.60
N ALA B 8 -22.35 2.87 35.81
CA ALA B 8 -23.02 1.81 35.07
C ALA B 8 -23.17 2.17 33.60
N HIS B 9 -23.49 3.43 33.32
CA HIS B 9 -23.69 3.85 31.94
C HIS B 9 -22.40 3.68 31.11
N ARG B 10 -21.27 4.10 31.66
CA ARG B 10 -20.00 3.96 30.94
C ARG B 10 -19.55 2.51 30.86
N PHE B 11 -19.83 1.71 31.90
CA PHE B 11 -19.49 0.29 31.83
C PHE B 11 -20.18 -0.39 30.67
N LYS B 12 -21.47 -0.09 30.48
CA LYS B 12 -22.22 -0.69 29.38
C LYS B 12 -21.80 -0.12 28.04
N ASP B 13 -21.52 1.18 27.99
CA ASP B 13 -21.07 1.76 26.72
C ASP B 13 -19.72 1.20 26.29
N LEU B 14 -18.78 1.06 27.23
CA LEU B 14 -17.41 0.68 26.88
C LEU B 14 -17.18 -0.82 26.86
N GLY B 15 -17.96 -1.60 27.61
CA GLY B 15 -17.64 -3.00 27.82
C GLY B 15 -16.58 -3.19 28.89
N GLU B 16 -16.58 -4.38 29.48
CA GLU B 16 -15.77 -4.62 30.66
C GLU B 16 -14.27 -4.45 30.38
N GLU B 17 -13.78 -4.94 29.25
CA GLU B 17 -12.34 -4.94 29.02
C GLU B 17 -11.81 -3.52 28.80
N ASN B 18 -12.50 -2.72 27.98
CA ASN B 18 -12.08 -1.33 27.84
C ASN B 18 -12.20 -0.60 29.16
N PHE B 19 -13.23 -0.92 29.94
CA PHE B 19 -13.48 -0.21 31.18
C PHE B 19 -12.36 -0.43 32.18
N LYS B 20 -11.96 -1.69 32.36
CA LYS B 20 -10.87 -2.01 33.30
C LYS B 20 -9.57 -1.35 32.88
N ALA B 21 -9.23 -1.46 31.60
CA ALA B 21 -7.99 -0.86 31.10
C ALA B 21 -7.98 0.64 31.35
N LEU B 22 -9.11 1.31 31.13
CA LEU B 22 -9.18 2.76 31.32
C LEU B 22 -9.10 3.14 32.79
N VAL B 23 -9.72 2.36 33.68
CA VAL B 23 -9.58 2.61 35.11
C VAL B 23 -8.13 2.41 35.56
N LEU B 24 -7.47 1.37 35.05
CA LEU B 24 -6.04 1.18 35.38
C LEU B 24 -5.23 2.40 34.96
N ILE B 25 -5.51 2.92 33.75
CA ILE B 25 -4.77 4.08 33.25
C ILE B 25 -5.03 5.29 34.13
N ALA B 26 -6.30 5.50 34.51
CA ALA B 26 -6.65 6.66 35.32
C ALA B 26 -5.92 6.65 36.65
N PHE B 27 -5.88 5.50 37.33
CA PHE B 27 -5.17 5.47 38.60
C PHE B 27 -3.67 5.51 38.42
N ALA B 28 -3.14 4.84 37.39
CA ALA B 28 -1.69 4.90 37.19
C ALA B 28 -1.23 6.31 36.88
N GLN B 29 -2.06 7.11 36.18
CA GLN B 29 -1.61 8.45 35.82
C GLN B 29 -1.66 9.42 37.00
N TYR B 30 -2.57 9.22 37.96
CA TYR B 30 -2.63 10.10 39.12
C TYR B 30 -1.81 9.60 40.30
N LEU B 31 -1.63 8.29 40.46
CA LEU B 31 -0.83 7.71 41.54
C LEU B 31 0.37 6.99 40.92
N GLN B 32 1.35 7.75 40.45
CA GLN B 32 2.38 7.18 39.59
C GLN B 32 3.44 6.37 40.37
N GLN B 33 3.46 6.55 41.69
CA GLN B 33 4.49 5.87 42.55
C GLN B 33 3.95 4.57 43.16
N PRO B 35 2.86 0.75 43.43
CA PRO B 35 3.29 -0.45 42.71
C PRO B 35 2.18 -1.16 41.94
N PHE B 36 2.57 -1.93 40.92
CA PHE B 36 1.63 -2.55 39.97
C PHE B 36 0.51 -3.31 40.68
N GLU B 37 0.87 -4.12 41.67
CA GLU B 37 -0.11 -4.98 42.32
C GLU B 37 -1.16 -4.20 43.09
N ASP B 38 -0.78 -3.05 43.65
CA ASP B 38 -1.78 -2.18 44.30
C ASP B 38 -2.84 -1.75 43.29
N HIS B 39 -2.40 -1.27 42.11
CA HIS B 39 -3.36 -0.82 41.10
C HIS B 39 -4.21 -1.96 40.57
N VAL B 40 -3.64 -3.16 40.40
CA VAL B 40 -4.46 -4.29 39.96
C VAL B 40 -5.60 -4.53 40.94
N LYS B 41 -5.28 -4.55 42.23
CA LYS B 41 -6.32 -4.78 43.23
C LYS B 41 -7.40 -3.71 43.15
N LEU B 42 -6.95 -2.45 43.10
CA LEU B 42 -7.86 -1.27 43.04
C LEU B 42 -8.78 -1.35 41.81
N VAL B 43 -8.24 -1.76 40.65
CA VAL B 43 -9.06 -1.82 39.43
C VAL B 43 -10.08 -2.94 39.52
N ASN B 44 -9.69 -4.08 40.10
CA ASN B 44 -10.65 -5.17 40.22
C ASN B 44 -11.80 -4.79 41.15
N GLU B 45 -11.52 -4.02 42.21
CA GLU B 45 -12.58 -3.60 43.12
C GLU B 45 -13.49 -2.58 42.45
N VAL B 46 -12.91 -1.60 41.77
CA VAL B 46 -13.71 -0.65 41.00
C VAL B 46 -14.57 -1.40 39.98
N THR B 47 -14.01 -2.44 39.37
CA THR B 47 -14.74 -3.17 38.33
C THR B 47 -15.89 -3.97 38.92
N GLU B 48 -15.68 -4.56 40.10
CA GLU B 48 -16.75 -5.27 40.78
C GLU B 48 -17.86 -4.32 41.21
N PHE B 49 -17.50 -3.13 41.69
CA PHE B 49 -18.50 -2.12 42.02
C PHE B 49 -19.31 -1.72 40.79
N ALA B 50 -18.64 -1.50 39.66
CA ALA B 50 -19.36 -1.08 38.47
C ALA B 50 -20.35 -2.15 38.02
N LYS B 51 -19.97 -3.43 38.11
CA LYS B 51 -20.92 -4.48 37.73
C LYS B 51 -22.11 -4.52 38.68
N THR B 52 -21.89 -4.22 39.95
CA THR B 52 -23.00 -4.10 40.90
C THR B 52 -23.95 -3.01 40.43
N CYS B 53 -23.40 -1.85 40.06
CA CYS B 53 -24.20 -0.73 39.63
C CYS B 53 -24.96 -1.02 38.34
N VAL B 54 -24.36 -1.79 37.43
CA VAL B 54 -25.09 -2.21 36.23
C VAL B 54 -26.28 -3.08 36.62
N ALA B 55 -26.08 -4.01 37.53
CA ALA B 55 -27.17 -4.90 37.93
C ALA B 55 -28.22 -4.15 38.73
N ASP B 56 -27.82 -3.16 39.54
CA ASP B 56 -28.76 -2.43 40.37
C ASP B 56 -28.24 -1.00 40.52
N GLU B 57 -28.81 -0.08 39.76
CA GLU B 57 -28.31 1.30 39.77
C GLU B 57 -28.65 2.04 41.06
N SER B 58 -29.52 1.49 41.91
CA SER B 58 -29.79 2.09 43.20
C SER B 58 -28.87 1.59 44.30
N ALA B 59 -27.99 0.64 44.01
CA ALA B 59 -27.13 0.11 45.06
C ALA B 59 -26.17 1.18 45.55
N GLU B 60 -25.71 1.01 46.80
CA GLU B 60 -24.88 1.98 47.50
C GLU B 60 -23.81 2.59 46.60
N ASN B 61 -23.75 3.92 46.60
CA ASN B 61 -22.73 4.72 45.91
C ASN B 61 -22.86 4.74 44.40
N CYS B 62 -23.74 3.91 43.83
CA CYS B 62 -23.87 3.83 42.38
C CYS B 62 -24.38 5.12 41.76
N ASP B 63 -25.11 5.95 42.50
CA ASP B 63 -25.57 7.20 41.93
C ASP B 63 -24.59 8.36 42.10
N LYS B 64 -23.42 8.14 42.70
CA LYS B 64 -22.46 9.24 42.81
C LYS B 64 -21.85 9.57 41.45
N SER B 65 -21.30 10.78 41.33
CA SER B 65 -20.57 11.17 40.13
C SER B 65 -19.22 10.46 40.08
N LEU B 66 -18.71 10.26 38.87
CA LEU B 66 -17.38 9.68 38.70
C LEU B 66 -16.31 10.53 39.40
N HIS B 67 -16.41 11.85 39.31
CA HIS B 67 -15.52 12.74 40.03
C HIS B 67 -15.43 12.36 41.51
N THR B 68 -16.59 12.32 42.17
CA THR B 68 -16.62 12.05 43.61
C THR B 68 -16.03 10.68 43.90
N LEU B 69 -16.45 9.68 43.13
CA LEU B 69 -15.98 8.31 43.35
C LEU B 69 -14.48 8.22 43.14
N PHE B 70 -14.00 8.70 42.00
CA PHE B 70 -12.57 8.70 41.70
C PHE B 70 -11.79 9.43 42.77
N GLY B 71 -12.22 10.65 43.11
CA GLY B 71 -11.51 11.45 44.09
C GLY B 71 -11.50 10.84 45.48
N ASP B 72 -12.58 10.15 45.86
CA ASP B 72 -12.60 9.48 47.15
C ASP B 72 -11.58 8.35 47.18
N LYS B 73 -11.60 7.51 46.15
CA LYS B 73 -10.65 6.41 46.05
C LYS B 73 -9.22 6.94 46.08
N LEU B 74 -8.95 7.97 45.27
CA LEU B 74 -7.64 8.64 45.30
C LEU B 74 -7.30 9.09 46.70
N CYS B 75 -8.27 9.66 47.40
CA CYS B 75 -7.94 10.26 48.69
C CYS B 75 -7.74 9.21 49.77
N THR B 76 -8.31 8.03 49.61
CA THR B 76 -8.02 6.93 50.53
C THR B 76 -6.55 6.55 50.47
N VAL B 77 -6.00 6.40 49.26
CA VAL B 77 -4.59 6.03 49.12
C VAL B 77 -3.70 7.15 49.63
N ALA B 78 -3.98 8.39 49.24
CA ALA B 78 -3.02 9.46 49.48
C ALA B 78 -2.91 9.82 50.95
N THR B 79 -4.06 9.92 51.64
CA THR B 79 -4.05 10.33 53.03
C THR B 79 -3.69 9.20 54.00
N LEU B 80 -3.73 7.94 53.54
CA LEU B 80 -3.39 6.80 54.37
C LEU B 80 -2.00 6.25 54.06
N ARG B 81 -1.73 5.92 52.80
CA ARG B 81 -0.41 5.46 52.38
C ARG B 81 0.53 6.65 52.25
N GLU B 82 1.55 6.71 53.12
CA GLU B 82 2.53 7.80 53.10
C GLU B 82 3.37 7.59 51.85
N THR B 83 2.85 8.07 50.73
CA THR B 83 3.61 8.04 49.45
C THR B 83 3.24 9.35 48.76
N TYR B 84 2.03 9.84 49.07
CA TYR B 84 1.50 11.05 48.45
C TYR B 84 1.08 12.03 49.55
N GLY B 85 2.09 12.51 50.29
CA GLY B 85 1.80 13.49 51.33
C GLY B 85 1.20 14.77 50.77
N GLU B 86 1.80 15.31 49.71
CA GLU B 86 1.27 16.52 49.10
C GLU B 86 -0.15 16.31 48.59
N MET B 87 -0.41 15.16 47.97
CA MET B 87 -1.72 14.93 47.38
C MET B 87 -2.82 14.93 48.42
N ALA B 88 -2.50 14.61 49.68
CA ALA B 88 -3.48 14.67 50.75
C ALA B 88 -4.03 16.07 50.96
N ASP B 89 -3.28 17.11 50.55
CA ASP B 89 -3.79 18.47 50.65
C ASP B 89 -5.11 18.62 49.91
N CYS B 90 -5.15 18.14 48.65
CA CYS B 90 -6.37 18.24 47.85
C CYS B 90 -7.55 17.61 48.57
N CYS B 91 -7.30 16.65 49.45
CA CYS B 91 -8.37 15.82 49.97
C CYS B 91 -9.20 16.54 51.04
N ALA B 92 -8.67 17.63 51.61
CA ALA B 92 -9.49 18.49 52.45
C ALA B 92 -10.55 19.26 51.66
N LYS B 93 -10.36 19.43 50.36
CA LYS B 93 -11.30 20.20 49.56
C LYS B 93 -12.54 19.39 49.22
N GLN B 94 -13.59 20.09 48.82
CA GLN B 94 -14.74 19.50 48.17
C GLN B 94 -14.62 19.61 46.66
N GLU B 95 -15.45 18.86 45.94
CA GLU B 95 -15.58 19.06 44.52
C GLU B 95 -16.30 20.39 44.28
N PRO B 96 -15.92 21.16 43.24
CA PRO B 96 -15.01 20.75 42.15
C PRO B 96 -13.55 21.03 42.44
N GLU B 97 -13.27 21.72 43.55
CA GLU B 97 -11.91 22.15 43.81
C GLU B 97 -10.99 20.96 44.07
N ARG B 98 -11.51 19.89 44.67
CA ARG B 98 -10.69 18.72 44.93
C ARG B 98 -10.16 18.10 43.64
N ASN B 99 -11.05 17.84 42.68
CA ASN B 99 -10.60 17.17 41.46
C ASN B 99 -9.59 18.04 40.73
N GLU B 100 -9.84 19.35 40.63
CA GLU B 100 -8.87 20.21 39.95
C GLU B 100 -7.53 20.24 40.67
N CYS B 101 -7.55 20.23 42.01
CA CYS B 101 -6.30 20.27 42.79
C CYS B 101 -5.40 19.08 42.48
N PHE B 102 -5.98 17.94 42.06
CA PHE B 102 -5.17 16.77 41.75
C PHE B 102 -4.18 17.01 40.61
N LEU B 103 -4.50 17.93 39.68
CA LEU B 103 -3.74 18.07 38.44
C LEU B 103 -2.27 18.41 38.70
N GLN B 104 -1.99 19.26 39.69
CA GLN B 104 -0.62 19.69 39.90
C GLN B 104 0.27 18.53 40.35
N HIS B 105 -0.32 17.49 40.93
CA HIS B 105 0.42 16.31 41.34
C HIS B 105 0.60 15.30 40.22
N LYS B 106 0.05 15.55 39.03
CA LYS B 106 0.46 14.80 37.86
C LYS B 106 1.89 15.19 37.53
N ASP B 107 2.80 14.22 37.55
CA ASP B 107 4.24 14.47 37.48
C ASP B 107 4.69 14.19 36.05
N ASP B 108 5.07 15.25 35.34
CA ASP B 108 5.49 15.09 33.95
C ASP B 108 6.85 14.43 33.81
N ASN B 109 7.61 14.33 34.90
CA ASN B 109 8.93 13.67 34.89
C ASN B 109 9.09 12.90 36.19
N PRO B 110 8.36 11.80 36.36
CA PRO B 110 8.42 11.08 37.63
C PRO B 110 9.78 10.43 37.80
N ASN B 111 10.14 10.19 39.05
CA ASN B 111 11.46 9.60 39.32
C ASN B 111 11.27 8.10 39.38
N LEU B 112 11.49 7.43 38.25
CA LEU B 112 11.18 6.02 38.13
C LEU B 112 12.34 5.29 37.49
N PRO B 113 12.69 4.10 37.99
CA PRO B 113 13.75 3.31 37.34
C PRO B 113 13.35 2.94 35.92
N ARG B 114 14.34 2.85 35.04
CA ARG B 114 14.06 2.51 33.66
C ARG B 114 13.58 1.06 33.57
N LEU B 115 12.71 0.82 32.59
CA LEU B 115 12.18 -0.52 32.38
C LEU B 115 13.30 -1.48 32.00
N VAL B 116 13.42 -2.58 32.71
CA VAL B 116 14.34 -3.63 32.30
C VAL B 116 13.63 -4.53 31.30
N ARG B 117 14.40 -5.13 30.41
CA ARG B 117 13.82 -5.97 29.37
C ARG B 117 14.37 -7.38 29.51
N PRO B 118 13.53 -8.35 29.85
CA PRO B 118 13.95 -9.75 29.76
C PRO B 118 14.24 -10.13 28.32
N GLU B 119 14.73 -11.36 28.15
CA GLU B 119 14.96 -11.90 26.82
C GLU B 119 13.63 -12.04 26.05
N VAL B 120 13.72 -11.91 24.73
CA VAL B 120 12.53 -11.97 23.89
C VAL B 120 11.77 -13.28 24.12
N ASP B 121 12.48 -14.41 24.20
CA ASP B 121 11.78 -15.67 24.40
C ASP B 121 11.11 -15.73 25.78
N VAL B 122 11.77 -15.18 26.80
CA VAL B 122 11.17 -15.06 28.12
C VAL B 122 9.89 -14.21 28.05
N MET B 123 9.97 -13.06 27.40
CA MET B 123 8.77 -12.22 27.27
C MET B 123 7.66 -12.95 26.52
N CYS B 124 8.01 -13.62 25.42
CA CYS B 124 7.01 -14.39 24.69
C CYS B 124 6.35 -15.41 25.58
N THR B 125 7.13 -16.06 26.44
CA THR B 125 6.57 -17.04 27.38
C THR B 125 5.59 -16.37 28.34
N ALA B 126 6.03 -15.28 28.98
CA ALA B 126 5.16 -14.56 29.90
C ALA B 126 3.89 -14.08 29.19
N PHE B 127 4.03 -13.60 27.95
CA PHE B 127 2.85 -13.14 27.20
C PHE B 127 1.87 -14.28 26.95
N HIS B 128 2.38 -15.47 26.61
CA HIS B 128 1.52 -16.64 26.44
C HIS B 128 0.87 -17.04 27.75
N ASP B 129 1.65 -17.08 28.84
CA ASP B 129 1.16 -17.66 30.09
C ASP B 129 0.02 -16.84 30.69
N ASN B 130 0.09 -15.51 30.59
CA ASN B 130 -0.97 -14.67 31.14
C ASN B 130 -0.99 -13.37 30.33
N GLU B 131 -1.67 -13.43 29.19
CA GLU B 131 -1.78 -12.25 28.33
C GLU B 131 -2.38 -11.08 29.08
N GLU B 132 -3.38 -11.35 29.93
CA GLU B 132 -4.10 -10.29 30.62
C GLU B 132 -3.17 -9.52 31.54
N THR B 133 -2.36 -10.24 32.33
CA THR B 133 -1.42 -9.58 33.23
C THR B 133 -0.33 -8.86 32.45
N PHE B 134 0.13 -9.46 31.34
CA PHE B 134 1.17 -8.86 30.49
C PHE B 134 0.72 -7.48 30.01
N LEU B 135 -0.52 -7.39 29.50
CA LEU B 135 -1.02 -6.13 28.96
C LEU B 135 -1.28 -5.10 30.05
N LYS B 136 -1.79 -5.52 31.21
CA LYS B 136 -1.97 -4.58 32.31
C LYS B 136 -0.64 -3.96 32.72
N LYS B 137 0.41 -4.76 32.77
CA LYS B 137 1.73 -4.24 33.13
C LYS B 137 2.21 -3.24 32.10
N TYR B 138 1.95 -3.53 30.83
CA TYR B 138 2.25 -2.56 29.78
C TYR B 138 1.50 -1.25 30.00
N LEU B 139 0.18 -1.32 30.19
CA LEU B 139 -0.59 -0.11 30.39
C LEU B 139 -0.11 0.63 31.63
N TYR B 140 0.20 -0.11 32.69
CA TYR B 140 0.64 0.51 33.93
C TYR B 140 1.95 1.25 33.74
N GLU B 141 2.95 0.59 33.14
CA GLU B 141 4.25 1.24 33.04
C GLU B 141 4.21 2.45 32.12
N ILE B 142 3.44 2.39 31.04
CA ILE B 142 3.38 3.54 30.12
C ILE B 142 2.62 4.70 30.77
N ALA B 143 1.45 4.40 31.36
CA ALA B 143 0.60 5.46 31.89
C ALA B 143 1.30 6.22 33.02
N ARG B 144 1.98 5.50 33.92
CA ARG B 144 2.68 6.16 35.02
C ARG B 144 3.82 7.05 34.50
N ARG B 145 4.41 6.70 33.36
CA ARG B 145 5.49 7.51 32.80
C ARG B 145 4.99 8.63 31.92
N HIS B 146 3.74 8.57 31.47
CA HIS B 146 3.15 9.55 30.57
C HIS B 146 1.77 9.88 31.13
N PRO B 147 1.71 10.76 32.13
CA PRO B 147 0.45 10.95 32.85
C PRO B 147 -0.61 11.69 32.04
N TYR B 148 -0.27 12.21 30.87
CA TYR B 148 -1.28 12.78 30.00
C TYR B 148 -1.46 12.01 28.69
N PHE B 149 -0.89 10.80 28.57
CA PHE B 149 -1.11 10.01 27.35
C PHE B 149 -2.60 9.93 27.04
N TYR B 150 -2.96 10.26 25.80
CA TYR B 150 -4.37 10.21 25.38
C TYR B 150 -4.92 8.80 25.62
N ALA B 151 -5.90 8.67 26.53
CA ALA B 151 -6.31 7.34 27.01
C ALA B 151 -6.85 6.43 25.91
N PRO B 152 -7.78 6.86 25.06
CA PRO B 152 -8.19 5.95 23.95
C PRO B 152 -7.04 5.56 23.05
N GLU B 153 -6.09 6.46 22.80
CA GLU B 153 -4.95 6.07 21.97
C GLU B 153 -4.03 5.09 22.69
N LEU B 154 -3.90 5.17 24.02
CA LEU B 154 -3.10 4.17 24.72
C LEU B 154 -3.72 2.79 24.60
N LEU B 155 -5.05 2.72 24.55
CA LEU B 155 -5.68 1.43 24.23
C LEU B 155 -5.26 0.95 22.85
N PHE B 156 -5.25 1.85 21.87
CA PHE B 156 -4.79 1.50 20.53
C PHE B 156 -3.37 0.96 20.56
N PHE B 157 -2.47 1.66 21.25
CA PHE B 157 -1.09 1.21 21.32
C PHE B 157 -0.97 -0.15 21.99
N ALA B 158 -1.81 -0.43 23.01
CA ALA B 158 -1.74 -1.74 23.66
C ALA B 158 -2.16 -2.85 22.70
N LYS B 159 -3.14 -2.58 21.84
CA LYS B 159 -3.57 -3.55 20.85
C LYS B 159 -2.47 -3.81 19.81
N ARG B 160 -1.75 -2.76 19.39
CA ARG B 160 -0.65 -2.97 18.48
C ARG B 160 0.50 -3.69 19.18
N TYR B 161 0.72 -3.38 20.46
CA TYR B 161 1.73 -4.08 21.24
C TYR B 161 1.44 -5.58 21.31
N LYS B 162 0.18 -5.94 21.59
CA LYS B 162 -0.21 -7.34 21.61
C LYS B 162 0.00 -8.00 20.25
N ALA B 163 -0.43 -7.33 19.17
CA ALA B 163 -0.29 -7.92 17.84
C ALA B 163 1.17 -8.19 17.49
N ALA B 164 2.07 -7.31 17.95
CA ALA B 164 3.49 -7.54 17.70
C ALA B 164 3.95 -8.83 18.36
N PHE B 165 3.54 -9.05 19.61
CA PHE B 165 3.91 -10.28 20.29
C PHE B 165 3.21 -11.48 19.65
N THR B 166 1.94 -11.32 19.28
CA THR B 166 1.23 -12.41 18.63
C THR B 166 1.94 -12.82 17.34
N GLU B 167 2.41 -11.85 16.55
CA GLU B 167 3.11 -12.19 15.32
C GLU B 167 4.51 -12.72 15.58
N CYS B 168 5.31 -11.97 16.34
CA CYS B 168 6.73 -12.28 16.38
C CYS B 168 7.07 -13.48 17.26
N CYS B 169 6.20 -13.86 18.20
CA CYS B 169 6.53 -14.96 19.09
C CYS B 169 6.35 -16.32 18.43
N GLN B 170 5.87 -16.37 17.19
CA GLN B 170 5.85 -17.58 16.39
C GLN B 170 6.75 -17.44 15.17
N ALA B 171 7.78 -16.62 15.29
CA ALA B 171 8.77 -16.40 14.24
C ALA B 171 10.01 -17.22 14.55
N ALA B 172 10.68 -17.66 13.49
CA ALA B 172 11.93 -18.39 13.65
C ALA B 172 12.92 -17.60 14.49
N ASP B 173 13.17 -16.34 14.10
CA ASP B 173 14.01 -15.43 14.87
C ASP B 173 13.06 -14.42 15.54
N LYS B 174 12.68 -14.73 16.79
CA LYS B 174 11.74 -13.89 17.50
C LYS B 174 12.26 -12.46 17.66
N ALA B 175 13.50 -12.31 18.12
CA ALA B 175 14.02 -10.98 18.38
C ALA B 175 14.11 -10.13 17.11
N ALA B 176 14.52 -10.73 15.99
CA ALA B 176 14.65 -9.96 14.77
C ALA B 176 13.31 -9.41 14.29
N CYS B 177 12.23 -10.13 14.56
CA CYS B 177 10.89 -9.66 14.25
C CYS B 177 10.42 -8.58 15.24
N LEU B 178 10.67 -8.80 16.54
CA LEU B 178 9.93 -8.05 17.56
C LEU B 178 10.61 -6.72 17.90
N LEU B 179 11.92 -6.74 18.11
CA LEU B 179 12.60 -5.52 18.52
C LEU B 179 12.41 -4.37 17.52
N PRO B 180 12.42 -4.59 16.20
CA PRO B 180 12.10 -3.47 15.30
C PRO B 180 10.72 -2.90 15.50
N LYS B 181 9.71 -3.75 15.70
CA LYS B 181 8.35 -3.26 15.91
C LYS B 181 8.23 -2.50 17.23
N LEU B 182 8.87 -3.01 18.28
CA LEU B 182 8.81 -2.32 19.56
C LEU B 182 9.53 -0.99 19.49
N ASP B 183 10.59 -0.88 18.68
CA ASP B 183 11.26 0.40 18.55
C ASP B 183 10.39 1.40 17.80
N GLU B 184 9.60 0.95 16.83
CA GLU B 184 8.76 1.87 16.08
C GLU B 184 7.56 2.31 16.93
N LEU B 185 7.03 1.39 17.74
CA LEU B 185 5.89 1.73 18.58
C LEU B 185 6.30 2.73 19.66
N ARG B 186 7.52 2.56 20.20
CA ARG B 186 8.04 3.50 21.20
C ARG B 186 8.16 4.90 20.62
N ASP B 187 8.65 5.01 19.38
CA ASP B 187 8.83 6.33 18.77
C ASP B 187 7.49 6.99 18.48
N GLU B 188 6.55 6.21 17.94
CA GLU B 188 5.18 6.70 17.79
C GLU B 188 4.59 7.06 19.14
N GLY B 189 4.81 6.21 20.15
CA GLY B 189 4.19 6.46 21.44
C GLY B 189 4.69 7.73 22.11
N LYS B 190 6.02 7.92 22.10
CA LYS B 190 6.56 9.17 22.65
C LYS B 190 6.00 10.39 21.91
N ALA B 191 5.85 10.30 20.60
CA ALA B 191 5.30 11.43 19.85
C ALA B 191 3.82 11.65 20.23
N SER B 192 3.04 10.58 20.31
CA SER B 192 1.63 10.70 20.70
C SER B 192 1.48 11.40 22.06
N SER B 193 2.29 10.98 23.02
CA SER B 193 2.26 11.55 24.36
C SER B 193 2.58 13.04 24.35
N ALA B 194 3.62 13.43 23.61
CA ALA B 194 3.97 14.84 23.56
C ALA B 194 2.90 15.64 22.80
N LYS B 195 2.33 15.07 21.75
CA LYS B 195 1.21 15.76 21.08
C LYS B 195 0.03 15.94 22.02
N GLN B 196 -0.35 14.89 22.77
CA GLN B 196 -1.47 15.07 23.68
C GLN B 196 -1.16 16.07 24.79
N ARG B 197 0.10 16.11 25.25
CA ARG B 197 0.45 17.05 26.30
C ARG B 197 0.24 18.49 25.85
N LEU B 198 0.48 18.77 24.57
CA LEU B 198 0.20 20.11 24.05
C LEU B 198 -1.30 20.36 23.89
N LYS B 199 -2.06 19.34 23.46
CA LYS B 199 -3.51 19.50 23.45
C LYS B 199 -4.03 19.91 24.83
N CYS B 200 -3.53 19.24 25.88
CA CYS B 200 -3.98 19.57 27.23
C CYS B 200 -3.47 20.94 27.66
N ALA B 201 -2.20 21.27 27.37
CA ALA B 201 -1.67 22.55 27.83
C ALA B 201 -2.36 23.71 27.12
N SER B 202 -2.63 23.58 25.82
CA SER B 202 -3.29 24.66 25.09
C SER B 202 -4.71 24.88 25.61
N LEU B 203 -5.45 23.79 25.83
CA LEU B 203 -6.78 23.92 26.42
C LEU B 203 -6.71 24.45 27.85
N GLN B 204 -5.93 23.81 28.71
CA GLN B 204 -6.02 24.12 30.13
C GLN B 204 -5.34 25.44 30.47
N LYS B 205 -4.19 25.73 29.84
CA LYS B 205 -3.49 26.95 30.22
C LYS B 205 -3.95 28.14 29.40
N PHE B 206 -4.18 27.96 28.09
CA PHE B 206 -4.44 29.08 27.21
C PHE B 206 -5.92 29.27 26.87
N GLY B 207 -6.77 28.30 27.17
CA GLY B 207 -8.21 28.48 27.14
C GLY B 207 -8.89 27.74 25.99
N GLU B 208 -10.21 27.69 26.09
CA GLU B 208 -11.07 27.05 25.10
C GLU B 208 -10.88 27.65 23.71
N ARG B 209 -10.86 28.98 23.64
CA ARG B 209 -10.80 29.65 22.35
C ARG B 209 -9.52 29.27 21.58
N ALA B 210 -8.39 29.18 22.28
CA ALA B 210 -7.12 28.84 21.63
C ALA B 210 -7.13 27.40 21.14
N PHE B 211 -7.61 26.48 21.98
CA PHE B 211 -7.72 25.08 21.57
C PHE B 211 -8.64 24.93 20.36
N LYS B 212 -9.79 25.63 20.38
CA LYS B 212 -10.77 25.50 19.31
C LYS B 212 -10.26 26.11 18.00
N ALA B 213 -9.57 27.24 18.08
CA ALA B 213 -9.00 27.83 16.86
C ALA B 213 -7.97 26.88 16.22
N TRP B 214 -7.09 26.30 17.05
CA TRP B 214 -6.15 25.30 16.52
C TRP B 214 -6.90 24.13 15.88
N ALA B 215 -7.99 23.67 16.51
CA ALA B 215 -8.74 22.56 15.96
C ALA B 215 -9.42 22.95 14.63
N VAL B 216 -9.95 24.17 14.55
CA VAL B 216 -10.55 24.63 13.29
C VAL B 216 -9.51 24.59 12.17
N ALA B 217 -8.34 25.13 12.45
CA ALA B 217 -7.30 25.21 11.43
C ALA B 217 -6.91 23.83 10.94
N ARG B 218 -6.68 22.89 11.89
CA ARG B 218 -6.16 21.58 11.48
CA ARG B 218 -6.17 21.57 11.49
C ARG B 218 -7.22 20.76 10.75
N LEU B 219 -8.47 20.80 11.22
CA LEU B 219 -9.54 20.06 10.57
C LEU B 219 -9.91 20.68 9.22
N SER B 220 -9.81 22.01 9.09
CA SER B 220 -10.08 22.62 7.78
C SER B 220 -9.01 22.26 6.77
N GLN B 221 -7.74 22.13 7.20
CA GLN B 221 -6.72 21.64 6.28
C GLN B 221 -7.01 20.21 5.85
N ARG B 222 -7.48 19.39 6.80
CA ARG B 222 -7.64 17.98 6.59
C ARG B 222 -8.92 17.65 5.85
N PHE B 223 -9.98 18.43 6.10
CA PHE B 223 -11.31 18.22 5.52
C PHE B 223 -11.76 19.47 4.75
N PRO B 224 -11.00 19.92 3.75
CA PRO B 224 -11.29 21.23 3.14
C PRO B 224 -12.61 21.31 2.38
N LYS B 225 -13.20 20.20 1.97
CA LYS B 225 -14.54 20.24 1.38
C LYS B 225 -15.64 20.40 2.42
N ALA B 226 -15.36 20.12 3.69
CA ALA B 226 -16.44 20.15 4.67
C ALA B 226 -16.93 21.57 4.85
N GLU B 227 -18.24 21.71 5.05
CA GLU B 227 -18.80 23.01 5.38
C GLU B 227 -18.29 23.50 6.73
N PHE B 228 -18.27 24.83 6.86
CA PHE B 228 -17.82 25.45 8.10
C PHE B 228 -18.64 24.97 9.29
N ALA B 229 -19.97 24.86 9.12
CA ALA B 229 -20.83 24.34 10.19
C ALA B 229 -20.40 22.93 10.58
N GLU B 230 -19.96 22.14 9.62
CA GLU B 230 -19.57 20.78 9.95
C GLU B 230 -18.21 20.78 10.67
N VAL B 231 -17.27 21.61 10.24
CA VAL B 231 -16.01 21.76 10.98
C VAL B 231 -16.28 22.15 12.42
N SER B 232 -17.18 23.11 12.63
CA SER B 232 -17.44 23.64 13.97
C SER B 232 -18.03 22.58 14.88
N LYS B 233 -18.96 21.79 14.34
CA LYS B 233 -19.51 20.66 15.09
C LYS B 233 -18.41 19.71 15.54
N LEU B 234 -17.51 19.35 14.62
CA LEU B 234 -16.40 18.48 15.00
C LEU B 234 -15.56 19.14 16.09
N VAL B 235 -15.28 20.43 15.96
CA VAL B 235 -14.44 21.12 16.94
C VAL B 235 -15.10 21.11 18.31
N THR B 236 -16.41 21.39 18.35
CA THR B 236 -17.17 21.33 19.60
C THR B 236 -17.05 19.98 20.29
N ASP B 237 -17.34 18.90 19.55
CA ASP B 237 -17.23 17.56 20.11
C ASP B 237 -15.81 17.26 20.59
N LEU B 238 -14.81 17.64 19.79
CA LEU B 238 -13.42 17.39 20.19
C LEU B 238 -13.06 18.17 21.45
N THR B 239 -13.61 19.38 21.61
CA THR B 239 -13.40 20.15 22.84
C THR B 239 -13.98 19.40 24.05
N LYS B 240 -15.16 18.82 23.90
CA LYS B 240 -15.74 18.05 25.00
C LYS B 240 -14.87 16.83 25.33
N VAL B 241 -14.45 16.09 24.30
CA VAL B 241 -13.60 14.93 24.47
C VAL B 241 -12.32 15.29 25.24
N HIS B 242 -11.54 16.25 24.72
CA HIS B 242 -10.25 16.54 25.34
C HIS B 242 -10.37 17.23 26.69
N THR B 243 -11.43 18.01 26.92
CA THR B 243 -11.67 18.53 28.27
C THR B 243 -11.82 17.38 29.26
N GLU B 244 -12.51 16.31 28.85
CA GLU B 244 -12.68 15.17 29.71
C GLU B 244 -11.35 14.44 29.95
N CYS B 245 -10.65 14.07 28.87
CA CYS B 245 -9.38 13.37 29.03
C CYS B 245 -8.38 14.21 29.82
N CYS B 246 -8.26 15.50 29.49
CA CYS B 246 -7.24 16.30 30.14
C CYS B 246 -7.51 16.51 31.63
N HIS B 247 -8.76 16.39 32.06
CA HIS B 247 -9.10 16.52 33.49
C HIS B 247 -9.29 15.17 34.17
N GLY B 248 -8.89 14.07 33.52
CA GLY B 248 -8.88 12.77 34.16
C GLY B 248 -10.12 11.94 33.96
N ASP B 249 -11.15 12.46 33.29
CA ASP B 249 -12.41 11.73 33.10
C ASP B 249 -12.32 10.81 31.88
N LEU B 250 -11.50 9.75 32.04
CA LEU B 250 -11.12 8.90 30.91
C LEU B 250 -12.26 8.06 30.39
N LEU B 251 -13.20 7.67 31.26
CA LEU B 251 -14.34 6.87 30.80
C LEU B 251 -15.21 7.66 29.84
N GLU B 252 -15.61 8.88 30.23
CA GLU B 252 -16.41 9.76 29.37
C GLU B 252 -15.63 10.16 28.12
N CYS B 253 -14.34 10.42 28.26
CA CYS B 253 -13.51 10.78 27.14
C CYS B 253 -13.52 9.67 26.10
N ALA B 254 -13.23 8.44 26.53
CA ALA B 254 -13.23 7.32 25.59
C ALA B 254 -14.61 7.11 24.97
N ASP B 255 -15.66 7.24 25.78
CA ASP B 255 -17.01 7.03 25.30
C ASP B 255 -17.37 8.08 24.25
N ASP B 256 -17.05 9.35 24.54
CA ASP B 256 -17.36 10.42 23.62
C ASP B 256 -16.51 10.32 22.35
N ARG B 257 -15.24 9.92 22.48
CA ARG B 257 -14.41 9.78 21.27
C ARG B 257 -14.98 8.70 20.34
N ALA B 258 -15.47 7.61 20.91
CA ALA B 258 -16.04 6.56 20.07
C ALA B 258 -17.31 7.07 19.38
N ASP B 259 -18.13 7.87 20.09
CA ASP B 259 -19.30 8.47 19.46
C ASP B 259 -18.90 9.42 18.33
N LEU B 260 -17.80 10.16 18.50
CA LEU B 260 -17.35 11.07 17.46
C LEU B 260 -16.84 10.31 16.25
N ALA B 261 -16.12 9.23 16.45
CA ALA B 261 -15.68 8.40 15.34
C ALA B 261 -16.87 7.80 14.61
N LYS B 262 -17.87 7.34 15.35
CA LYS B 262 -19.08 6.86 14.71
C LYS B 262 -19.74 7.96 13.90
N TYR B 263 -19.85 9.16 14.48
CA TYR B 263 -20.49 10.26 13.78
C TYR B 263 -19.76 10.59 12.49
N ILE B 264 -18.43 10.63 12.55
CA ILE B 264 -17.63 10.95 11.37
C ILE B 264 -17.82 9.88 10.29
N CYS B 265 -17.77 8.61 10.69
CA CYS B 265 -17.89 7.55 9.69
C CYS B 265 -19.29 7.44 9.10
N GLU B 266 -20.33 7.86 9.83
CA GLU B 266 -21.68 7.87 9.29
C GLU B 266 -21.91 9.04 8.33
N ASN B 267 -21.08 10.07 8.43
CA ASN B 267 -21.27 11.29 7.65
C ASN B 267 -20.06 11.58 6.78
N GLN B 268 -19.38 10.56 6.28
CA GLN B 268 -18.14 10.86 5.57
C GLN B 268 -18.40 11.62 4.27
N ASP B 269 -19.60 11.51 3.70
CA ASP B 269 -19.90 12.26 2.49
C ASP B 269 -20.08 13.76 2.77
N SER B 270 -20.24 14.16 4.02
CA SER B 270 -20.22 15.58 4.36
C SER B 270 -18.85 16.05 4.83
N ILE B 271 -17.86 15.17 4.87
CA ILE B 271 -16.62 15.50 5.56
C ILE B 271 -15.39 15.33 4.67
N SER B 272 -15.22 14.14 4.09
CA SER B 272 -13.99 13.83 3.35
C SER B 272 -14.16 12.58 2.51
N SER B 273 -13.55 12.60 1.33
CA SER B 273 -13.49 11.41 0.47
C SER B 273 -12.39 10.45 0.88
N LYS B 274 -11.54 10.79 1.86
CA LYS B 274 -10.42 9.95 2.26
C LYS B 274 -10.71 9.04 3.45
N LEU B 275 -11.96 9.00 3.94
CA LEU B 275 -12.22 8.29 5.18
C LEU B 275 -12.68 6.85 5.01
N LYS B 276 -12.86 6.37 3.77
CA LYS B 276 -13.50 5.07 3.55
C LYS B 276 -12.77 3.93 4.29
N GLU B 277 -11.46 3.80 4.08
CA GLU B 277 -10.73 2.72 4.73
C GLU B 277 -10.70 2.88 6.24
N CYS B 278 -10.50 4.10 6.75
CA CYS B 278 -10.51 4.30 8.19
C CYS B 278 -11.79 3.77 8.78
N CYS B 279 -12.90 4.05 8.10
CA CYS B 279 -14.21 3.76 8.64
C CYS B 279 -14.59 2.29 8.53
N GLU B 280 -13.73 1.46 7.96
CA GLU B 280 -13.96 0.03 7.93
C GLU B 280 -13.17 -0.73 8.99
N LYS B 281 -12.42 -0.04 9.84
CA LYS B 281 -11.56 -0.70 10.81
C LYS B 281 -12.30 -0.88 12.14
N PRO B 282 -11.81 -1.76 13.00
CA PRO B 282 -12.38 -1.83 14.35
C PRO B 282 -12.14 -0.51 15.10
N LEU B 283 -12.88 -0.33 16.18
CA LEU B 283 -13.05 1.00 16.79
C LEU B 283 -11.71 1.69 17.07
N LEU B 284 -10.80 1.03 17.78
CA LEU B 284 -9.56 1.71 18.16
C LEU B 284 -8.74 2.10 16.93
N GLU B 285 -8.66 1.21 15.94
CA GLU B 285 -7.93 1.53 14.72
C GLU B 285 -8.63 2.64 13.95
N LYS B 286 -9.97 2.58 13.92
CA LYS B 286 -10.78 3.60 13.26
C LYS B 286 -10.48 4.99 13.81
N SER B 287 -10.61 5.17 15.12
CA SER B 287 -10.33 6.48 15.72
C SER B 287 -8.90 6.92 15.43
N HIS B 288 -7.94 6.01 15.60
CA HIS B 288 -6.55 6.35 15.29
C HIS B 288 -6.37 6.74 13.83
N CYS B 289 -6.93 5.93 12.91
CA CYS B 289 -6.79 6.23 11.48
C CYS B 289 -7.35 7.61 11.13
N ILE B 290 -8.53 7.94 11.66
CA ILE B 290 -9.15 9.24 11.37
C ILE B 290 -8.28 10.39 11.86
N ALA B 291 -7.68 10.22 13.04
CA ALA B 291 -6.83 11.25 13.61
C ALA B 291 -5.66 11.61 12.71
N GLU B 292 -5.23 10.70 11.84
CA GLU B 292 -4.04 10.94 11.02
C GLU B 292 -4.33 10.81 9.53
N VAL B 293 -5.61 10.81 9.14
CA VAL B 293 -5.93 10.61 7.73
C VAL B 293 -5.35 11.74 6.88
N GLU B 294 -4.94 11.40 5.66
CA GLU B 294 -4.38 12.40 4.75
C GLU B 294 -5.42 13.47 4.43
N ASN B 295 -4.93 14.68 4.16
CA ASN B 295 -5.76 15.80 3.73
C ASN B 295 -6.53 15.47 2.45
N ASP B 296 -7.81 15.84 2.44
CA ASP B 296 -8.64 15.72 1.25
C ASP B 296 -8.19 16.72 0.18
N GLU B 297 -8.70 16.55 -1.04
CA GLU B 297 -8.53 17.58 -2.05
C GLU B 297 -9.48 18.74 -1.77
N MET B 298 -8.97 19.95 -2.00
CA MET B 298 -9.74 21.18 -1.96
C MET B 298 -10.86 21.14 -3.00
N PRO B 299 -11.98 21.82 -2.73
CA PRO B 299 -12.99 22.02 -3.78
C PRO B 299 -12.43 22.82 -4.95
N ALA B 300 -12.94 22.53 -6.13
CA ALA B 300 -12.56 23.21 -7.35
C ALA B 300 -13.43 24.42 -7.67
N ASP B 301 -14.34 24.79 -6.78
CA ASP B 301 -15.22 25.93 -7.04
C ASP B 301 -15.13 26.97 -5.92
N LEU B 302 -13.95 27.13 -5.33
CA LEU B 302 -13.79 28.12 -4.28
C LEU B 302 -13.89 29.54 -4.84
N PRO B 303 -14.49 30.45 -4.09
CA PRO B 303 -14.35 31.88 -4.40
C PRO B 303 -12.99 32.37 -3.95
N SER B 304 -12.71 33.63 -4.26
CA SER B 304 -11.49 34.28 -3.80
C SER B 304 -11.64 34.66 -2.34
N LEU B 305 -10.73 34.15 -1.51
CA LEU B 305 -10.68 34.53 -0.10
C LEU B 305 -10.51 36.04 0.06
N ALA B 306 -9.64 36.65 -0.76
CA ALA B 306 -9.39 38.07 -0.68
C ALA B 306 -10.67 38.88 -0.83
N ALA B 307 -11.61 38.42 -1.66
CA ALA B 307 -12.78 39.23 -1.95
C ALA B 307 -13.62 39.48 -0.70
N ASP B 308 -13.84 38.43 0.11
CA ASP B 308 -14.66 38.63 1.29
C ASP B 308 -13.89 39.22 2.46
N PHE B 309 -12.58 39.00 2.54
CA PHE B 309 -11.86 39.32 3.78
C PHE B 309 -10.88 40.46 3.66
N VAL B 310 -10.53 40.89 2.45
CA VAL B 310 -9.47 41.87 2.24
C VAL B 310 -9.95 42.96 1.30
N GLU B 311 -10.51 42.57 0.16
CA GLU B 311 -10.85 43.52 -0.89
C GLU B 311 -12.22 44.15 -0.68
N SER B 312 -13.13 43.47 0.00
CA SER B 312 -14.42 44.06 0.34
C SER B 312 -14.23 45.30 1.22
N LYS B 313 -15.07 46.30 0.99
CA LYS B 313 -14.91 47.56 1.69
C LYS B 313 -15.74 47.64 2.97
N ASP B 314 -16.53 46.62 3.29
CA ASP B 314 -17.28 46.57 4.55
C ASP B 314 -16.90 45.36 5.40
N VAL B 315 -15.63 44.96 5.39
CA VAL B 315 -15.15 43.90 6.28
C VAL B 315 -15.52 44.24 7.72
N CYS B 316 -15.34 45.51 8.11
CA CYS B 316 -15.51 45.93 9.50
C CYS B 316 -16.94 45.72 9.98
N LYS B 317 -17.92 45.95 9.09
CA LYS B 317 -19.31 45.75 9.50
C LYS B 317 -19.58 44.28 9.76
N ASN B 318 -19.11 43.40 8.88
CA ASN B 318 -19.33 41.97 9.09
C ASN B 318 -18.55 41.46 10.30
N TYR B 319 -17.31 41.92 10.47
CA TYR B 319 -16.51 41.52 11.63
C TYR B 319 -17.19 41.94 12.94
N ALA B 320 -17.65 43.19 13.02
CA ALA B 320 -18.25 43.72 14.23
C ALA B 320 -19.54 43.00 14.64
N GLU B 321 -20.25 42.38 13.71
CA GLU B 321 -21.49 41.71 14.09
C GLU B 321 -21.22 40.43 14.86
N ALA B 322 -20.08 39.79 14.63
CA ALA B 322 -19.83 38.47 15.23
C ALA B 322 -18.34 38.19 15.06
N LYS B 323 -17.54 38.68 16.01
CA LYS B 323 -16.10 38.81 15.80
C LYS B 323 -15.43 37.44 15.69
N ASP B 324 -15.61 36.57 16.70
CA ASP B 324 -14.96 35.26 16.64
C ASP B 324 -15.55 34.38 15.54
N VAL B 325 -16.83 34.52 15.20
CA VAL B 325 -17.33 33.79 14.04
C VAL B 325 -16.65 34.28 12.78
N PHE B 326 -16.48 35.60 12.64
CA PHE B 326 -15.85 36.15 11.44
C PHE B 326 -14.38 35.73 11.38
N LEU B 327 -13.68 35.78 12.52
CA LEU B 327 -12.29 35.34 12.52
C LEU B 327 -12.20 33.84 12.26
N GLY B 328 -13.18 33.07 12.76
CA GLY B 328 -13.17 31.63 12.53
C GLY B 328 -13.41 31.27 11.06
N MET B 329 -14.30 32.01 10.40
CA MET B 329 -14.49 31.84 8.97
C MET B 329 -13.20 32.14 8.20
N PHE B 330 -12.55 33.25 8.53
CA PHE B 330 -11.27 33.58 7.93
C PHE B 330 -10.29 32.41 8.06
N LEU B 331 -10.12 31.93 9.30
CA LEU B 331 -9.20 30.85 9.59
C LEU B 331 -9.58 29.61 8.80
N TYR B 332 -10.86 29.25 8.83
CA TYR B 332 -11.34 28.11 8.06
C TYR B 332 -11.02 28.28 6.58
N GLU B 333 -11.23 29.48 6.01
CA GLU B 333 -11.00 29.65 4.58
C GLU B 333 -9.52 29.59 4.26
N TYR B 334 -8.70 30.27 5.07
CA TYR B 334 -7.27 30.27 4.83
C TYR B 334 -6.68 28.87 4.99
N ALA B 335 -7.12 28.14 6.03
CA ALA B 335 -6.52 26.85 6.34
C ALA B 335 -6.90 25.78 5.33
N ARG B 336 -8.14 25.81 4.82
CA ARG B 336 -8.54 24.81 3.84
C ARG B 336 -7.80 25.04 2.51
N ARG B 337 -7.30 26.24 2.29
CA ARG B 337 -6.54 26.57 1.08
C ARG B 337 -5.05 26.32 1.25
N HIS B 338 -4.58 25.99 2.45
CA HIS B 338 -3.14 25.97 2.75
C HIS B 338 -2.77 24.79 3.63
N PRO B 339 -2.88 23.56 3.10
CA PRO B 339 -2.27 22.42 3.78
C PRO B 339 -0.76 22.50 3.85
N ASP B 340 -0.12 23.43 3.13
CA ASP B 340 1.33 23.56 3.10
C ASP B 340 1.83 24.52 4.17
N TYR B 341 0.92 25.06 4.97
CA TYR B 341 1.27 25.92 6.09
C TYR B 341 1.14 25.12 7.38
N SER B 342 2.05 25.36 8.32
CA SER B 342 1.85 24.82 9.65
C SER B 342 0.58 25.42 10.27
N VAL B 343 0.03 24.73 11.29
CA VAL B 343 -1.12 25.29 12.00
C VAL B 343 -0.73 26.54 12.78
N VAL B 344 0.47 26.56 13.41
CA VAL B 344 0.86 27.74 14.18
C VAL B 344 1.07 28.94 13.26
N LEU B 345 1.48 28.72 12.01
CA LEU B 345 1.55 29.85 11.08
C LEU B 345 0.17 30.37 10.74
N LEU B 346 -0.74 29.47 10.34
CA LEU B 346 -2.13 29.87 10.10
C LEU B 346 -2.71 30.65 11.28
N LEU B 347 -2.46 30.18 12.50
CA LEU B 347 -2.98 30.89 13.68
C LEU B 347 -2.31 32.25 13.84
N ARG B 348 -1.02 32.32 13.52
CA ARG B 348 -0.28 33.59 13.53
C ARG B 348 -0.84 34.54 12.48
N LEU B 349 -1.16 34.01 11.32
CA LEU B 349 -1.79 34.82 10.29
C LEU B 349 -3.19 35.29 10.73
N ALA B 350 -3.99 34.40 11.32
CA ALA B 350 -5.30 34.83 11.78
C ALA B 350 -5.17 35.89 12.88
N LYS B 351 -4.20 35.73 13.78
CA LYS B 351 -4.03 36.72 14.84
C LYS B 351 -3.56 38.05 14.25
N THR B 352 -2.72 38.00 13.22
CA THR B 352 -2.32 39.22 12.52
C THR B 352 -3.51 39.88 11.84
N TYR B 353 -4.36 39.09 11.19
CA TYR B 353 -5.57 39.64 10.58
C TYR B 353 -6.48 40.27 11.63
N GLU B 354 -6.64 39.60 12.78
CA GLU B 354 -7.43 40.15 13.89
C GLU B 354 -6.87 41.50 14.36
N THR B 355 -5.55 41.58 14.58
CA THR B 355 -4.96 42.85 14.99
C THR B 355 -5.17 43.92 13.92
N THR B 356 -5.11 43.52 12.64
CA THR B 356 -5.31 44.47 11.56
C THR B 356 -6.72 45.06 11.60
N LEU B 357 -7.73 44.20 11.76
CA LEU B 357 -9.11 44.70 11.83
C LEU B 357 -9.33 45.59 13.04
N GLU B 358 -8.82 45.18 14.21
CA GLU B 358 -8.99 46.00 15.41
C GLU B 358 -8.38 47.38 15.21
N LYS B 359 -7.24 47.47 14.52
CA LYS B 359 -6.60 48.75 14.24
C LYS B 359 -7.31 49.48 13.09
N CYS B 360 -7.50 48.80 11.96
CA CYS B 360 -8.00 49.50 10.79
C CYS B 360 -9.48 49.87 10.91
N CYS B 361 -10.29 49.11 11.65
CA CYS B 361 -11.71 49.40 11.67
C CYS B 361 -12.03 50.67 12.47
N ALA B 362 -11.06 51.20 13.21
CA ALA B 362 -11.19 52.49 13.86
C ALA B 362 -10.79 53.65 12.96
N ALA B 363 -10.17 53.37 11.81
CA ALA B 363 -9.65 54.41 10.94
C ALA B 363 -10.75 55.06 10.13
N ALA B 364 -10.41 56.22 9.55
CA ALA B 364 -11.38 56.98 8.76
C ALA B 364 -11.82 56.20 7.53
N ASP B 365 -10.86 55.65 6.78
CA ASP B 365 -11.17 54.72 5.70
C ASP B 365 -10.56 53.37 6.05
N PRO B 366 -11.33 52.49 6.71
CA PRO B 366 -10.75 51.20 7.12
C PRO B 366 -10.21 50.39 5.95
N HIS B 367 -10.88 50.40 4.80
CA HIS B 367 -10.46 49.54 3.69
C HIS B 367 -9.04 49.86 3.23
N GLU B 368 -8.67 51.14 3.13
CA GLU B 368 -7.31 51.45 2.72
C GLU B 368 -6.30 50.87 3.71
N CYS B 369 -6.70 50.75 4.98
CA CYS B 369 -5.79 50.25 6.00
C CYS B 369 -5.64 48.74 5.93
N TYR B 370 -6.74 47.99 5.86
CA TYR B 370 -6.62 46.54 5.96
C TYR B 370 -6.43 45.85 4.60
N ALA B 371 -6.61 46.55 3.48
CA ALA B 371 -6.42 45.93 2.18
C ALA B 371 -4.97 45.55 1.92
N LYS B 372 -4.04 46.07 2.70
CA LYS B 372 -2.64 45.72 2.58
C LYS B 372 -2.24 44.61 3.55
N VAL B 373 -3.22 43.93 4.17
CA VAL B 373 -2.89 42.95 5.20
C VAL B 373 -2.06 41.80 4.63
N PHE B 374 -2.26 41.45 3.36
CA PHE B 374 -1.44 40.41 2.76
C PHE B 374 0.04 40.78 2.74
N ASP B 375 0.37 42.07 2.79
CA ASP B 375 1.78 42.44 2.91
C ASP B 375 2.35 42.10 4.28
N GLU B 376 1.53 42.14 5.32
CA GLU B 376 2.00 41.71 6.63
C GLU B 376 2.24 40.21 6.66
N PHE B 377 1.49 39.45 5.86
CA PHE B 377 1.59 38.00 5.90
C PHE B 377 2.92 37.52 5.31
N LYS B 378 3.41 38.20 4.26
CA LYS B 378 4.56 37.70 3.51
C LYS B 378 5.78 37.40 4.37
N PRO B 379 6.31 38.32 5.19
CA PRO B 379 7.44 37.96 6.06
C PRO B 379 7.07 36.95 7.13
N LEU B 380 5.81 36.88 7.54
CA LEU B 380 5.39 35.84 8.48
C LEU B 380 5.48 34.46 7.84
N VAL B 381 5.12 34.34 6.56
CA VAL B 381 5.27 33.07 5.88
C VAL B 381 6.74 32.75 5.63
N GLU B 382 7.56 33.77 5.30
CA GLU B 382 8.91 33.52 4.81
C GLU B 382 9.82 32.99 5.92
N GLU B 383 9.66 33.49 7.14
CA GLU B 383 10.61 33.16 8.21
C GLU B 383 10.60 31.67 8.53
N PRO B 384 9.45 31.03 8.82
CA PRO B 384 9.51 29.57 9.07
C PRO B 384 9.96 28.79 7.87
N GLN B 385 9.55 29.19 6.66
CA GLN B 385 10.04 28.52 5.45
C GLN B 385 11.57 28.59 5.38
N ASN B 386 12.13 29.76 5.66
CA ASN B 386 13.59 29.92 5.63
C ASN B 386 14.25 29.09 6.72
N LEU B 387 13.73 29.19 7.94
CA LEU B 387 14.28 28.45 9.07
C LEU B 387 14.28 26.94 8.82
N ILE B 388 13.19 26.42 8.26
CA ILE B 388 13.12 24.98 8.04
C ILE B 388 14.07 24.56 6.93
N LYS B 389 14.11 25.33 5.84
CA LYS B 389 15.00 24.99 4.72
C LYS B 389 16.45 24.90 5.17
N GLN B 390 16.93 25.92 5.89
CA GLN B 390 18.32 25.92 6.34
C GLN B 390 18.59 24.76 7.28
N ASN B 391 17.79 24.65 8.35
CA ASN B 391 18.01 23.59 9.34
C ASN B 391 17.94 22.20 8.71
N CYS B 392 17.08 22.01 7.72
CA CYS B 392 17.01 20.68 7.12
C CYS B 392 18.27 20.39 6.30
N GLU B 393 18.80 21.39 5.62
CA GLU B 393 20.09 21.22 4.95
C GLU B 393 21.18 20.85 5.95
N LEU B 394 21.24 21.55 7.08
CA LEU B 394 22.20 21.16 8.11
C LEU B 394 21.97 19.71 8.54
N PHE B 395 20.69 19.32 8.72
CA PHE B 395 20.39 17.96 9.17
C PHE B 395 20.88 16.94 8.16
N GLU B 396 20.64 17.20 6.87
CA GLU B 396 21.03 16.27 5.82
C GLU B 396 22.54 16.22 5.65
N GLN B 397 23.26 17.22 6.14
CA GLN B 397 24.71 17.19 6.13
C GLN B 397 25.29 16.58 7.41
N LEU B 398 24.48 16.36 8.44
CA LEU B 398 25.01 15.89 9.70
C LEU B 398 24.40 14.58 10.18
N GLY B 399 23.16 14.26 9.78
CA GLY B 399 22.46 13.12 10.34
C GLY B 399 21.95 13.46 11.73
N GLU B 400 21.09 12.59 12.28
CA GLU B 400 20.34 12.95 13.48
C GLU B 400 21.25 13.19 14.68
N TYR B 401 22.20 12.28 14.92
CA TYR B 401 23.05 12.41 16.10
C TYR B 401 23.81 13.73 16.10
N LYS B 402 24.55 14.00 15.04
CA LYS B 402 25.28 15.26 14.97
C LYS B 402 24.34 16.47 15.00
N PHE B 403 23.24 16.40 14.25
CA PHE B 403 22.24 17.47 14.30
C PHE B 403 21.81 17.72 15.75
N GLN B 404 21.46 16.65 16.46
CA GLN B 404 21.16 16.78 17.90
C GLN B 404 22.28 17.52 18.62
N ASN B 405 23.53 17.12 18.38
CA ASN B 405 24.63 17.74 19.12
C ASN B 405 24.77 19.21 18.77
N ALA B 406 24.57 19.56 17.49
CA ALA B 406 24.57 20.97 17.12
C ALA B 406 23.47 21.73 17.85
N LEU B 407 22.27 21.14 17.98
CA LEU B 407 21.17 21.81 18.67
C LEU B 407 21.45 21.93 20.17
N LEU B 408 22.08 20.91 20.75
CA LEU B 408 22.47 20.96 22.16
C LEU B 408 23.33 22.18 22.46
N VAL B 409 24.33 22.41 21.62
CA VAL B 409 25.22 23.56 21.82
C VAL B 409 24.44 24.86 21.68
N ARG B 410 23.61 24.94 20.63
CA ARG B 410 22.84 26.16 20.40
C ARG B 410 21.90 26.45 21.57
N TYR B 411 21.21 25.42 22.07
CA TYR B 411 20.21 25.70 23.08
C TYR B 411 20.80 25.80 24.48
N THR B 412 21.88 25.08 24.77
CA THR B 412 22.58 25.30 26.03
C THR B 412 23.11 26.72 26.12
N LYS B 413 23.58 27.27 25.00
CA LYS B 413 24.01 28.67 24.98
C LYS B 413 22.83 29.62 25.15
N LYS B 414 21.69 29.31 24.52
CA LYS B 414 20.52 30.18 24.65
C LYS B 414 20.05 30.25 26.09
N VAL B 415 19.84 29.10 26.73
CA VAL B 415 19.22 29.10 28.05
C VAL B 415 20.03 28.20 28.98
N PRO B 416 21.24 28.62 29.37
CA PRO B 416 22.12 27.73 30.16
C PRO B 416 21.62 27.49 31.57
N GLN B 417 20.69 28.27 32.09
CA GLN B 417 20.16 28.01 33.43
C GLN B 417 19.33 26.74 33.47
N VAL B 418 18.79 26.30 32.32
CA VAL B 418 17.97 25.10 32.26
C VAL B 418 18.81 23.89 32.65
N SER B 419 18.18 22.97 33.40
CA SER B 419 18.86 21.77 33.85
C SER B 419 19.39 20.95 32.67
N THR B 420 20.37 20.10 32.95
CA THR B 420 21.09 19.38 31.92
C THR B 420 20.29 18.22 31.34
N PRO B 421 19.66 17.35 32.16
CA PRO B 421 18.80 16.33 31.56
C PRO B 421 17.64 16.91 30.76
N THR B 422 17.13 18.08 31.14
CA THR B 422 16.08 18.71 30.35
C THR B 422 16.61 19.19 29.01
N LEU B 423 17.75 19.89 29.02
CA LEU B 423 18.37 20.33 27.78
C LEU B 423 18.66 19.14 26.86
N VAL B 424 19.09 18.01 27.44
CA VAL B 424 19.42 16.85 26.61
C VAL B 424 18.15 16.24 26.05
N GLU B 425 17.12 16.10 26.88
CA GLU B 425 15.83 15.59 26.40
C GLU B 425 15.27 16.45 25.27
N VAL B 426 15.21 17.77 25.49
CA VAL B 426 14.59 18.69 24.55
C VAL B 426 15.41 18.79 23.27
N SER B 427 16.74 18.85 23.41
CA SER B 427 17.59 18.95 22.21
C SER B 427 17.52 17.69 21.37
N ARG B 428 17.51 16.52 22.00
CA ARG B 428 17.36 15.29 21.22
C ARG B 428 16.04 15.29 20.45
N ASN B 429 14.97 15.69 21.12
CA ASN B 429 13.67 15.72 20.45
C ASN B 429 13.65 16.74 19.32
N LEU B 430 14.29 17.91 19.52
CA LEU B 430 14.35 18.89 18.43
C LEU B 430 15.05 18.30 17.21
N GLY B 431 16.07 17.48 17.43
CA GLY B 431 16.76 16.88 16.31
C GLY B 431 15.95 15.80 15.63
N LYS B 432 15.16 15.05 16.41
CA LYS B 432 14.22 14.07 15.83
C LYS B 432 13.21 14.74 14.90
N VAL B 433 12.89 16.01 15.12
CA VAL B 433 12.03 16.73 14.18
C VAL B 433 12.67 16.75 12.80
N GLY B 434 14.00 16.88 12.75
CA GLY B 434 14.70 16.79 11.48
C GLY B 434 14.49 15.44 10.81
N SER B 435 14.67 14.35 11.56
CA SER B 435 14.48 13.01 11.00
C SER B 435 13.06 12.81 10.50
N LYS B 436 12.07 13.23 11.30
CA LYS B 436 10.69 13.00 10.92
C LYS B 436 10.24 13.86 9.74
N CYS B 437 10.68 15.11 9.67
CA CYS B 437 10.05 16.06 8.75
C CYS B 437 10.91 16.45 7.55
N CYS B 438 12.24 16.41 7.68
CA CYS B 438 13.08 16.90 6.59
C CYS B 438 12.99 16.02 5.35
N LYS B 439 12.62 14.75 5.50
CA LYS B 439 12.49 13.87 4.34
C LYS B 439 11.27 14.18 3.48
N HIS B 440 10.32 14.97 3.96
CA HIS B 440 9.18 15.30 3.13
C HIS B 440 9.54 16.42 2.14
N PRO B 441 8.91 16.44 0.96
CA PRO B 441 9.01 17.63 0.10
C PRO B 441 8.47 18.86 0.82
N GLU B 442 8.91 20.02 0.36
CA GLU B 442 8.69 21.26 1.10
C GLU B 442 7.21 21.57 1.33
N ALA B 443 6.31 21.02 0.51
CA ALA B 443 4.89 21.28 0.71
C ALA B 443 4.36 20.65 2.00
N LYS B 444 4.91 19.51 2.40
CA LYS B 444 4.55 18.90 3.66
C LYS B 444 5.59 19.17 4.75
N ARG B 445 6.68 19.85 4.41
CA ARG B 445 7.75 20.06 5.38
C ARG B 445 7.32 21.02 6.47
N MET B 446 6.78 22.18 6.10
CA MET B 446 6.46 23.20 7.10
C MET B 446 5.45 22.73 8.12
N PRO B 447 4.28 22.18 7.75
CA PRO B 447 3.35 21.71 8.79
C PRO B 447 4.01 20.73 9.74
N CYS B 448 4.66 19.70 9.19
CA CYS B 448 5.36 18.72 10.02
C CYS B 448 6.35 19.42 10.94
N ALA B 449 7.30 20.17 10.38
CA ALA B 449 8.41 20.67 11.20
C ALA B 449 7.96 21.70 12.22
N GLU B 450 7.19 22.70 11.79
CA GLU B 450 6.92 23.76 12.78
C GLU B 450 5.91 23.33 13.85
N ASP B 451 4.93 22.49 13.51
CA ASP B 451 4.00 22.04 14.54
C ASP B 451 4.68 21.05 15.48
N TYR B 452 5.56 20.19 14.94
CA TYR B 452 6.38 19.33 15.80
C TYR B 452 7.32 20.16 16.67
N LEU B 453 7.96 21.17 16.09
CA LEU B 453 8.78 22.06 16.91
C LEU B 453 7.98 22.62 18.07
N SER B 454 6.74 23.01 17.80
CA SER B 454 5.85 23.48 18.86
C SER B 454 5.56 22.39 19.89
N VAL B 455 5.38 21.14 19.43
CA VAL B 455 5.15 20.06 20.39
C VAL B 455 6.36 19.92 21.33
N VAL B 456 7.58 19.98 20.77
CA VAL B 456 8.77 19.74 21.59
C VAL B 456 9.02 20.92 22.52
N LEU B 457 8.81 22.14 22.04
CA LEU B 457 8.95 23.29 22.94
C LEU B 457 7.97 23.25 24.09
N ASN B 458 6.77 22.67 23.88
CA ASN B 458 5.83 22.53 24.99
C ASN B 458 6.37 21.58 26.05
N GLN B 459 7.13 20.55 25.64
CA GLN B 459 7.81 19.71 26.61
C GLN B 459 8.71 20.54 27.52
N LEU B 460 9.60 21.35 26.92
CA LEU B 460 10.40 22.29 27.67
C LEU B 460 9.55 23.16 28.58
N CYS B 461 8.50 23.77 28.04
CA CYS B 461 7.68 24.66 28.85
C CYS B 461 7.08 23.93 30.03
N VAL B 462 6.68 22.67 29.83
CA VAL B 462 5.99 21.94 30.89
C VAL B 462 6.96 21.54 31.99
N LEU B 463 8.15 21.06 31.63
CA LEU B 463 9.15 20.72 32.64
C LEU B 463 9.69 21.97 33.34
N HIS B 464 9.73 23.10 32.63
CA HIS B 464 10.29 24.31 33.19
C HIS B 464 9.32 25.01 34.13
N GLU B 465 8.02 24.97 33.81
CA GLU B 465 7.02 25.57 34.69
C GLU B 465 7.10 24.99 36.09
N LYS B 466 7.38 23.69 36.19
CA LYS B 466 7.53 23.05 37.49
C LYS B 466 8.70 23.64 38.27
N THR B 467 9.86 23.78 37.63
CA THR B 467 11.09 24.24 38.27
C THR B 467 11.70 25.37 37.47
N PRO B 468 11.18 26.60 37.61
CA PRO B 468 11.62 27.69 36.73
C PRO B 468 12.97 28.24 37.15
N VAL B 469 13.88 28.33 36.18
CA VAL B 469 15.26 28.73 36.44
C VAL B 469 15.66 29.83 35.48
N SER B 470 14.83 30.10 34.46
CA SER B 470 15.17 31.05 33.42
C SER B 470 13.98 31.94 33.11
N ASP B 471 14.15 33.25 33.30
CA ASP B 471 13.08 34.19 33.01
C ASP B 471 12.76 34.24 31.53
N ARG B 472 13.77 34.10 30.67
CA ARG B 472 13.52 34.14 29.24
C ARG B 472 12.75 32.91 28.77
N VAL B 473 12.99 31.74 29.37
CA VAL B 473 12.19 30.56 29.04
C VAL B 473 10.74 30.79 29.46
N THR B 474 10.54 31.25 30.68
CA THR B 474 9.20 31.60 31.14
C THR B 474 8.56 32.63 30.22
N LYS B 475 9.34 33.60 29.74
CA LYS B 475 8.79 34.60 28.83
C LYS B 475 8.34 33.96 27.52
N CYS B 476 9.18 33.12 26.92
CA CYS B 476 8.81 32.53 25.64
C CYS B 476 7.68 31.52 25.79
N CYS B 477 7.58 30.88 26.95
CA CYS B 477 6.56 29.87 27.14
C CYS B 477 5.18 30.49 27.35
N THR B 478 5.10 31.66 27.98
CA THR B 478 3.81 32.20 28.43
C THR B 478 3.34 33.42 27.65
N GLU B 479 4.20 34.04 26.85
CA GLU B 479 3.85 35.28 26.17
C GLU B 479 2.77 35.03 25.13
N SER B 480 2.92 33.97 24.35
CA SER B 480 2.07 33.64 23.23
C SER B 480 2.19 32.16 22.97
N LEU B 481 1.06 31.44 22.96
CA LEU B 481 1.09 30.03 22.58
C LEU B 481 1.67 29.86 21.17
N VAL B 482 1.07 30.52 20.18
CA VAL B 482 1.44 30.23 18.78
C VAL B 482 2.84 30.73 18.44
N ASN B 483 3.34 31.74 19.14
CA ASN B 483 4.65 32.30 18.83
C ASN B 483 5.78 31.70 19.65
N ARG B 484 5.55 30.58 20.36
CA ARG B 484 6.62 29.99 21.16
C ARG B 484 7.82 29.63 20.28
N ARG B 485 7.57 29.12 19.08
CA ARG B 485 8.68 28.67 18.24
C ARG B 485 9.52 29.84 17.75
N PRO B 486 8.96 30.88 17.12
CA PRO B 486 9.80 32.04 16.80
C PRO B 486 10.42 32.68 18.03
N CYS B 487 9.72 32.70 19.17
CA CYS B 487 10.31 33.27 20.37
C CYS B 487 11.57 32.52 20.77
N PHE B 488 11.52 31.18 20.73
CA PHE B 488 12.70 30.40 21.09
C PHE B 488 13.76 30.49 20.00
N SER B 489 13.35 30.54 18.74
CA SER B 489 14.32 30.62 17.65
C SER B 489 15.13 31.91 17.74
N ALA B 490 14.51 32.99 18.18
CA ALA B 490 15.16 34.28 18.20
C ALA B 490 16.00 34.52 19.45
N LEU B 491 15.95 33.61 20.43
CA LEU B 491 16.79 33.77 21.62
C LEU B 491 18.26 33.76 21.24
N GLU B 492 18.97 34.83 21.58
CA GLU B 492 20.42 34.88 21.41
C GLU B 492 21.11 34.29 22.63
N VAL B 493 22.45 34.18 22.53
CA VAL B 493 23.23 33.58 23.62
C VAL B 493 23.07 34.42 24.87
N ASP B 494 22.98 33.74 26.01
CA ASP B 494 22.86 34.42 27.30
C ASP B 494 24.23 34.98 27.66
N GLU B 495 24.42 36.29 27.46
CA GLU B 495 25.69 36.90 27.77
C GLU B 495 25.84 37.28 29.24
N THR B 496 24.89 36.87 30.09
CA THR B 496 24.90 37.21 31.50
C THR B 496 24.92 35.96 32.39
N TYR B 497 25.34 34.83 31.84
CA TYR B 497 25.38 33.58 32.59
C TYR B 497 26.75 33.40 33.23
N VAL B 498 26.75 32.92 34.47
CA VAL B 498 27.99 32.70 35.24
C VAL B 498 28.40 31.23 35.05
N PRO B 499 29.50 30.97 34.34
CA PRO B 499 29.88 29.58 34.05
C PRO B 499 29.96 28.73 35.31
N LYS B 500 29.66 27.44 35.14
CA LYS B 500 29.76 26.50 36.25
C LYS B 500 31.22 26.23 36.57
N GLU B 501 31.48 25.89 37.83
CA GLU B 501 32.81 25.45 38.23
C GLU B 501 33.16 24.16 37.49
N PHE B 502 34.42 23.75 37.62
CA PHE B 502 34.85 22.48 37.10
C PHE B 502 34.55 21.38 38.11
N ASN B 503 33.90 20.32 37.65
CA ASN B 503 33.72 19.11 38.41
C ASN B 503 34.42 17.98 37.67
N ALA B 504 35.30 17.25 38.36
CA ALA B 504 36.16 16.29 37.70
C ALA B 504 35.37 15.09 37.18
N GLU B 505 34.63 14.41 38.06
CA GLU B 505 34.03 13.13 37.67
C GLU B 505 32.79 13.29 36.81
N THR B 506 32.28 14.51 36.64
CA THR B 506 31.30 14.74 35.58
C THR B 506 31.88 14.37 34.22
N PHE B 507 33.18 14.55 34.04
CA PHE B 507 33.85 14.28 32.79
C PHE B 507 34.74 13.05 32.83
N THR B 508 34.61 12.21 33.86
CA THR B 508 35.33 10.95 33.95
C THR B 508 34.41 9.84 33.44
N PHE B 509 34.79 9.22 32.33
CA PHE B 509 34.04 8.14 31.74
C PHE B 509 34.66 6.81 32.13
N HIS B 510 33.82 5.78 32.20
CA HIS B 510 34.23 4.48 32.72
C HIS B 510 33.94 3.40 31.67
N ALA B 511 34.28 2.16 32.02
CA ALA B 511 34.12 1.07 31.07
C ALA B 511 32.68 0.75 30.68
N ASP B 512 31.73 0.97 31.59
CA ASP B 512 30.33 0.70 31.29
C ASP B 512 29.82 1.47 30.08
N ILE B 513 30.58 2.46 29.61
CA ILE B 513 30.22 3.16 28.37
C ILE B 513 30.11 2.18 27.21
N CYS B 514 31.12 1.32 27.05
CA CYS B 514 31.10 0.35 25.95
C CYS B 514 30.05 -0.72 26.16
N THR B 515 29.59 -0.92 27.40
CA THR B 515 28.58 -1.93 27.69
C THR B 515 27.16 -1.44 27.48
N LEU B 516 26.99 -0.22 26.96
CA LEU B 516 25.69 0.40 26.80
C LEU B 516 25.19 0.26 25.36
N SER B 517 23.87 0.43 25.20
CA SER B 517 23.29 0.43 23.88
C SER B 517 23.59 1.76 23.18
N GLU B 518 23.23 1.82 21.90
CA GLU B 518 23.54 2.99 21.10
C GLU B 518 22.93 4.26 21.69
N LYS B 519 21.64 4.20 22.03
CA LYS B 519 20.98 5.36 22.62
C LYS B 519 21.62 5.74 23.95
N GLU B 520 22.12 4.76 24.70
CA GLU B 520 22.67 5.05 26.02
C GLU B 520 23.99 5.81 25.93
N ARG B 521 24.87 5.37 25.04
CA ARG B 521 26.16 6.06 24.87
C ARG B 521 25.95 7.50 24.43
N GLN B 522 25.11 7.70 23.41
CA GLN B 522 24.82 9.05 22.92
C GLN B 522 24.37 9.96 24.05
N ILE B 523 23.41 9.51 24.85
CA ILE B 523 22.88 10.37 25.91
C ILE B 523 23.95 10.66 26.94
N LYS B 524 24.78 9.67 27.27
CA LYS B 524 25.92 9.95 28.14
C LYS B 524 26.88 10.92 27.48
N LYS B 525 27.22 10.71 26.21
CA LYS B 525 28.06 11.67 25.50
C LYS B 525 27.41 13.05 25.46
N GLN B 526 26.10 13.10 25.22
CA GLN B 526 25.43 14.39 25.05
C GLN B 526 25.28 15.10 26.39
N THR B 527 25.06 14.35 27.47
CA THR B 527 25.07 14.94 28.80
C THR B 527 26.38 15.64 29.10
N ALA B 528 27.50 15.02 28.72
CA ALA B 528 28.80 15.65 28.96
C ALA B 528 28.97 16.87 28.09
N LEU B 529 28.51 16.81 26.84
CA LEU B 529 28.63 17.94 25.93
C LEU B 529 27.88 19.17 26.45
N VAL B 530 26.72 18.96 27.07
CA VAL B 530 26.01 20.07 27.68
C VAL B 530 26.79 20.62 28.87
N GLU B 531 27.25 19.72 29.76
CA GLU B 531 28.04 20.17 30.89
C GLU B 531 29.31 20.89 30.44
N LEU B 532 29.90 20.47 29.32
CA LEU B 532 31.05 21.18 28.77
C LEU B 532 30.67 22.61 28.41
N VAL B 533 29.56 22.78 27.67
CA VAL B 533 29.13 24.12 27.28
C VAL B 533 28.81 24.97 28.51
N LYS B 534 28.29 24.35 29.57
CA LYS B 534 28.03 25.08 30.81
C LYS B 534 29.34 25.48 31.49
N HIS B 535 30.40 24.71 31.29
CA HIS B 535 31.67 25.02 31.93
C HIS B 535 32.35 26.22 31.28
N LYS B 536 32.31 26.31 29.95
CA LYS B 536 32.95 27.39 29.21
C LYS B 536 32.05 27.82 28.06
N PRO B 537 31.00 28.64 28.36
CA PRO B 537 30.01 28.99 27.32
C PRO B 537 30.54 29.89 26.21
N LYS B 538 31.83 30.24 26.24
CA LYS B 538 32.40 31.10 25.23
C LYS B 538 32.96 30.33 24.04
N ALA B 539 33.26 29.05 24.21
CA ALA B 539 33.88 28.25 23.15
C ALA B 539 33.01 28.22 21.89
N THR B 540 33.67 28.02 20.76
CA THR B 540 32.98 27.94 19.47
C THR B 540 32.82 26.48 19.04
N LYS B 541 31.97 26.27 18.03
CA LYS B 541 31.65 24.91 17.63
C LYS B 541 32.90 24.16 17.18
N GLU B 542 33.79 24.83 16.48
CA GLU B 542 35.06 24.21 16.12
C GLU B 542 35.86 23.85 17.36
N GLN B 543 35.92 24.77 18.34
CA GLN B 543 36.57 24.43 19.59
C GLN B 543 35.88 23.25 20.27
N LEU B 544 34.54 23.24 20.23
CA LEU B 544 33.79 22.16 20.84
C LEU B 544 33.87 20.88 20.01
N LYS B 545 33.90 21.01 18.68
CA LYS B 545 34.09 19.83 17.85
C LYS B 545 35.44 19.18 18.13
N ALA B 546 36.48 20.00 18.33
CA ALA B 546 37.81 19.47 18.64
C ALA B 546 37.76 18.59 19.89
N VAL B 547 37.23 19.13 20.99
CA VAL B 547 37.11 18.37 22.21
C VAL B 547 36.23 17.13 22.00
N MET B 548 35.18 17.27 21.19
CA MET B 548 34.38 16.11 20.81
C MET B 548 35.17 15.16 19.94
N ASP B 549 36.03 15.69 19.06
CA ASP B 549 36.74 14.86 18.10
C ASP B 549 37.59 13.80 18.79
N ASP B 550 38.58 14.23 19.57
CA ASP B 550 39.46 13.27 20.23
C ASP B 550 38.71 12.41 21.23
N PHE B 551 37.63 12.93 21.81
CA PHE B 551 36.81 12.13 22.71
C PHE B 551 36.26 10.90 22.01
N ALA B 552 35.86 11.06 20.74
CA ALA B 552 35.39 9.92 19.98
C ALA B 552 36.49 8.88 19.82
N ALA B 553 37.70 9.33 19.47
CA ALA B 553 38.85 8.44 19.48
C ALA B 553 39.08 7.85 20.87
N PHE B 554 38.94 8.67 21.91
CA PHE B 554 39.17 8.20 23.27
C PHE B 554 38.28 7.02 23.61
N VAL B 555 37.03 7.04 23.17
CA VAL B 555 36.15 5.91 23.47
C VAL B 555 36.40 4.75 22.50
N GLU B 556 36.88 5.05 21.29
CA GLU B 556 37.13 3.98 20.32
C GLU B 556 38.27 3.07 20.79
N LYS B 557 39.44 3.65 21.03
CA LYS B 557 40.58 2.83 21.45
C LYS B 557 40.33 2.20 22.82
N CYS B 558 39.83 2.98 23.78
CA CYS B 558 39.67 2.46 25.13
C CYS B 558 38.63 1.35 25.22
N CYS B 559 37.70 1.27 24.26
CA CYS B 559 36.82 0.11 24.21
C CYS B 559 37.43 -1.04 23.42
N LYS B 560 38.31 -0.75 22.46
CA LYS B 560 39.14 -1.77 21.83
C LYS B 560 40.43 -1.91 22.63
N ALA B 561 40.28 -2.33 23.88
CA ALA B 561 41.39 -2.40 24.82
C ALA B 561 41.26 -3.67 25.66
N ASP B 562 42.41 -4.16 26.13
CA ASP B 562 42.49 -5.40 26.96
C ASP B 562 41.64 -5.24 28.23
N ASP B 563 42.08 -4.36 29.15
CA ASP B 563 41.31 -4.10 30.35
C ASP B 563 40.51 -2.85 30.02
N LYS B 564 39.18 -2.99 29.96
CA LYS B 564 38.34 -1.86 29.55
C LYS B 564 38.51 -0.67 30.47
N GLU B 565 38.33 -0.89 31.78
CA GLU B 565 38.31 0.22 32.73
C GLU B 565 39.67 0.92 32.82
N THR B 566 40.77 0.19 32.59
CA THR B 566 42.09 0.77 32.76
C THR B 566 42.33 1.90 31.76
N CYS B 567 42.02 1.66 30.49
CA CYS B 567 42.27 2.69 29.46
C CYS B 567 41.46 3.94 29.74
N PHE B 568 40.20 3.79 30.14
CA PHE B 568 39.36 4.94 30.44
C PHE B 568 39.99 5.79 31.54
N ALA B 569 40.39 5.15 32.64
CA ALA B 569 40.94 5.89 33.77
C ALA B 569 42.25 6.58 33.40
N GLU B 570 43.11 5.88 32.66
CA GLU B 570 44.40 6.45 32.29
C GLU B 570 44.23 7.56 31.27
N GLU B 571 43.65 7.24 30.11
CA GLU B 571 43.50 8.23 29.05
C GLU B 571 42.44 9.28 29.36
N GLY B 572 41.61 9.04 30.37
CA GLY B 572 40.67 10.08 30.78
C GLY B 572 41.36 11.32 31.30
N LYS B 573 42.40 11.14 32.12
CA LYS B 573 43.14 12.28 32.68
C LYS B 573 43.69 13.18 31.58
N LYS B 574 44.33 12.59 30.58
CA LYS B 574 44.94 13.38 29.52
C LYS B 574 43.86 14.10 28.69
N LEU B 575 42.72 13.43 28.46
CA LEU B 575 41.67 14.05 27.68
C LEU B 575 41.12 15.30 28.39
N VAL B 576 40.77 15.17 29.66
CA VAL B 576 40.29 16.33 30.40
C VAL B 576 41.37 17.40 30.49
N ALA B 577 42.63 16.97 30.65
CA ALA B 577 43.74 17.91 30.77
C ALA B 577 43.86 18.79 29.53
N ALA B 578 44.05 18.17 28.36
CA ALA B 578 44.23 18.95 27.14
C ALA B 578 42.97 19.73 26.77
N SER B 579 41.80 19.17 27.06
CA SER B 579 40.56 19.90 26.82
C SER B 579 40.45 21.10 27.75
N GLN B 580 40.64 20.86 29.06
CA GLN B 580 40.65 21.96 30.02
C GLN B 580 41.74 22.97 29.70
N ALA B 581 42.87 22.53 29.14
CA ALA B 581 43.84 23.48 28.61
C ALA B 581 43.30 24.14 27.35
N ALA B 582 42.79 23.34 26.40
CA ALA B 582 42.32 23.87 25.12
C ALA B 582 41.29 24.97 25.27
N LEU B 583 40.58 25.03 26.39
CA LEU B 583 39.53 26.02 26.58
C LEU B 583 39.67 26.86 27.84
N GLY B 584 40.63 26.56 28.71
CA GLY B 584 40.87 27.39 29.89
C GLY B 584 40.86 26.64 31.21
N LYS C 4 31.31 34.78 -11.41
CA LYS C 4 30.69 33.52 -11.03
C LYS C 4 31.71 32.41 -11.19
N SER C 5 31.85 31.59 -10.16
CA SER C 5 32.72 30.43 -10.20
C SER C 5 31.85 29.19 -10.33
N GLU C 6 31.92 28.54 -11.48
CA GLU C 6 31.14 27.32 -11.67
C GLU C 6 31.58 26.23 -10.70
N VAL C 7 32.88 26.02 -10.53
CA VAL C 7 33.33 24.99 -9.59
C VAL C 7 32.82 25.27 -8.19
N ALA C 8 32.83 26.55 -7.76
CA ALA C 8 32.31 26.88 -6.43
C ALA C 8 30.82 26.64 -6.34
N HIS C 9 30.09 27.00 -7.40
CA HIS C 9 28.64 26.79 -7.44
C HIS C 9 28.29 25.31 -7.25
N ARG C 10 29.01 24.42 -7.95
CA ARG C 10 28.66 23.01 -7.87
C ARG C 10 29.12 22.39 -6.55
N PHE C 11 30.30 22.79 -6.06
CA PHE C 11 30.75 22.33 -4.74
C PHE C 11 29.70 22.63 -3.67
N LYS C 12 29.16 23.85 -3.68
CA LYS C 12 28.17 24.22 -2.66
C LYS C 12 26.86 23.46 -2.85
N ASP C 13 26.41 23.34 -4.12
CA ASP C 13 25.18 22.57 -4.38
C ASP C 13 25.33 21.12 -3.94
N LEU C 14 26.47 20.52 -4.21
CA LEU C 14 26.65 19.08 -4.03
C LEU C 14 27.21 18.71 -2.66
N GLY C 15 27.92 19.64 -2.02
CA GLY C 15 28.62 19.31 -0.80
C GLY C 15 29.91 18.56 -1.07
N GLU C 16 30.82 18.62 -0.10
CA GLU C 16 32.19 18.15 -0.32
C GLU C 16 32.26 16.67 -0.66
N GLU C 17 31.48 15.83 0.01
CA GLU C 17 31.68 14.39 -0.17
C GLU C 17 31.17 13.92 -1.54
N ASN C 18 29.99 14.37 -1.96
CA ASN C 18 29.53 14.04 -3.32
C ASN C 18 30.46 14.63 -4.37
N PHE C 19 30.91 15.87 -4.16
CA PHE C 19 31.85 16.52 -5.08
C PHE C 19 33.09 15.65 -5.31
N LYS C 20 33.75 15.24 -4.22
CA LYS C 20 34.99 14.48 -4.33
C LYS C 20 34.76 13.14 -5.02
N ALA C 21 33.69 12.44 -4.64
CA ALA C 21 33.37 11.17 -5.29
C ALA C 21 33.11 11.37 -6.78
N LEU C 22 32.31 12.38 -7.12
CA LEU C 22 32.02 12.62 -8.53
C LEU C 22 33.29 12.98 -9.30
N VAL C 23 34.19 13.76 -8.67
CA VAL C 23 35.44 14.10 -9.33
C VAL C 23 36.30 12.86 -9.51
N LEU C 24 36.33 11.98 -8.51
CA LEU C 24 37.04 10.71 -8.65
C LEU C 24 36.47 9.90 -9.81
N ILE C 25 35.14 9.81 -9.90
CA ILE C 25 34.52 9.07 -11.00
C ILE C 25 34.91 9.68 -12.35
N ALA C 26 34.94 11.02 -12.42
CA ALA C 26 35.22 11.71 -13.68
C ALA C 26 36.62 11.38 -14.21
N PHE C 27 37.63 11.38 -13.33
CA PHE C 27 38.99 11.09 -13.78
C PHE C 27 39.24 9.60 -14.02
N ALA C 28 38.60 8.74 -13.24
CA ALA C 28 38.79 7.31 -13.42
C ALA C 28 38.14 6.83 -14.71
N GLN C 29 37.04 7.46 -15.14
CA GLN C 29 36.41 7.03 -16.39
C GLN C 29 37.16 7.55 -17.62
N TYR C 30 37.85 8.68 -17.54
CA TYR C 30 38.64 9.19 -18.65
C TYR C 30 40.09 8.72 -18.61
N LEU C 31 40.67 8.54 -17.44
CA LEU C 31 42.05 8.05 -17.31
C LEU C 31 42.04 6.68 -16.62
N GLN C 32 41.61 5.67 -17.38
CA GLN C 32 41.32 4.35 -16.81
C GLN C 32 42.56 3.55 -16.44
N GLN C 33 43.72 3.93 -16.99
CA GLN C 33 44.98 3.16 -16.76
C GLN C 33 45.79 3.73 -15.59
N PRO C 35 47.00 4.66 -11.82
CA PRO C 35 46.84 3.98 -10.53
C PRO C 35 45.95 4.74 -9.55
N PHE C 36 45.34 4.00 -8.63
CA PHE C 36 44.41 4.56 -7.65
C PHE C 36 45.01 5.76 -6.92
N GLU C 37 46.25 5.61 -6.42
CA GLU C 37 46.84 6.66 -5.61
C GLU C 37 47.09 7.92 -6.41
N ASP C 38 47.36 7.80 -7.71
CA ASP C 38 47.45 8.96 -8.58
C ASP C 38 46.13 9.72 -8.61
N HIS C 39 45.01 8.99 -8.77
CA HIS C 39 43.71 9.64 -8.80
C HIS C 39 43.32 10.21 -7.44
N VAL C 40 43.77 9.59 -6.35
CA VAL C 40 43.47 10.13 -5.02
C VAL C 40 44.08 11.51 -4.85
N LYS C 41 45.34 11.67 -5.28
CA LYS C 41 46.00 12.96 -5.16
C LYS C 41 45.33 14.00 -6.06
N LEU C 42 44.98 13.60 -7.28
CA LEU C 42 44.28 14.48 -8.20
C LEU C 42 42.98 14.98 -7.60
N VAL C 43 42.17 14.07 -7.06
CA VAL C 43 40.92 14.46 -6.41
C VAL C 43 41.18 15.49 -5.31
N ASN C 44 42.20 15.25 -4.48
CA ASN C 44 42.46 16.17 -3.37
C ASN C 44 42.86 17.54 -3.89
N GLU C 45 43.65 17.58 -4.96
CA GLU C 45 44.05 18.86 -5.53
C GLU C 45 42.84 19.62 -6.06
N VAL C 46 41.96 18.93 -6.79
CA VAL C 46 40.77 19.57 -7.34
C VAL C 46 39.88 20.09 -6.21
N THR C 47 39.72 19.28 -5.15
CA THR C 47 38.86 19.64 -4.03
C THR C 47 39.39 20.85 -3.29
N GLU C 48 40.71 20.95 -3.12
CA GLU C 48 41.28 22.11 -2.46
C GLU C 48 41.17 23.35 -3.33
N PHE C 49 41.40 23.18 -4.64
CA PHE C 49 41.11 24.25 -5.57
C PHE C 49 39.65 24.70 -5.46
N ALA C 50 38.72 23.74 -5.38
CA ALA C 50 37.29 24.10 -5.29
C ALA C 50 37.00 24.93 -4.05
N LYS C 51 37.51 24.49 -2.89
CA LYS C 51 37.30 25.23 -1.65
C LYS C 51 37.88 26.64 -1.72
N THR C 52 39.04 26.77 -2.36
CA THR C 52 39.59 28.09 -2.62
C THR C 52 38.59 28.97 -3.37
N CYS C 53 37.95 28.41 -4.40
CA CYS C 53 36.99 29.16 -5.21
C CYS C 53 35.73 29.48 -4.44
N VAL C 54 35.31 28.61 -3.52
CA VAL C 54 34.19 28.96 -2.66
C VAL C 54 34.54 30.17 -1.80
N ALA C 55 35.78 30.22 -1.29
CA ALA C 55 36.16 31.33 -0.42
C ALA C 55 36.34 32.61 -1.21
N ASP C 56 36.78 32.50 -2.47
CA ASP C 56 37.10 33.68 -3.28
C ASP C 56 36.95 33.30 -4.76
N GLU C 57 35.78 33.60 -5.32
CA GLU C 57 35.49 33.22 -6.70
C GLU C 57 36.36 33.95 -7.72
N SER C 58 37.07 34.99 -7.30
CA SER C 58 38.03 35.68 -8.17
C SER C 58 39.41 35.06 -8.15
N ALA C 59 39.66 34.09 -7.26
CA ALA C 59 40.98 33.47 -7.21
C ALA C 59 41.29 32.77 -8.53
N GLU C 60 42.58 32.50 -8.73
CA GLU C 60 43.10 32.08 -10.03
C GLU C 60 42.35 30.85 -10.55
N ASN C 61 41.93 30.93 -11.81
CA ASN C 61 41.24 29.90 -12.58
C ASN C 61 39.83 29.61 -12.10
N CYS C 62 39.33 30.34 -11.09
CA CYS C 62 38.04 30.00 -10.51
C CYS C 62 36.89 30.40 -11.42
N ASP C 63 37.13 31.31 -12.36
CA ASP C 63 36.04 31.74 -13.24
C ASP C 63 35.98 30.91 -14.53
N LYS C 64 36.90 29.96 -14.70
CA LYS C 64 36.89 29.13 -15.91
C LYS C 64 35.74 28.14 -15.86
N SER C 65 35.33 27.70 -17.05
CA SER C 65 34.35 26.62 -17.19
C SER C 65 34.91 25.33 -16.62
N LEU C 66 34.04 24.53 -16.02
CA LEU C 66 34.42 23.16 -15.65
C LEU C 66 34.94 22.38 -16.86
N HIS C 67 34.44 22.73 -18.04
CA HIS C 67 34.89 22.09 -19.31
C HIS C 67 36.38 22.37 -19.53
N THR C 68 36.77 23.65 -19.45
CA THR C 68 38.18 24.02 -19.62
C THR C 68 39.02 23.44 -18.50
N LEU C 69 38.54 23.54 -17.27
CA LEU C 69 39.29 23.05 -16.12
C LEU C 69 39.51 21.54 -16.18
N PHE C 70 38.44 20.78 -16.45
CA PHE C 70 38.59 19.33 -16.54
C PHE C 70 39.58 18.96 -17.63
N GLY C 71 39.41 19.55 -18.83
CA GLY C 71 40.35 19.28 -19.91
C GLY C 71 41.78 19.68 -19.60
N ASP C 72 41.99 20.85 -19.00
CA ASP C 72 43.34 21.26 -18.62
C ASP C 72 43.98 20.24 -17.69
N LYS C 73 43.26 19.87 -16.63
CA LYS C 73 43.77 18.82 -15.74
C LYS C 73 44.08 17.54 -16.51
N LEU C 74 43.12 17.06 -17.32
CA LEU C 74 43.37 15.85 -18.09
C LEU C 74 44.65 15.99 -18.91
N CYS C 75 44.81 17.15 -19.55
CA CYS C 75 45.89 17.31 -20.52
C CYS C 75 47.24 17.41 -19.84
N THR C 76 47.30 17.99 -18.64
CA THR C 76 48.55 17.94 -17.88
C THR C 76 48.97 16.50 -17.63
N VAL C 77 48.03 15.64 -17.21
CA VAL C 77 48.39 14.24 -16.99
C VAL C 77 48.85 13.59 -18.29
N ALA C 78 48.00 13.64 -19.31
CA ALA C 78 48.29 12.90 -20.53
C ALA C 78 49.46 13.46 -21.31
N THR C 79 49.79 14.74 -21.12
CA THR C 79 50.95 15.31 -21.81
C THR C 79 52.25 14.82 -21.19
N LEU C 80 52.34 14.79 -19.86
CA LEU C 80 53.59 14.42 -19.22
C LEU C 80 53.76 12.90 -19.17
N ARG C 81 52.74 12.19 -18.72
CA ARG C 81 52.75 10.74 -18.69
C ARG C 81 52.83 10.17 -20.12
N GLU C 82 53.22 8.89 -20.20
CA GLU C 82 53.35 8.23 -21.49
C GLU C 82 52.29 7.16 -21.74
N THR C 83 51.58 6.69 -20.70
CA THR C 83 50.52 5.72 -20.89
C THR C 83 49.38 6.29 -21.74
N TYR C 84 49.24 7.61 -21.82
CA TYR C 84 48.19 8.24 -22.61
C TYR C 84 48.75 9.06 -23.76
N GLY C 85 49.49 8.42 -24.66
CA GLY C 85 50.04 9.11 -25.80
C GLY C 85 49.00 9.49 -26.85
N GLU C 86 48.01 8.61 -27.06
CA GLU C 86 46.97 8.93 -28.03
C GLU C 86 46.07 10.06 -27.55
N MET C 87 45.67 10.03 -26.28
CA MET C 87 44.76 11.04 -25.77
C MET C 87 45.40 12.42 -25.78
N ALA C 88 46.72 12.49 -25.64
CA ALA C 88 47.39 13.78 -25.67
C ALA C 88 47.22 14.49 -27.02
N ASP C 89 46.82 13.77 -28.06
CA ASP C 89 46.53 14.42 -29.33
C ASP C 89 45.34 15.36 -29.22
N CYS C 90 44.39 15.07 -28.32
CA CYS C 90 43.30 16.01 -28.08
C CYS C 90 43.78 17.32 -27.49
N CYS C 91 44.89 17.29 -26.75
CA CYS C 91 45.35 18.44 -25.99
C CYS C 91 45.93 19.55 -26.86
N ALA C 92 46.15 19.30 -28.14
CA ALA C 92 46.46 20.40 -29.06
C ALA C 92 45.23 21.24 -29.39
N LYS C 93 44.03 20.68 -29.28
CA LYS C 93 42.82 21.38 -29.70
C LYS C 93 42.39 22.39 -28.66
N GLN C 94 41.62 23.38 -29.12
CA GLN C 94 40.86 24.26 -28.24
C GLN C 94 39.48 23.67 -27.97
N GLU C 95 38.81 24.22 -26.97
CA GLU C 95 37.40 23.90 -26.76
C GLU C 95 36.60 24.55 -27.88
N PRO C 96 35.51 23.90 -28.33
CA PRO C 96 34.93 22.65 -27.84
C PRO C 96 35.53 21.37 -28.41
N GLU C 97 36.39 21.45 -29.44
CA GLU C 97 36.89 20.22 -30.06
C GLU C 97 37.71 19.39 -29.08
N ARG C 98 38.37 20.03 -28.12
CA ARG C 98 39.25 19.27 -27.21
C ARG C 98 38.44 18.36 -26.28
N ASN C 99 37.41 18.89 -25.61
CA ASN C 99 36.59 18.04 -24.74
C ASN C 99 35.98 16.88 -25.54
N GLU C 100 35.42 17.18 -26.72
CA GLU C 100 34.74 16.14 -27.50
C GLU C 100 35.72 15.07 -27.99
N CYS C 101 36.95 15.47 -28.31
CA CYS C 101 38.00 14.53 -28.71
C CYS C 101 38.29 13.49 -27.62
N PHE C 102 38.06 13.83 -26.34
CA PHE C 102 38.30 12.87 -25.26
C PHE C 102 37.43 11.62 -25.39
N LEU C 103 36.23 11.75 -25.98
CA LEU C 103 35.25 10.66 -25.93
C LEU C 103 35.79 9.39 -26.57
N GLN C 104 36.50 9.50 -27.69
CA GLN C 104 36.98 8.31 -28.37
C GLN C 104 37.97 7.53 -27.53
N HIS C 105 38.53 8.15 -26.49
CA HIS C 105 39.53 7.48 -25.65
C HIS C 105 38.93 6.82 -24.42
N LYS C 106 37.63 6.97 -24.19
CA LYS C 106 36.95 6.16 -23.21
C LYS C 106 36.89 4.72 -23.71
N ASP C 107 37.53 3.82 -22.97
CA ASP C 107 37.69 2.45 -23.43
C ASP C 107 36.58 1.60 -22.82
N ASP C 108 35.65 1.17 -23.67
CA ASP C 108 34.52 0.37 -23.21
C ASP C 108 34.92 -1.03 -22.74
N ASN C 109 36.08 -1.53 -23.13
CA ASN C 109 36.56 -2.83 -22.67
C ASN C 109 38.02 -2.70 -22.28
N PRO C 110 38.31 -1.96 -21.21
CA PRO C 110 39.70 -1.74 -20.85
C PRO C 110 40.37 -3.06 -20.49
N ASN C 111 41.65 -3.14 -20.81
CA ASN C 111 42.45 -4.33 -20.57
C ASN C 111 43.01 -4.26 -19.16
N LEU C 112 42.18 -4.67 -18.19
CA LEU C 112 42.50 -4.54 -16.78
C LEU C 112 42.43 -5.89 -16.09
N PRO C 113 43.30 -6.17 -15.13
CA PRO C 113 43.23 -7.45 -14.42
C PRO C 113 41.90 -7.59 -13.70
N ARG C 114 41.49 -8.83 -13.48
CA ARG C 114 40.30 -9.08 -12.69
C ARG C 114 40.61 -8.78 -11.22
N LEU C 115 39.66 -8.13 -10.56
CA LEU C 115 39.79 -7.87 -9.13
C LEU C 115 39.88 -9.17 -8.36
N VAL C 116 40.99 -9.36 -7.66
CA VAL C 116 41.13 -10.51 -6.78
C VAL C 116 40.61 -10.13 -5.40
N ARG C 117 39.90 -11.05 -4.75
CA ARG C 117 39.14 -10.70 -3.58
C ARG C 117 39.80 -11.24 -2.32
N PRO C 118 40.11 -10.40 -1.36
CA PRO C 118 40.58 -10.88 -0.05
C PRO C 118 39.49 -11.67 0.66
N GLU C 119 39.84 -12.28 1.78
CA GLU C 119 38.83 -12.90 2.63
C GLU C 119 37.89 -11.84 3.20
N VAL C 120 36.65 -12.26 3.49
CA VAL C 120 35.62 -11.33 3.94
C VAL C 120 36.05 -10.64 5.23
N ASP C 121 36.53 -11.41 6.21
CA ASP C 121 36.97 -10.82 7.46
C ASP C 121 38.09 -9.81 7.22
N VAL C 122 38.99 -10.14 6.29
CA VAL C 122 40.00 -9.17 5.88
C VAL C 122 39.35 -7.91 5.33
N MET C 123 38.42 -8.07 4.37
CA MET C 123 37.75 -6.90 3.80
C MET C 123 37.00 -6.12 4.86
N CYS C 124 36.32 -6.82 5.77
CA CYS C 124 35.65 -6.14 6.87
C CYS C 124 36.64 -5.37 7.73
N THR C 125 37.80 -5.96 8.00
CA THR C 125 38.83 -5.25 8.75
C THR C 125 39.27 -4.00 8.00
N ALA C 126 39.65 -4.17 6.73
CA ALA C 126 39.99 -3.00 5.92
C ALA C 126 38.85 -2.00 5.92
N PHE C 127 37.61 -2.50 5.83
CA PHE C 127 36.47 -1.59 5.79
C PHE C 127 36.40 -0.74 7.06
N HIS C 128 36.53 -1.36 8.22
CA HIS C 128 36.48 -0.58 9.46
C HIS C 128 37.72 0.30 9.60
N ASP C 129 38.89 -0.20 9.17
CA ASP C 129 40.14 0.52 9.37
C ASP C 129 40.15 1.86 8.66
N ASN C 130 39.69 1.91 7.40
CA ASN C 130 39.59 3.19 6.70
C ASN C 130 38.42 3.08 5.72
N GLU C 131 37.23 3.46 6.20
CA GLU C 131 36.02 3.31 5.41
C GLU C 131 36.08 4.18 4.15
N GLU C 132 36.60 5.41 4.30
CA GLU C 132 36.62 6.34 3.19
C GLU C 132 37.51 5.85 2.06
N THR C 133 38.72 5.39 2.41
CA THR C 133 39.64 4.84 1.41
C THR C 133 39.08 3.57 0.77
N PHE C 134 38.40 2.73 1.57
CA PHE C 134 37.74 1.53 1.07
C PHE C 134 36.72 1.88 -0.03
N LEU C 135 35.96 2.96 0.18
CA LEU C 135 34.89 3.31 -0.75
C LEU C 135 35.41 4.04 -1.98
N LYS C 136 36.43 4.89 -1.84
CA LYS C 136 37.10 5.46 -3.00
C LYS C 136 37.60 4.36 -3.93
N LYS C 137 38.19 3.30 -3.36
CA LYS C 137 38.76 2.24 -4.18
C LYS C 137 37.67 1.49 -4.91
N TYR C 138 36.52 1.33 -4.26
CA TYR C 138 35.32 0.82 -4.92
C TYR C 138 34.92 1.71 -6.09
N LEU C 139 34.81 3.02 -5.86
CA LEU C 139 34.41 3.92 -6.92
C LEU C 139 35.42 3.90 -8.06
N TYR C 140 36.70 3.81 -7.72
CA TYR C 140 37.75 3.83 -8.74
C TYR C 140 37.71 2.58 -9.61
N GLU C 141 37.67 1.40 -8.97
CA GLU C 141 37.68 0.15 -9.73
C GLU C 141 36.44 0.03 -10.62
N ILE C 142 35.27 0.40 -10.11
CA ILE C 142 34.05 0.33 -10.93
C ILE C 142 34.13 1.33 -12.08
N ALA C 143 34.50 2.57 -11.78
CA ALA C 143 34.40 3.63 -12.77
C ALA C 143 35.34 3.39 -13.94
N ARG C 144 36.58 2.96 -13.66
CA ARG C 144 37.53 2.71 -14.74
C ARG C 144 37.11 1.51 -15.57
N ARG C 145 36.27 0.62 -15.03
CA ARG C 145 35.82 -0.52 -15.82
C ARG C 145 34.51 -0.26 -16.55
N HIS C 146 33.77 0.77 -16.14
CA HIS C 146 32.48 1.15 -16.75
C HIS C 146 32.51 2.65 -16.99
N PRO C 147 33.19 3.07 -18.06
CA PRO C 147 33.43 4.52 -18.23
C PRO C 147 32.19 5.32 -18.52
N TYR C 148 31.05 4.68 -18.78
CA TYR C 148 29.80 5.42 -18.95
C TYR C 148 28.80 5.16 -17.84
N PHE C 149 29.19 4.44 -16.77
CA PHE C 149 28.29 4.23 -15.64
C PHE C 149 27.66 5.55 -15.20
N TYR C 150 26.32 5.56 -15.07
CA TYR C 150 25.58 6.77 -14.71
C TYR C 150 26.11 7.30 -13.36
N ALA C 151 26.68 8.51 -13.34
CA ALA C 151 27.46 8.93 -12.18
C ALA C 151 26.62 9.04 -10.91
N PRO C 152 25.48 9.73 -10.89
CA PRO C 152 24.67 9.73 -9.66
C PRO C 152 24.28 8.33 -9.21
N GLU C 153 23.97 7.42 -10.14
CA GLU C 153 23.67 6.04 -9.76
C GLU C 153 24.89 5.33 -9.17
N LEU C 154 26.11 5.62 -9.64
CA LEU C 154 27.25 4.98 -8.99
C LEU C 154 27.41 5.42 -7.53
N LEU C 155 27.09 6.69 -7.21
CA LEU C 155 27.04 7.11 -5.81
C LEU C 155 26.07 6.26 -5.02
N PHE C 156 24.89 6.00 -5.61
CA PHE C 156 23.88 5.15 -4.98
C PHE C 156 24.44 3.75 -4.73
N PHE C 157 25.13 3.18 -5.73
CA PHE C 157 25.67 1.84 -5.56
C PHE C 157 26.72 1.82 -4.45
N ALA C 158 27.55 2.86 -4.37
CA ALA C 158 28.54 2.93 -3.31
C ALA C 158 27.86 2.94 -1.95
N LYS C 159 26.72 3.61 -1.85
CA LYS C 159 25.95 3.62 -0.61
C LYS C 159 25.43 2.24 -0.26
N ARG C 160 24.85 1.53 -1.24
CA ARG C 160 24.40 0.16 -1.00
C ARG C 160 25.56 -0.77 -0.66
N TYR C 161 26.72 -0.53 -1.26
CA TYR C 161 27.89 -1.35 -1.01
C TYR C 161 28.36 -1.20 0.44
N LYS C 162 28.45 0.04 0.91
CA LYS C 162 28.84 0.32 2.29
C LYS C 162 27.84 -0.26 3.28
N ALA C 163 26.55 -0.09 3.01
CA ALA C 163 25.55 -0.58 3.94
C ALA C 163 25.62 -2.09 4.06
N ALA C 164 26.00 -2.77 2.99
CA ALA C 164 26.19 -4.22 3.07
C ALA C 164 27.36 -4.58 3.97
N PHE C 165 28.45 -3.82 3.91
CA PHE C 165 29.57 -4.11 4.81
C PHE C 165 29.22 -3.75 6.25
N THR C 166 28.54 -2.63 6.44
CA THR C 166 28.08 -2.27 7.78
C THR C 166 27.23 -3.38 8.39
N GLU C 167 26.25 -3.89 7.63
CA GLU C 167 25.38 -4.94 8.14
C GLU C 167 26.14 -6.24 8.36
N CYS C 168 26.87 -6.70 7.35
CA CYS C 168 27.37 -8.07 7.38
C CYS C 168 28.67 -8.20 8.16
N CYS C 169 29.46 -7.13 8.25
CA CYS C 169 30.70 -7.26 9.02
C CYS C 169 30.43 -7.41 10.51
N GLN C 170 29.18 -7.27 10.92
CA GLN C 170 28.75 -7.62 12.26
C GLN C 170 27.98 -8.93 12.30
N ALA C 171 27.88 -9.63 11.18
CA ALA C 171 27.15 -10.89 11.15
C ALA C 171 27.89 -11.98 11.91
N ALA C 172 27.15 -13.04 12.24
CA ALA C 172 27.74 -14.26 12.77
C ALA C 172 28.58 -14.95 11.71
N ASP C 173 27.94 -15.39 10.63
CA ASP C 173 28.64 -15.84 9.43
C ASP C 173 28.71 -14.63 8.49
N LYS C 174 29.83 -13.91 8.54
CA LYS C 174 29.97 -12.69 7.74
C LYS C 174 29.85 -12.99 6.24
N ALA C 175 30.44 -14.09 5.78
CA ALA C 175 30.42 -14.40 4.37
C ALA C 175 29.03 -14.81 3.89
N ALA C 176 28.29 -15.55 4.71
CA ALA C 176 26.93 -15.92 4.33
C ALA C 176 26.07 -14.69 4.12
N CYS C 177 26.36 -13.62 4.86
CA CYS C 177 25.61 -12.38 4.74
C CYS C 177 26.10 -11.55 3.56
N LEU C 178 27.43 -11.39 3.42
CA LEU C 178 27.96 -10.41 2.48
C LEU C 178 27.93 -10.90 1.04
N LEU C 179 28.44 -12.10 0.79
CA LEU C 179 28.62 -12.56 -0.58
C LEU C 179 27.34 -12.56 -1.42
N PRO C 180 26.19 -13.03 -0.93
CA PRO C 180 24.98 -12.94 -1.75
C PRO C 180 24.54 -11.51 -2.01
N LYS C 181 24.90 -10.57 -1.13
CA LYS C 181 24.58 -9.16 -1.39
C LYS C 181 25.47 -8.59 -2.49
N LEU C 182 26.78 -8.82 -2.39
CA LEU C 182 27.69 -8.30 -3.41
C LEU C 182 27.40 -8.90 -4.78
N ASP C 183 27.01 -10.17 -4.82
CA ASP C 183 26.68 -10.76 -6.11
C ASP C 183 25.41 -10.11 -6.68
N GLU C 184 24.40 -9.91 -5.84
CA GLU C 184 23.21 -9.18 -6.28
C GLU C 184 23.57 -7.77 -6.74
N LEU C 185 24.38 -7.08 -5.93
CA LEU C 185 24.83 -5.70 -6.24
C LEU C 185 25.58 -5.69 -7.58
N ARG C 186 26.43 -6.70 -7.81
CA ARG C 186 27.21 -6.78 -9.05
C ARG C 186 26.30 -7.02 -10.26
N ASP C 187 25.25 -7.81 -10.10
CA ASP C 187 24.34 -8.06 -11.21
C ASP C 187 23.55 -6.82 -11.57
N GLU C 188 22.99 -6.14 -10.56
CA GLU C 188 22.26 -4.90 -10.82
C GLU C 188 23.15 -3.88 -11.51
N GLY C 189 24.41 -3.78 -11.06
CA GLY C 189 25.29 -2.77 -11.59
C GLY C 189 25.66 -3.00 -13.05
N LYS C 190 25.95 -4.25 -13.41
CA LYS C 190 26.22 -4.57 -14.80
C LYS C 190 25.04 -4.17 -15.69
N ALA C 191 23.81 -4.42 -15.22
CA ALA C 191 22.63 -3.99 -15.97
C ALA C 191 22.51 -2.47 -16.01
N SER C 192 22.80 -1.80 -14.89
CA SER C 192 22.75 -0.34 -14.86
C SER C 192 23.77 0.25 -15.84
N SER C 193 24.99 -0.27 -15.81
CA SER C 193 26.02 0.20 -16.73
C SER C 193 25.58 0.02 -18.17
N ALA C 194 25.13 -1.19 -18.53
CA ALA C 194 24.71 -1.44 -19.90
C ALA C 194 23.53 -0.56 -20.31
N LYS C 195 22.59 -0.31 -19.40
CA LYS C 195 21.48 0.58 -19.71
C LYS C 195 21.94 2.01 -19.99
N GLN C 196 22.79 2.57 -19.11
CA GLN C 196 23.27 3.93 -19.35
C GLN C 196 24.10 3.99 -20.64
N ARG C 197 24.86 2.93 -20.94
CA ARG C 197 25.63 2.93 -22.19
C ARG C 197 24.72 3.09 -23.40
N LEU C 198 23.51 2.59 -23.32
CA LEU C 198 22.59 2.73 -24.44
C LEU C 198 21.91 4.09 -24.43
N LYS C 199 21.65 4.63 -23.24
CA LYS C 199 21.18 6.00 -23.19
C LYS C 199 22.16 6.94 -23.89
N CYS C 200 23.47 6.80 -23.57
CA CYS C 200 24.46 7.68 -24.20
C CYS C 200 24.54 7.42 -25.70
N ALA C 201 24.60 6.14 -26.10
CA ALA C 201 24.71 5.83 -27.52
C ALA C 201 23.50 6.36 -28.29
N SER C 202 22.30 6.21 -27.74
CA SER C 202 21.11 6.72 -28.42
C SER C 202 21.18 8.23 -28.60
N LEU C 203 21.52 8.95 -27.53
CA LEU C 203 21.60 10.41 -27.61
C LEU C 203 22.77 10.86 -28.50
N GLN C 204 23.97 10.37 -28.21
CA GLN C 204 25.16 10.87 -28.89
C GLN C 204 25.22 10.44 -30.35
N LYS C 205 24.92 9.17 -30.66
CA LYS C 205 25.01 8.70 -32.05
C LYS C 205 23.73 8.92 -32.87
N PHE C 206 22.54 8.71 -32.29
CA PHE C 206 21.31 8.80 -33.07
C PHE C 206 20.58 10.13 -32.90
N GLY C 207 20.95 10.94 -31.92
CA GLY C 207 20.49 12.31 -31.85
C GLY C 207 19.44 12.52 -30.76
N GLU C 208 19.25 13.81 -30.45
CA GLU C 208 18.29 14.28 -29.44
C GLU C 208 16.88 13.79 -29.71
N ARG C 209 16.40 13.88 -30.95
CA ARG C 209 15.03 13.47 -31.24
C ARG C 209 14.80 11.99 -30.90
N ALA C 210 15.76 11.12 -31.21
CA ALA C 210 15.60 9.71 -30.89
C ALA C 210 15.58 9.49 -29.38
N PHE C 211 16.49 10.14 -28.66
CA PHE C 211 16.54 10.00 -27.21
C PHE C 211 15.24 10.47 -26.56
N LYS C 212 14.70 11.59 -27.06
CA LYS C 212 13.48 12.16 -26.50
C LYS C 212 12.25 11.30 -26.80
N ALA C 213 12.12 10.83 -28.05
CA ALA C 213 11.02 9.91 -28.36
C ALA C 213 11.02 8.73 -27.39
N TRP C 214 12.20 8.11 -27.21
CA TRP C 214 12.32 7.01 -26.25
C TRP C 214 11.88 7.45 -24.85
N ALA C 215 12.34 8.62 -24.40
CA ALA C 215 11.97 9.10 -23.09
C ALA C 215 10.46 9.34 -22.99
N VAL C 216 9.86 9.94 -24.04
CA VAL C 216 8.41 10.17 -24.04
C VAL C 216 7.66 8.85 -23.86
N ALA C 217 8.05 7.82 -24.61
CA ALA C 217 7.33 6.56 -24.55
C ALA C 217 7.40 5.95 -23.15
N ARG C 218 8.61 5.82 -22.61
N ARG C 218 8.61 5.81 -22.60
CA ARG C 218 8.78 5.18 -21.31
CA ARG C 218 8.77 5.16 -21.30
C ARG C 218 8.12 5.98 -20.20
C ARG C 218 8.13 5.98 -20.18
N LEU C 219 8.23 7.31 -20.25
CA LEU C 219 7.61 8.12 -19.20
C LEU C 219 6.08 8.15 -19.33
N SER C 220 5.55 8.09 -20.56
CA SER C 220 4.08 8.04 -20.69
C SER C 220 3.52 6.74 -20.15
N GLN C 221 4.21 5.61 -20.40
CA GLN C 221 3.88 4.34 -19.75
C GLN C 221 3.92 4.46 -18.23
N ARG C 222 4.95 5.13 -17.70
CA ARG C 222 5.19 5.09 -16.27
C ARG C 222 4.27 6.03 -15.52
N PHE C 223 3.96 7.16 -16.14
CA PHE C 223 3.12 8.21 -15.57
C PHE C 223 1.94 8.51 -16.48
N PRO C 224 1.07 7.54 -16.74
CA PRO C 224 -0.02 7.78 -17.73
C PRO C 224 -1.00 8.86 -17.33
N LYS C 225 -1.11 9.19 -16.04
CA LYS C 225 -2.01 10.27 -15.66
C LYS C 225 -1.43 11.65 -15.97
N ALA C 226 -0.11 11.73 -16.15
CA ALA C 226 0.54 13.02 -16.41
C ALA C 226 0.07 13.62 -17.73
N GLU C 227 -0.13 14.93 -17.73
CA GLU C 227 -0.41 15.65 -18.97
C GLU C 227 0.79 15.64 -19.90
N PHE C 228 0.51 15.81 -21.20
CA PHE C 228 1.57 15.81 -22.21
C PHE C 228 2.62 16.87 -21.90
N ALA C 229 2.19 18.07 -21.51
CA ALA C 229 3.15 19.14 -21.21
C ALA C 229 4.08 18.75 -20.07
N GLU C 230 3.54 18.04 -19.08
CA GLU C 230 4.38 17.62 -17.96
C GLU C 230 5.38 16.56 -18.39
N VAL C 231 4.93 15.54 -19.12
CA VAL C 231 5.84 14.56 -19.70
C VAL C 231 6.92 15.25 -20.51
N SER C 232 6.53 16.20 -21.38
CA SER C 232 7.49 16.92 -22.21
C SER C 232 8.52 17.66 -21.37
N LYS C 233 8.07 18.32 -20.31
CA LYS C 233 9.00 19.01 -19.42
C LYS C 233 10.01 18.03 -18.82
N LEU C 234 9.54 16.87 -18.35
CA LEU C 234 10.45 15.87 -17.80
C LEU C 234 11.44 15.37 -18.84
N VAL C 235 10.98 15.21 -20.09
CA VAL C 235 11.88 14.71 -21.13
C VAL C 235 12.96 15.75 -21.44
N THR C 236 12.58 17.04 -21.43
CA THR C 236 13.54 18.11 -21.64
C THR C 236 14.63 18.12 -20.57
N ASP C 237 14.24 18.05 -19.30
CA ASP C 237 15.22 18.03 -18.21
C ASP C 237 16.12 16.81 -18.30
N LEU C 238 15.54 15.63 -18.58
CA LEU C 238 16.36 14.43 -18.65
C LEU C 238 17.36 14.52 -19.79
N THR C 239 16.94 15.08 -20.93
CA THR C 239 17.87 15.31 -22.03
C THR C 239 19.07 16.13 -21.58
N LYS C 240 18.81 17.19 -20.81
CA LYS C 240 19.89 18.00 -20.26
C LYS C 240 20.78 17.18 -19.33
N VAL C 241 20.16 16.42 -18.43
CA VAL C 241 20.94 15.62 -17.47
C VAL C 241 21.85 14.64 -18.20
N HIS C 242 21.30 13.89 -19.17
CA HIS C 242 22.08 12.83 -19.80
C HIS C 242 23.04 13.37 -20.85
N THR C 243 22.74 14.51 -21.49
CA THR C 243 23.78 15.14 -22.31
C THR C 243 24.99 15.49 -21.44
N GLU C 244 24.75 16.05 -20.25
CA GLU C 244 25.86 16.40 -19.37
C GLU C 244 26.62 15.16 -18.94
N CYS C 245 25.92 14.18 -18.36
CA CYS C 245 26.61 12.99 -17.88
C CYS C 245 27.37 12.30 -19.01
N CYS C 246 26.73 12.16 -20.18
CA CYS C 246 27.34 11.37 -21.26
C CYS C 246 28.53 12.08 -21.88
N HIS C 247 28.63 13.39 -21.72
CA HIS C 247 29.81 14.10 -22.17
C HIS C 247 30.81 14.38 -21.05
N GLY C 248 30.61 13.79 -19.86
CA GLY C 248 31.59 13.81 -18.79
C GLY C 248 31.46 14.98 -17.83
N ASP C 249 30.41 15.80 -17.95
CA ASP C 249 30.15 16.90 -17.02
C ASP C 249 29.36 16.38 -15.82
N LEU C 250 30.06 15.59 -15.00
CA LEU C 250 29.39 14.79 -13.99
C LEU C 250 28.90 15.66 -12.84
N LEU C 251 29.55 16.79 -12.59
CA LEU C 251 29.11 17.65 -11.50
C LEU C 251 27.76 18.29 -11.84
N GLU C 252 27.64 18.85 -13.05
CA GLU C 252 26.37 19.44 -13.49
C GLU C 252 25.29 18.37 -13.66
N CYS C 253 25.66 17.19 -14.17
CA CYS C 253 24.70 16.11 -14.30
C CYS C 253 24.11 15.74 -12.95
N ALA C 254 24.96 15.46 -11.97
CA ALA C 254 24.44 15.08 -10.67
C ALA C 254 23.60 16.20 -10.08
N ASP C 255 24.06 17.44 -10.25
CA ASP C 255 23.36 18.58 -9.67
C ASP C 255 21.99 18.75 -10.32
N ASP C 256 21.94 18.60 -11.65
CA ASP C 256 20.66 18.70 -12.35
C ASP C 256 19.75 17.51 -12.05
N ARG C 257 20.33 16.33 -11.83
CA ARG C 257 19.48 15.20 -11.53
C ARG C 257 18.82 15.37 -10.16
N ALA C 258 19.56 15.94 -9.21
CA ALA C 258 19.00 16.28 -7.91
C ALA C 258 17.84 17.25 -8.06
N ASP C 259 18.01 18.30 -8.86
CA ASP C 259 16.94 19.25 -9.10
C ASP C 259 15.71 18.58 -9.72
N LEU C 260 15.93 17.67 -10.67
CA LEU C 260 14.81 16.98 -11.30
C LEU C 260 14.06 16.08 -10.31
N ALA C 261 14.80 15.31 -9.49
CA ALA C 261 14.15 14.51 -8.45
C ALA C 261 13.31 15.40 -7.54
N LYS C 262 13.87 16.54 -7.13
CA LYS C 262 13.11 17.49 -6.29
C LYS C 262 11.88 18.00 -7.02
N TYR C 263 12.03 18.40 -8.28
CA TYR C 263 10.87 18.87 -9.04
C TYR C 263 9.79 17.80 -9.10
N ILE C 264 10.20 16.54 -9.28
CA ILE C 264 9.22 15.47 -9.38
C ILE C 264 8.52 15.27 -8.05
N CYS C 265 9.28 15.27 -6.96
CA CYS C 265 8.70 15.05 -5.64
C CYS C 265 7.82 16.21 -5.20
N GLU C 266 8.13 17.41 -5.69
CA GLU C 266 7.27 18.55 -5.33
C GLU C 266 6.04 18.55 -6.24
N ASN C 267 6.00 17.68 -7.29
CA ASN C 267 4.85 17.78 -8.21
C ASN C 267 4.31 16.37 -8.50
N GLN C 268 4.11 15.57 -7.45
CA GLN C 268 3.58 14.18 -7.62
C GLN C 268 2.10 14.26 -8.00
N ASP C 269 1.42 15.30 -7.52
CA ASP C 269 -0.01 15.53 -7.80
C ASP C 269 -0.16 15.76 -9.30
N SER C 270 0.91 16.07 -10.03
CA SER C 270 0.66 16.24 -11.48
C SER C 270 1.36 15.11 -12.25
N ILE C 271 1.93 14.13 -11.53
CA ILE C 271 2.75 13.16 -12.26
C ILE C 271 2.31 11.73 -12.00
N SER C 272 2.24 11.32 -10.73
CA SER C 272 1.99 9.91 -10.45
C SER C 272 1.56 9.71 -9.01
N SER C 273 0.70 8.70 -8.79
CA SER C 273 0.27 8.38 -7.44
C SER C 273 1.24 7.43 -6.75
N LYS C 274 2.28 6.99 -7.44
CA LYS C 274 3.17 5.95 -6.94
C LYS C 274 4.47 6.50 -6.35
N LEU C 275 4.53 7.79 -6.03
CA LEU C 275 5.82 8.42 -5.75
C LEU C 275 6.08 8.74 -4.28
N LYS C 276 5.04 8.71 -3.42
CA LYS C 276 5.16 9.22 -2.06
C LYS C 276 6.31 8.56 -1.28
N GLU C 277 6.46 7.24 -1.41
CA GLU C 277 7.51 6.57 -0.65
C GLU C 277 8.89 6.86 -1.25
N CYS C 278 8.99 6.93 -2.58
CA CYS C 278 10.23 7.37 -3.19
C CYS C 278 10.66 8.73 -2.66
N CYS C 279 9.72 9.65 -2.57
CA CYS C 279 10.05 11.04 -2.25
C CYS C 279 10.31 11.27 -0.77
N GLU C 280 10.32 10.21 0.05
CA GLU C 280 10.68 10.31 1.45
C GLU C 280 12.06 9.76 1.75
N LYS C 281 12.77 9.29 0.77
CA LYS C 281 14.10 8.74 0.91
C LYS C 281 15.15 9.82 0.73
N PRO C 282 16.34 9.64 1.29
CA PRO C 282 17.42 10.60 1.02
C PRO C 282 17.80 10.59 -0.45
N LEU C 283 18.50 11.65 -0.86
CA LEU C 283 18.61 12.05 -2.26
C LEU C 283 18.95 10.88 -3.21
N LEU C 284 20.04 10.15 -2.92
CA LEU C 284 20.49 9.12 -3.87
C LEU C 284 19.48 8.00 -4.00
N GLU C 285 18.95 7.52 -2.87
CA GLU C 285 17.90 6.51 -2.92
C GLU C 285 16.64 7.07 -3.59
N LYS C 286 16.35 8.35 -3.35
CA LYS C 286 15.15 8.98 -3.93
C LYS C 286 15.20 8.96 -5.45
N SER C 287 16.30 9.45 -6.04
CA SER C 287 16.43 9.45 -7.50
C SER C 287 16.36 8.04 -8.04
N HIS C 288 17.02 7.10 -7.38
CA HIS C 288 17.01 5.72 -7.85
C HIS C 288 15.61 5.14 -7.80
N CYS C 289 14.90 5.36 -6.71
CA CYS C 289 13.54 4.85 -6.58
C CYS C 289 12.65 5.39 -7.71
N ILE C 290 12.68 6.70 -7.92
CA ILE C 290 11.87 7.32 -8.97
C ILE C 290 12.17 6.71 -10.33
N ALA C 291 13.44 6.41 -10.61
CA ALA C 291 13.81 5.87 -11.92
C ALA C 291 13.21 4.50 -12.13
N GLU C 292 12.87 3.78 -11.06
CA GLU C 292 12.39 2.41 -11.14
C GLU C 292 10.98 2.26 -10.59
N VAL C 293 10.24 3.35 -10.42
CA VAL C 293 8.92 3.23 -9.81
C VAL C 293 7.98 2.46 -10.73
N GLU C 294 7.05 1.71 -10.13
CA GLU C 294 6.14 0.93 -10.96
C GLU C 294 5.19 1.87 -11.68
N ASN C 295 4.63 1.39 -12.80
CA ASN C 295 3.72 2.21 -13.60
C ASN C 295 2.54 2.66 -12.75
N ASP C 296 2.09 3.88 -13.00
CA ASP C 296 0.87 4.34 -12.37
C ASP C 296 -0.33 3.69 -13.04
N GLU C 297 -1.47 3.72 -12.34
CA GLU C 297 -2.71 3.33 -12.97
C GLU C 297 -3.14 4.37 -14.00
N MET C 298 -3.86 3.92 -15.01
CA MET C 298 -4.30 4.81 -16.08
C MET C 298 -5.33 5.81 -15.57
N PRO C 299 -5.40 6.99 -16.18
CA PRO C 299 -6.45 7.95 -15.83
C PRO C 299 -7.79 7.44 -16.35
N ALA C 300 -8.85 8.13 -15.94
CA ALA C 300 -10.20 7.73 -16.30
C ALA C 300 -10.73 8.41 -17.57
N ASP C 301 -9.92 9.23 -18.23
CA ASP C 301 -10.43 10.11 -19.30
C ASP C 301 -9.56 10.03 -20.54
N LEU C 302 -9.09 8.84 -20.88
CA LEU C 302 -8.26 8.71 -22.07
C LEU C 302 -9.07 9.03 -23.32
N PRO C 303 -8.47 9.72 -24.29
CA PRO C 303 -9.18 9.99 -25.55
C PRO C 303 -9.24 8.74 -26.41
N SER C 304 -10.15 8.79 -27.39
CA SER C 304 -10.21 7.74 -28.41
C SER C 304 -9.03 7.92 -29.36
N LEU C 305 -8.14 6.94 -29.39
CA LEU C 305 -6.93 7.08 -30.18
C LEU C 305 -7.26 7.10 -31.67
N ALA C 306 -8.10 6.15 -32.11
CA ALA C 306 -8.50 6.12 -33.51
C ALA C 306 -9.32 7.33 -33.90
N ALA C 307 -10.05 7.95 -32.98
CA ALA C 307 -10.78 9.16 -33.32
C ALA C 307 -9.84 10.27 -33.77
N ASP C 308 -8.74 10.48 -33.04
CA ASP C 308 -7.88 11.64 -33.28
C ASP C 308 -6.81 11.40 -34.33
N PHE C 309 -6.37 10.16 -34.51
CA PHE C 309 -5.18 9.85 -35.30
C PHE C 309 -5.40 8.94 -36.51
N VAL C 310 -6.55 8.28 -36.64
CA VAL C 310 -6.75 7.34 -37.74
C VAL C 310 -8.06 7.62 -38.48
N GLU C 311 -9.17 7.70 -37.73
CA GLU C 311 -10.48 7.84 -38.35
C GLU C 311 -10.80 9.28 -38.71
N SER C 312 -10.24 10.25 -38.01
CA SER C 312 -10.46 11.65 -38.36
C SER C 312 -10.08 11.90 -39.81
N LYS C 313 -10.71 12.91 -40.42
CA LYS C 313 -10.42 13.20 -41.80
C LYS C 313 -9.39 14.32 -41.98
N ASP C 314 -9.11 15.11 -40.94
CA ASP C 314 -8.16 16.21 -41.05
C ASP C 314 -6.79 15.88 -40.44
N VAL C 315 -6.45 14.59 -40.37
CA VAL C 315 -5.19 14.16 -39.75
C VAL C 315 -4.00 14.80 -40.45
N CYS C 316 -4.02 14.82 -41.78
CA CYS C 316 -2.91 15.40 -42.53
C CYS C 316 -2.76 16.88 -42.24
N LYS C 317 -3.86 17.60 -42.03
CA LYS C 317 -3.76 19.02 -41.71
C LYS C 317 -3.18 19.24 -40.32
N ASN C 318 -3.61 18.47 -39.32
CA ASN C 318 -3.04 18.63 -37.98
C ASN C 318 -1.58 18.20 -37.96
N TYR C 319 -1.25 17.11 -38.65
CA TYR C 319 0.14 16.67 -38.72
C TYR C 319 1.02 17.71 -39.40
N ALA C 320 0.54 18.29 -40.50
CA ALA C 320 1.40 19.21 -41.24
C ALA C 320 1.65 20.51 -40.48
N GLU C 321 0.78 20.85 -39.53
CA GLU C 321 0.99 22.09 -38.77
C GLU C 321 2.17 21.97 -37.81
N ALA C 322 2.48 20.77 -37.32
CA ALA C 322 3.52 20.56 -36.32
C ALA C 322 3.83 19.07 -36.25
N LYS C 323 4.75 18.63 -37.10
CA LYS C 323 4.86 17.21 -37.38
C LYS C 323 5.33 16.44 -36.15
N ASP C 324 6.42 16.87 -35.51
CA ASP C 324 6.93 16.10 -34.38
C ASP C 324 6.06 16.27 -33.13
N VAL C 325 5.41 17.41 -32.96
CA VAL C 325 4.45 17.51 -31.86
C VAL C 325 3.31 16.52 -32.07
N PHE C 326 2.76 16.49 -33.28
CA PHE C 326 1.67 15.58 -33.58
C PHE C 326 2.11 14.12 -33.41
N LEU C 327 3.29 13.78 -33.93
CA LEU C 327 3.80 12.43 -33.72
C LEU C 327 4.08 12.16 -32.25
N GLY C 328 4.49 13.18 -31.49
CA GLY C 328 4.74 12.99 -30.07
C GLY C 328 3.45 12.77 -29.28
N MET C 329 2.38 13.47 -29.65
CA MET C 329 1.06 13.16 -29.07
C MET C 329 0.65 11.73 -29.37
N PHE C 330 0.81 11.31 -30.62
CA PHE C 330 0.48 9.92 -30.95
C PHE C 330 1.24 8.96 -30.04
N LEU C 331 2.55 9.13 -29.96
CA LEU C 331 3.40 8.26 -29.14
C LEU C 331 2.94 8.32 -27.67
N TYR C 332 2.72 9.52 -27.15
CA TYR C 332 2.24 9.69 -25.77
C TYR C 332 0.93 8.94 -25.53
N GLU C 333 -0.08 9.17 -26.38
CA GLU C 333 -1.36 8.48 -26.19
C GLU C 333 -1.20 6.97 -26.33
N TYR C 334 -0.38 6.51 -27.27
CA TYR C 334 -0.23 5.07 -27.46
C TYR C 334 0.50 4.43 -26.28
N ALA C 335 1.57 5.08 -25.80
CA ALA C 335 2.37 4.45 -24.75
C ALA C 335 1.64 4.46 -23.41
N ARG C 336 0.91 5.55 -23.10
CA ARG C 336 0.19 5.58 -21.83
C ARG C 336 -0.88 4.49 -21.77
N ARG C 337 -1.39 4.07 -22.93
CA ARG C 337 -2.37 3.00 -23.05
CA ARG C 337 -2.37 3.00 -23.02
C ARG C 337 -1.75 1.62 -23.05
N HIS C 338 -0.46 1.51 -23.34
CA HIS C 338 0.19 0.20 -23.49
C HIS C 338 1.45 0.09 -22.66
N PRO C 339 1.31 0.04 -21.33
CA PRO C 339 2.47 -0.31 -20.50
C PRO C 339 2.93 -1.74 -20.70
N ASP C 340 2.15 -2.52 -21.45
CA ASP C 340 2.47 -3.90 -21.78
C ASP C 340 3.28 -4.04 -23.07
N TYR C 341 3.69 -2.92 -23.68
CA TYR C 341 4.52 -2.95 -24.87
C TYR C 341 5.98 -2.64 -24.50
N SER C 342 6.91 -3.19 -25.27
CA SER C 342 8.27 -2.70 -25.19
C SER C 342 8.34 -1.28 -25.75
N VAL C 343 9.35 -0.52 -25.31
CA VAL C 343 9.52 0.83 -25.82
C VAL C 343 9.94 0.81 -27.28
N VAL C 344 10.85 -0.11 -27.64
CA VAL C 344 11.27 -0.17 -29.03
C VAL C 344 10.09 -0.50 -29.95
N LEU C 345 9.10 -1.24 -29.45
CA LEU C 345 7.92 -1.54 -30.26
C LEU C 345 7.07 -0.30 -30.46
N LEU C 346 6.77 0.41 -29.37
CA LEU C 346 6.03 1.66 -29.48
C LEU C 346 6.70 2.59 -30.47
N LEU C 347 8.03 2.71 -30.40
CA LEU C 347 8.76 3.55 -31.33
C LEU C 347 8.69 3.01 -32.75
N ARG C 348 8.78 1.68 -32.91
CA ARG C 348 8.57 1.07 -34.22
C ARG C 348 7.18 1.41 -34.76
N LEU C 349 6.18 1.35 -33.88
CA LEU C 349 4.82 1.69 -34.28
C LEU C 349 4.67 3.17 -34.62
N ALA C 350 5.21 4.05 -33.76
CA ALA C 350 5.16 5.47 -34.06
C ALA C 350 5.81 5.79 -35.40
N LYS C 351 6.93 5.15 -35.70
CA LYS C 351 7.64 5.39 -36.98
C LYS C 351 6.80 4.90 -38.15
N THR C 352 6.23 3.70 -38.03
CA THR C 352 5.30 3.19 -39.03
C THR C 352 4.17 4.19 -39.27
N TYR C 353 3.60 4.72 -38.18
CA TYR C 353 2.54 5.73 -38.32
C TYR C 353 3.06 6.94 -39.09
N GLU C 354 4.31 7.35 -38.81
CA GLU C 354 4.89 8.52 -39.45
C GLU C 354 5.07 8.31 -40.95
N THR C 355 5.62 7.15 -41.33
CA THR C 355 5.76 6.84 -42.74
C THR C 355 4.40 6.75 -43.44
N THR C 356 3.40 6.21 -42.76
CA THR C 356 2.07 6.16 -43.34
C THR C 356 1.55 7.56 -43.64
N LEU C 357 1.78 8.52 -42.75
CA LEU C 357 1.26 9.86 -42.99
C LEU C 357 2.00 10.55 -44.12
N GLU C 358 3.34 10.45 -44.13
CA GLU C 358 4.13 11.03 -45.22
C GLU C 358 3.71 10.47 -46.56
N LYS C 359 3.42 9.18 -46.61
CA LYS C 359 2.99 8.53 -47.85
C LYS C 359 1.56 8.93 -48.19
N CYS C 360 0.64 8.69 -47.25
CA CYS C 360 -0.78 8.81 -47.52
C CYS C 360 -1.24 10.26 -47.70
N CYS C 361 -0.55 11.23 -47.10
CA CYS C 361 -1.01 12.60 -47.23
C CYS C 361 -0.64 13.22 -48.57
N ALA C 362 0.22 12.56 -49.35
CA ALA C 362 0.45 13.00 -50.71
C ALA C 362 -0.60 12.44 -51.66
N ALA C 363 -1.13 11.26 -51.38
CA ALA C 363 -2.07 10.61 -52.27
C ALA C 363 -3.40 11.39 -52.32
N ALA C 364 -4.23 11.00 -53.28
CA ALA C 364 -5.60 11.48 -53.33
C ALA C 364 -6.45 10.67 -52.36
N ASP C 365 -7.36 11.36 -51.66
CA ASP C 365 -8.12 10.77 -50.56
C ASP C 365 -7.20 10.14 -49.51
N PRO C 366 -6.41 10.95 -48.79
CA PRO C 366 -5.50 10.36 -47.79
C PRO C 366 -6.20 9.52 -46.73
N HIS C 367 -7.41 9.90 -46.30
CA HIS C 367 -8.06 9.16 -45.24
C HIS C 367 -8.27 7.70 -45.61
N GLU C 368 -8.65 7.42 -46.86
CA GLU C 368 -8.77 6.02 -47.24
C GLU C 368 -7.42 5.33 -47.34
N CYS C 369 -6.34 6.09 -47.51
CA CYS C 369 -5.01 5.51 -47.41
C CYS C 369 -4.62 5.25 -45.95
N TYR C 370 -4.69 6.26 -45.08
CA TYR C 370 -4.15 6.08 -43.74
C TYR C 370 -5.12 5.41 -42.77
N ALA C 371 -6.40 5.24 -43.13
CA ALA C 371 -7.33 4.55 -42.24
C ALA C 371 -6.90 3.12 -41.95
N LYS C 372 -6.04 2.55 -42.77
CA LYS C 372 -5.60 1.17 -42.64
C LYS C 372 -4.33 1.00 -41.83
N VAL C 373 -3.85 2.04 -41.16
CA VAL C 373 -2.53 1.96 -40.54
C VAL C 373 -2.54 0.99 -39.36
N PHE C 374 -3.69 0.85 -38.68
CA PHE C 374 -3.77 -0.11 -37.59
C PHE C 374 -3.48 -1.52 -38.06
N ASP C 375 -3.85 -1.85 -39.31
CA ASP C 375 -3.51 -3.15 -39.88
C ASP C 375 -2.00 -3.32 -40.00
N GLU C 376 -1.30 -2.26 -40.38
CA GLU C 376 0.16 -2.32 -40.44
C GLU C 376 0.74 -2.71 -39.10
N PHE C 377 0.08 -2.31 -38.01
CA PHE C 377 0.65 -2.53 -36.69
C PHE C 377 0.63 -4.00 -36.32
N LYS C 378 -0.39 -4.74 -36.78
CA LYS C 378 -0.64 -6.12 -36.38
C LYS C 378 0.59 -7.00 -36.55
N PRO C 379 1.20 -7.13 -37.73
CA PRO C 379 2.39 -7.98 -37.82
C PRO C 379 3.59 -7.45 -37.04
N LEU C 380 3.64 -6.13 -36.82
CA LEU C 380 4.73 -5.57 -36.03
C LEU C 380 4.60 -5.93 -34.56
N VAL C 381 3.37 -5.99 -34.05
CA VAL C 381 3.14 -6.40 -32.66
C VAL C 381 3.42 -7.89 -32.49
N GLU C 382 3.12 -8.70 -33.51
CA GLU C 382 3.16 -10.16 -33.38
C GLU C 382 4.58 -10.68 -33.47
N GLU C 383 5.42 -10.09 -34.31
CA GLU C 383 6.76 -10.63 -34.53
C GLU C 383 7.59 -10.72 -33.25
N PRO C 384 7.64 -9.71 -32.37
CA PRO C 384 8.31 -9.94 -31.08
C PRO C 384 7.52 -10.82 -30.14
N GLN C 385 6.19 -10.66 -30.08
CA GLN C 385 5.36 -11.58 -29.30
C GLN C 385 5.69 -13.03 -29.64
N ASN C 386 5.81 -13.33 -30.94
CA ASN C 386 6.16 -14.68 -31.37
C ASN C 386 7.60 -15.03 -31.00
N LEU C 387 8.48 -14.03 -30.97
CA LEU C 387 9.89 -14.29 -30.72
C LEU C 387 10.14 -14.62 -29.26
N ILE C 388 9.60 -13.80 -28.36
CA ILE C 388 9.73 -14.08 -26.93
C ILE C 388 9.05 -15.40 -26.60
N LYS C 389 7.85 -15.62 -27.14
CA LYS C 389 7.13 -16.87 -26.89
C LYS C 389 7.98 -18.07 -27.31
N GLN C 390 8.45 -18.07 -28.56
CA GLN C 390 9.34 -19.14 -29.02
C GLN C 390 10.52 -19.30 -28.08
N ASN C 391 11.32 -18.24 -27.91
CA ASN C 391 12.61 -18.37 -27.23
C ASN C 391 12.46 -18.64 -25.73
N CYS C 392 11.44 -18.06 -25.08
CA CYS C 392 11.22 -18.38 -23.67
C CYS C 392 10.78 -19.83 -23.50
N GLU C 393 10.02 -20.37 -24.45
CA GLU C 393 9.64 -21.78 -24.38
C GLU C 393 10.87 -22.67 -24.48
N LEU C 394 11.80 -22.36 -25.39
CA LEU C 394 13.09 -23.03 -25.38
C LEU C 394 13.83 -22.76 -24.07
N PHE C 395 13.55 -21.63 -23.43
CA PHE C 395 14.25 -21.29 -22.19
C PHE C 395 13.64 -22.01 -20.99
N GLU C 396 12.31 -22.09 -20.90
CA GLU C 396 11.71 -22.88 -19.82
C GLU C 396 12.07 -24.36 -19.96
N GLN C 397 12.47 -24.79 -21.14
CA GLN C 397 13.04 -26.12 -21.32
C GLN C 397 14.52 -26.11 -20.92
N LEU C 398 15.36 -25.53 -21.76
CA LEU C 398 16.80 -25.52 -21.50
C LEU C 398 17.14 -24.42 -20.50
N GLY C 399 17.85 -24.79 -19.43
CA GLY C 399 18.27 -23.82 -18.44
C GLY C 399 19.17 -22.74 -19.02
N GLU C 400 19.45 -21.73 -18.18
CA GLU C 400 20.22 -20.57 -18.64
C GLU C 400 21.51 -20.98 -19.32
N TYR C 401 22.29 -21.86 -18.68
CA TYR C 401 23.54 -22.30 -19.29
C TYR C 401 23.28 -22.88 -20.67
N LYS C 402 22.28 -23.76 -20.78
CA LYS C 402 21.96 -24.37 -22.08
C LYS C 402 21.43 -23.34 -23.06
N PHE C 403 20.43 -22.56 -22.64
CA PHE C 403 19.89 -21.49 -23.48
C PHE C 403 20.99 -20.60 -24.04
N GLN C 404 21.99 -20.29 -23.20
CA GLN C 404 23.13 -19.49 -23.66
C GLN C 404 23.87 -20.18 -24.79
N ASN C 405 24.11 -21.49 -24.64
CA ASN C 405 24.80 -22.21 -25.69
C ASN C 405 23.99 -22.24 -26.98
N ALA C 406 22.67 -22.24 -26.86
CA ALA C 406 21.80 -22.14 -28.03
C ALA C 406 22.09 -20.86 -28.80
N LEU C 407 21.84 -19.72 -28.14
CA LEU C 407 22.15 -18.42 -28.74
C LEU C 407 23.61 -18.36 -29.16
N LEU C 408 24.50 -18.87 -28.31
CA LEU C 408 25.92 -18.94 -28.65
C LEU C 408 26.12 -19.51 -30.05
N VAL C 409 25.55 -20.69 -30.31
CA VAL C 409 25.70 -21.32 -31.62
C VAL C 409 25.00 -20.49 -32.69
N ARG C 410 23.78 -20.04 -32.40
CA ARG C 410 23.02 -19.24 -33.36
C ARG C 410 23.83 -18.03 -33.82
N TYR C 411 24.32 -17.22 -32.88
CA TYR C 411 24.96 -15.97 -33.27
C TYR C 411 26.36 -16.19 -33.83
N THR C 412 27.07 -17.24 -33.39
CA THR C 412 28.38 -17.52 -33.98
C THR C 412 28.24 -17.87 -35.45
N LYS C 413 27.15 -18.53 -35.82
CA LYS C 413 26.88 -18.79 -37.24
C LYS C 413 26.61 -17.50 -38.00
N LYS C 414 25.77 -16.62 -37.45
CA LYS C 414 25.41 -15.39 -38.14
C LYS C 414 26.66 -14.55 -38.45
N VAL C 415 27.38 -14.14 -37.41
CA VAL C 415 28.53 -13.26 -37.61
C VAL C 415 29.76 -13.89 -36.97
N PRO C 416 30.42 -14.84 -37.66
CA PRO C 416 31.64 -15.43 -37.13
C PRO C 416 32.89 -14.59 -37.34
N GLN C 417 32.81 -13.52 -38.14
CA GLN C 417 33.93 -12.59 -38.22
C GLN C 417 34.17 -11.90 -36.88
N VAL C 418 33.19 -11.92 -35.98
CA VAL C 418 33.34 -11.30 -34.66
C VAL C 418 34.34 -12.10 -33.83
N SER C 419 35.12 -11.38 -33.02
CA SER C 419 36.09 -12.00 -32.13
C SER C 419 35.38 -12.90 -31.12
N THR C 420 36.05 -14.00 -30.77
CA THR C 420 35.44 -14.98 -29.87
C THR C 420 35.00 -14.38 -28.54
N PRO C 421 35.84 -13.65 -27.79
CA PRO C 421 35.37 -13.13 -26.49
C PRO C 421 34.17 -12.20 -26.62
N THR C 422 34.10 -11.41 -27.70
CA THR C 422 32.90 -10.61 -27.92
C THR C 422 31.68 -11.50 -28.08
N LEU C 423 31.81 -12.59 -28.84
CA LEU C 423 30.68 -13.49 -29.06
C LEU C 423 30.28 -14.21 -27.78
N VAL C 424 31.25 -14.69 -27.00
CA VAL C 424 30.93 -15.35 -25.74
C VAL C 424 30.20 -14.37 -24.81
N GLU C 425 30.74 -13.15 -24.70
CA GLU C 425 30.18 -12.17 -23.78
C GLU C 425 28.74 -11.80 -24.16
N VAL C 426 28.51 -11.47 -25.43
CA VAL C 426 27.17 -11.06 -25.83
C VAL C 426 26.17 -12.20 -25.73
N SER C 427 26.59 -13.42 -26.10
CA SER C 427 25.66 -14.55 -26.08
C SER C 427 25.21 -14.87 -24.66
N ARG C 428 26.13 -14.79 -23.70
CA ARG C 428 25.75 -15.05 -22.31
C ARG C 428 24.74 -14.02 -21.82
N ASN C 429 24.97 -12.75 -22.13
CA ASN C 429 24.02 -11.71 -21.75
C ASN C 429 22.68 -11.90 -22.45
N LEU C 430 22.69 -12.30 -23.72
CA LEU C 430 21.44 -12.64 -24.40
C LEU C 430 20.69 -13.71 -23.63
N GLY C 431 21.38 -14.79 -23.25
CA GLY C 431 20.76 -15.81 -22.42
C GLY C 431 20.19 -15.24 -21.13
N LYS C 432 20.89 -14.28 -20.52
CA LYS C 432 20.46 -13.71 -19.25
C LYS C 432 19.12 -12.98 -19.36
N VAL C 433 18.82 -12.42 -20.54
CA VAL C 433 17.52 -11.78 -20.75
C VAL C 433 16.40 -12.79 -20.62
N GLY C 434 16.61 -13.99 -21.16
CA GLY C 434 15.64 -15.06 -20.93
C GLY C 434 15.42 -15.31 -19.44
N SER C 435 16.51 -15.38 -18.68
CA SER C 435 16.41 -15.64 -17.25
C SER C 435 15.56 -14.60 -16.54
N LYS C 436 15.83 -13.33 -16.78
CA LYS C 436 15.24 -12.26 -15.98
C LYS C 436 13.83 -11.88 -16.44
N CYS C 437 13.45 -12.17 -17.68
CA CYS C 437 12.19 -11.65 -18.21
C CYS C 437 11.10 -12.69 -18.40
N CYS C 438 11.44 -13.94 -18.74
CA CYS C 438 10.45 -14.91 -19.20
C CYS C 438 9.35 -15.18 -18.17
N LYS C 439 9.71 -15.14 -16.88
CA LYS C 439 8.72 -15.51 -15.85
C LYS C 439 7.95 -14.28 -15.35
N HIS C 440 8.15 -13.10 -15.93
CA HIS C 440 7.41 -11.90 -15.46
C HIS C 440 5.95 -11.93 -15.93
N PRO C 441 5.05 -11.12 -15.34
CA PRO C 441 3.66 -11.02 -15.82
C PRO C 441 3.61 -10.55 -17.28
N GLU C 442 2.63 -11.01 -18.05
CA GLU C 442 2.58 -10.71 -19.49
C GLU C 442 2.50 -9.21 -19.76
N ALA C 443 1.89 -8.44 -18.85
CA ALA C 443 1.89 -6.99 -18.96
C ALA C 443 3.28 -6.39 -18.74
N LYS C 444 4.30 -7.21 -18.45
CA LYS C 444 5.67 -6.76 -18.33
C LYS C 444 6.66 -7.62 -19.11
N ARG C 445 6.19 -8.64 -19.82
CA ARG C 445 7.10 -9.53 -20.55
C ARG C 445 7.79 -8.81 -21.70
N MET C 446 7.01 -8.29 -22.65
CA MET C 446 7.62 -7.63 -23.79
C MET C 446 8.46 -6.43 -23.36
N PRO C 447 7.96 -5.48 -22.54
CA PRO C 447 8.84 -4.40 -22.05
C PRO C 447 10.17 -4.91 -21.53
N CYS C 448 10.14 -6.01 -20.78
CA CYS C 448 11.37 -6.56 -20.23
C CYS C 448 12.23 -7.20 -21.31
N ALA C 449 11.66 -8.10 -22.11
CA ALA C 449 12.47 -8.95 -22.99
C ALA C 449 13.05 -8.18 -24.17
N GLU C 450 12.26 -7.36 -24.85
CA GLU C 450 12.80 -6.77 -26.07
C GLU C 450 13.64 -5.53 -25.79
N ASP C 451 13.25 -4.73 -24.79
CA ASP C 451 14.08 -3.59 -24.41
C ASP C 451 15.41 -4.04 -23.79
N TYR C 452 15.44 -5.20 -23.13
CA TYR C 452 16.71 -5.73 -22.63
C TYR C 452 17.59 -6.24 -23.77
N LEU C 453 17.00 -6.87 -24.80
CA LEU C 453 17.77 -7.28 -25.96
C LEU C 453 18.43 -6.09 -26.64
N SER C 454 17.72 -4.95 -26.72
CA SER C 454 18.32 -3.74 -27.27
C SER C 454 19.53 -3.33 -26.45
N VAL C 455 19.44 -3.46 -25.12
CA VAL C 455 20.58 -3.10 -24.27
C VAL C 455 21.78 -3.99 -24.58
N VAL C 456 21.55 -5.30 -24.75
CA VAL C 456 22.66 -6.22 -24.97
C VAL C 456 23.27 -5.99 -26.35
N LEU C 457 22.42 -5.78 -27.35
CA LEU C 457 22.94 -5.57 -28.71
C LEU C 457 23.73 -4.27 -28.80
N ASN C 458 23.35 -3.26 -28.01
CA ASN C 458 24.17 -2.04 -27.97
C ASN C 458 25.57 -2.35 -27.48
N GLN C 459 25.70 -3.23 -26.47
CA GLN C 459 27.02 -3.68 -26.06
C GLN C 459 27.80 -4.24 -27.25
N LEU C 460 27.16 -5.11 -28.03
CA LEU C 460 27.80 -5.62 -29.23
C LEU C 460 28.19 -4.49 -30.18
N CYS C 461 27.26 -3.57 -30.46
CA CYS C 461 27.57 -2.47 -31.36
C CYS C 461 28.72 -1.61 -30.86
N VAL C 462 28.77 -1.36 -29.55
CA VAL C 462 29.83 -0.54 -29.00
C VAL C 462 31.17 -1.28 -29.05
N LEU C 463 31.18 -2.56 -28.66
CA LEU C 463 32.41 -3.36 -28.77
C LEU C 463 32.88 -3.42 -30.22
N HIS C 464 31.96 -3.56 -31.16
CA HIS C 464 32.31 -3.76 -32.56
C HIS C 464 32.72 -2.47 -33.24
N GLU C 465 32.09 -1.34 -32.90
CA GLU C 465 32.49 -0.07 -33.53
C GLU C 465 33.96 0.23 -33.25
N LYS C 466 34.47 -0.15 -32.09
CA LYS C 466 35.90 -0.01 -31.81
C LYS C 466 36.73 -0.79 -32.81
N THR C 467 36.58 -2.12 -32.80
CA THR C 467 37.30 -2.98 -33.75
C THR C 467 36.31 -3.61 -34.73
N PRO C 468 36.01 -2.95 -35.85
CA PRO C 468 34.94 -3.45 -36.74
C PRO C 468 35.44 -4.61 -37.60
N VAL C 469 34.64 -5.68 -37.66
CA VAL C 469 35.05 -6.91 -38.32
C VAL C 469 33.93 -7.51 -39.17
N SER C 470 32.74 -6.94 -39.11
CA SER C 470 31.59 -7.50 -39.83
C SER C 470 30.78 -6.36 -40.42
N ASP C 471 30.76 -6.26 -41.76
CA ASP C 471 29.95 -5.26 -42.43
C ASP C 471 28.49 -5.37 -42.03
N ARG C 472 28.00 -6.60 -41.92
CA ARG C 472 26.60 -6.79 -41.57
C ARG C 472 26.31 -6.32 -40.15
N VAL C 473 27.26 -6.49 -39.24
CA VAL C 473 27.06 -5.97 -37.88
C VAL C 473 27.00 -4.45 -37.92
N THR C 474 27.97 -3.83 -38.59
CA THR C 474 27.97 -2.39 -38.80
C THR C 474 26.64 -1.91 -39.39
N LYS C 475 26.07 -2.69 -40.31
CA LYS C 475 24.80 -2.34 -40.93
C LYS C 475 23.64 -2.41 -39.93
N CYS C 476 23.54 -3.51 -39.19
CA CYS C 476 22.45 -3.64 -38.23
C CYS C 476 22.62 -2.65 -37.09
N CYS C 477 23.86 -2.33 -36.74
CA CYS C 477 24.10 -1.42 -35.62
C CYS C 477 23.72 0.02 -35.96
N THR C 478 23.92 0.45 -37.20
CA THR C 478 23.83 1.87 -37.56
C THR C 478 22.60 2.24 -38.40
N GLU C 479 21.93 1.28 -39.02
CA GLU C 479 20.86 1.60 -39.95
C GLU C 479 19.61 2.15 -39.26
N SER C 480 19.25 1.57 -38.12
CA SER C 480 18.09 2.01 -37.35
C SER C 480 18.28 1.59 -35.91
N LEU C 481 18.16 2.56 -34.98
CA LEU C 481 18.27 2.25 -33.56
C LEU C 481 17.19 1.25 -33.15
N VAL C 482 15.91 1.58 -33.40
CA VAL C 482 14.83 0.75 -32.89
C VAL C 482 14.76 -0.59 -33.60
N ASN C 483 15.30 -0.71 -34.81
CA ASN C 483 15.25 -1.97 -35.54
C ASN C 483 16.51 -2.82 -35.41
N ARG C 484 17.42 -2.45 -34.50
CA ARG C 484 18.61 -3.28 -34.29
C ARG C 484 18.23 -4.72 -33.99
N ARG C 485 17.26 -4.94 -33.11
CA ARG C 485 16.92 -6.30 -32.70
C ARG C 485 16.39 -7.11 -33.89
N PRO C 486 15.35 -6.70 -34.61
CA PRO C 486 14.95 -7.49 -35.79
C PRO C 486 16.03 -7.61 -36.84
N CYS C 487 16.85 -6.56 -37.04
CA CYS C 487 17.93 -6.69 -38.01
C CYS C 487 18.88 -7.82 -37.61
N PHE C 488 19.17 -7.94 -36.32
CA PHE C 488 20.04 -9.03 -35.88
C PHE C 488 19.32 -10.38 -35.96
N SER C 489 18.06 -10.44 -35.52
CA SER C 489 17.30 -11.69 -35.61
C SER C 489 17.25 -12.21 -37.03
N ALA C 490 17.06 -11.33 -38.00
CA ALA C 490 16.87 -11.71 -39.39
C ALA C 490 18.17 -11.92 -40.15
N LEU C 491 19.32 -11.68 -39.53
CA LEU C 491 20.58 -11.98 -40.21
C LEU C 491 20.64 -13.46 -40.55
N GLU C 492 21.32 -13.77 -41.65
CA GLU C 492 21.44 -15.14 -42.13
C GLU C 492 22.85 -15.66 -41.89
N VAL C 493 23.03 -16.96 -42.12
CA VAL C 493 24.30 -17.62 -41.86
C VAL C 493 25.36 -17.07 -42.79
N ASP C 494 26.55 -16.84 -42.25
CA ASP C 494 27.64 -16.24 -43.01
C ASP C 494 28.11 -17.17 -44.13
N GLU C 495 28.38 -16.59 -45.29
CA GLU C 495 28.84 -17.35 -46.45
C GLU C 495 30.29 -17.08 -46.80
N THR C 496 30.99 -16.24 -46.04
CA THR C 496 32.29 -15.73 -46.46
C THR C 496 33.42 -16.04 -45.48
N TYR C 497 33.14 -16.62 -44.32
CA TYR C 497 34.18 -16.84 -43.32
C TYR C 497 34.83 -18.21 -43.48
N VAL C 498 36.14 -18.24 -43.34
CA VAL C 498 36.93 -19.47 -43.45
C VAL C 498 36.91 -20.20 -42.11
N PRO C 499 36.83 -21.53 -42.11
CA PRO C 499 36.92 -22.28 -40.85
C PRO C 499 38.23 -22.08 -40.11
N LYS C 500 38.37 -22.68 -38.93
CA LYS C 500 39.54 -22.49 -38.09
C LYS C 500 40.36 -23.78 -38.03
N GLU C 501 41.67 -23.61 -37.83
CA GLU C 501 42.57 -24.75 -37.66
C GLU C 501 42.35 -25.41 -36.30
N PHE C 502 43.06 -26.52 -36.09
CA PHE C 502 42.88 -27.34 -34.90
C PHE C 502 43.85 -26.88 -33.81
N ASN C 503 43.31 -26.56 -32.63
CA ASN C 503 44.08 -26.17 -31.46
C ASN C 503 43.81 -27.17 -30.35
N ALA C 504 44.86 -27.81 -29.86
CA ALA C 504 44.74 -28.77 -28.77
C ALA C 504 44.29 -28.08 -27.48
N LYS C 519 32.39 -21.95 -10.30
CA LYS C 519 32.06 -22.57 -11.59
C LYS C 519 32.44 -21.66 -12.75
N GLU C 520 33.68 -21.18 -12.73
CA GLU C 520 34.25 -20.38 -13.82
C GLU C 520 34.42 -21.18 -15.11
N ARG C 521 34.05 -22.45 -15.10
CA ARG C 521 34.43 -23.38 -16.15
C ARG C 521 33.61 -23.18 -17.43
N GLN C 522 32.37 -22.71 -17.32
CA GLN C 522 31.49 -22.62 -18.48
C GLN C 522 32.05 -21.68 -19.55
N ILE C 523 32.79 -20.65 -19.15
CA ILE C 523 33.26 -19.68 -20.14
C ILE C 523 34.37 -20.26 -21.00
N LYS C 524 35.25 -21.09 -20.42
CA LYS C 524 36.17 -21.86 -21.25
C LYS C 524 35.43 -22.86 -22.11
N LYS C 525 34.35 -23.45 -21.57
CA LYS C 525 33.52 -24.34 -22.36
C LYS C 525 32.79 -23.58 -23.45
N GLN C 526 32.16 -22.45 -23.10
CA GLN C 526 31.51 -21.62 -24.09
C GLN C 526 32.53 -20.97 -25.03
N THR C 527 33.79 -20.87 -24.61
CA THR C 527 34.84 -20.43 -25.52
C THR C 527 35.00 -21.40 -26.67
N ALA C 528 35.22 -22.68 -26.34
CA ALA C 528 35.55 -23.67 -27.37
C ALA C 528 34.36 -23.93 -28.29
N LEU C 529 33.15 -23.98 -27.72
CA LEU C 529 31.95 -24.12 -28.54
C LEU C 529 31.90 -23.05 -29.62
N VAL C 530 32.26 -21.82 -29.27
CA VAL C 530 32.41 -20.77 -30.28
C VAL C 530 33.57 -21.10 -31.21
N GLU C 531 34.66 -21.64 -30.66
CA GLU C 531 35.80 -22.02 -31.49
C GLU C 531 35.50 -23.29 -32.29
N LEU C 532 34.60 -24.13 -31.80
CA LEU C 532 34.16 -25.27 -32.59
C LEU C 532 33.36 -24.83 -33.81
N VAL C 533 32.32 -24.02 -33.59
CA VAL C 533 31.55 -23.47 -34.71
C VAL C 533 32.46 -22.68 -35.65
N LYS C 534 33.48 -22.02 -35.10
CA LYS C 534 34.47 -21.38 -35.95
C LYS C 534 35.37 -22.39 -36.65
N HIS C 535 35.44 -23.61 -36.14
CA HIS C 535 36.23 -24.67 -36.77
C HIS C 535 35.42 -25.36 -37.86
N LYS C 536 34.22 -25.85 -37.52
CA LYS C 536 33.34 -26.48 -38.50
C LYS C 536 32.09 -25.63 -38.68
N PRO C 537 32.15 -24.58 -39.49
CA PRO C 537 31.01 -23.66 -39.59
C PRO C 537 29.78 -24.27 -40.25
N LYS C 538 29.94 -25.29 -41.10
CA LYS C 538 28.81 -25.80 -41.87
C LYS C 538 27.99 -26.85 -41.12
N ALA C 539 28.44 -27.30 -39.95
CA ALA C 539 27.69 -28.28 -39.17
C ALA C 539 26.36 -27.69 -38.71
N THR C 540 25.51 -28.56 -38.18
CA THR C 540 24.31 -28.11 -37.46
C THR C 540 24.36 -28.63 -36.03
N LYS C 541 23.32 -28.26 -35.26
CA LYS C 541 23.35 -28.38 -33.81
C LYS C 541 23.70 -29.78 -33.33
N GLU C 542 23.25 -30.82 -34.05
CA GLU C 542 23.40 -32.19 -33.56
C GLU C 542 24.88 -32.55 -33.37
N GLN C 543 25.73 -32.18 -34.33
CA GLN C 543 27.15 -32.49 -34.21
C GLN C 543 27.80 -31.63 -33.14
N LEU C 544 27.39 -30.36 -33.03
CA LEU C 544 28.02 -29.45 -32.08
C LEU C 544 27.74 -29.89 -30.65
N LYS C 545 26.53 -30.37 -30.37
CA LYS C 545 26.23 -30.89 -29.04
C LYS C 545 27.13 -32.07 -28.70
N ALA C 546 27.43 -32.91 -29.69
CA ALA C 546 28.11 -34.17 -29.42
C ALA C 546 29.57 -33.96 -29.08
N VAL C 547 30.23 -33.01 -29.74
CA VAL C 547 31.67 -32.84 -29.57
C VAL C 547 32.01 -32.41 -28.14
N MET C 548 31.13 -31.62 -27.51
CA MET C 548 31.36 -31.21 -26.12
C MET C 548 30.91 -32.28 -25.13
N ASP C 549 29.94 -33.12 -25.52
CA ASP C 549 29.33 -34.10 -24.63
C ASP C 549 30.34 -34.90 -23.81
#